data_1A17
# 
_entry.id   1A17 
# 
_audit_conform.dict_name       mmcif_pdbx.dic 
_audit_conform.dict_version    5.385 
_audit_conform.dict_location   http://mmcif.pdb.org/dictionaries/ascii/mmcif_pdbx.dic 
# 
loop_
_database_2.database_id 
_database_2.database_code 
_database_2.pdbx_database_accession 
_database_2.pdbx_DOI 
PDB   1A17         pdb_00001a17 10.2210/pdb1a17/pdb 
WWPDB D_1000170265 ?            ?                   
# 
loop_
_pdbx_audit_revision_history.ordinal 
_pdbx_audit_revision_history.data_content_type 
_pdbx_audit_revision_history.major_revision 
_pdbx_audit_revision_history.minor_revision 
_pdbx_audit_revision_history.revision_date 
1 'Structure model' 1 0 1998-04-29 
2 'Structure model' 1 1 2008-03-24 
3 'Structure model' 1 2 2011-07-13 
4 'Structure model' 1 3 2024-02-07 
# 
_pdbx_audit_revision_details.ordinal             1 
_pdbx_audit_revision_details.revision_ordinal    1 
_pdbx_audit_revision_details.data_content_type   'Structure model' 
_pdbx_audit_revision_details.provider            repository 
_pdbx_audit_revision_details.type                'Initial release' 
_pdbx_audit_revision_details.description         ? 
_pdbx_audit_revision_details.details             ? 
# 
loop_
_pdbx_audit_revision_group.ordinal 
_pdbx_audit_revision_group.revision_ordinal 
_pdbx_audit_revision_group.data_content_type 
_pdbx_audit_revision_group.group 
1 2 'Structure model' 'Version format compliance' 
2 3 'Structure model' 'Derived calculations'      
3 3 'Structure model' 'Version format compliance' 
4 4 'Structure model' 'Data collection'           
5 4 'Structure model' 'Database references'       
6 4 'Structure model' 'Derived calculations'      
# 
loop_
_pdbx_audit_revision_category.ordinal 
_pdbx_audit_revision_category.revision_ordinal 
_pdbx_audit_revision_category.data_content_type 
_pdbx_audit_revision_category.category 
1 4 'Structure model' chem_comp_atom 
2 4 'Structure model' chem_comp_bond 
3 4 'Structure model' database_2     
4 4 'Structure model' struct_site    
# 
loop_
_pdbx_audit_revision_item.ordinal 
_pdbx_audit_revision_item.revision_ordinal 
_pdbx_audit_revision_item.data_content_type 
_pdbx_audit_revision_item.item 
1 4 'Structure model' '_database_2.pdbx_DOI'                
2 4 'Structure model' '_database_2.pdbx_database_accession' 
3 4 'Structure model' '_struct_site.pdbx_auth_asym_id'      
4 4 'Structure model' '_struct_site.pdbx_auth_comp_id'      
5 4 'Structure model' '_struct_site.pdbx_auth_seq_id'       
# 
_pdbx_database_status.status_code                     REL 
_pdbx_database_status.entry_id                        1A17 
_pdbx_database_status.recvd_initial_deposition_date   1997-12-23 
_pdbx_database_status.deposit_site                    ? 
_pdbx_database_status.process_site                    BNL 
_pdbx_database_status.status_code_sf                  REL 
_pdbx_database_status.status_code_mr                  ? 
_pdbx_database_status.SG_entry                        ? 
_pdbx_database_status.pdb_format_compatible           Y 
_pdbx_database_status.status_code_cs                  ? 
_pdbx_database_status.status_code_nmr_data            ? 
_pdbx_database_status.methods_development_category    ? 
# 
loop_
_audit_author.name 
_audit_author.pdbx_ordinal 
'Das, A.K.'     1 
'Cohen, P.T.W.' 2 
'Barford, D.'   3 
# 
_citation.id                        primary 
_citation.title                     
;The structure of the tetratricopeptide repeats of protein phosphatase 5: implications for TPR-mediated protein-protein interactions.
;
_citation.journal_abbrev            'EMBO J.' 
_citation.journal_volume            17 
_citation.page_first                1192 
_citation.page_last                 1199 
_citation.year                      1998 
_citation.journal_id_ASTM           EMJODG 
_citation.country                   UK 
_citation.journal_id_ISSN           0261-4189 
_citation.journal_id_CSD            0897 
_citation.book_publisher            ? 
_citation.pdbx_database_id_PubMed   9482716 
_citation.pdbx_database_id_DOI      10.1093/emboj/17.5.1192 
# 
loop_
_citation_author.citation_id 
_citation_author.name 
_citation_author.ordinal 
_citation_author.identifier_ORCID 
primary 'Das, A.K.'   1 ? 
primary 'Cohen, P.W.' 2 ? 
primary 'Barford, D.' 3 ? 
# 
loop_
_entity.id 
_entity.type 
_entity.src_method 
_entity.pdbx_description 
_entity.formula_weight 
_entity.pdbx_number_of_molecules 
_entity.pdbx_ec 
_entity.pdbx_mutation 
_entity.pdbx_fragment 
_entity.details 
1 polymer     man 'SERINE/THREONINE PROTEIN PHOSPHATASE 5' 19060.549 1  3.1.3.16 ? 'PROTEIN INTERACTING DOMAIN' ? 
2 non-polymer syn 'SULFATE ION'                            96.063    2  ?        ? ?                            ? 
3 water       nat water                                    18.015    78 ?        ? ?                            ? 
# 
_entity_name_com.entity_id   1 
_entity_name_com.name        'TETRATRICOPEPTIDE, TRP' 
# 
_entity_poly.entity_id                      1 
_entity_poly.type                           'polypeptide(L)' 
_entity_poly.nstd_linkage                   no 
_entity_poly.nstd_monomer                   no 
_entity_poly.pdbx_seq_one_letter_code       
;RDEPPADGALKRAEELKTQANDYFKAKDYENAIKFYSQAIELNPSNAIYYGNRSLAYLRTECYGYALGDATRAIELDKKY
IKGYYRRAASNMALGKFRAALRDYETVVKVKPHDKDAKMKYQECNKIVKQKAFERAIAGDEHKRSVVDSLDIESMTIEDE
YSGPKL
;
_entity_poly.pdbx_seq_one_letter_code_can   
;RDEPPADGALKRAEELKTQANDYFKAKDYENAIKFYSQAIELNPSNAIYYGNRSLAYLRTECYGYALGDATRAIELDKKY
IKGYYRRAASNMALGKFRAALRDYETVVKVKPHDKDAKMKYQECNKIVKQKAFERAIAGDEHKRSVVDSLDIESMTIEDE
YSGPKL
;
_entity_poly.pdbx_strand_id                 A 
_entity_poly.pdbx_target_identifier         ? 
# 
loop_
_pdbx_entity_nonpoly.entity_id 
_pdbx_entity_nonpoly.name 
_pdbx_entity_nonpoly.comp_id 
2 'SULFATE ION' SO4 
3 water         HOH 
# 
loop_
_entity_poly_seq.entity_id 
_entity_poly_seq.num 
_entity_poly_seq.mon_id 
_entity_poly_seq.hetero 
1 1   ARG n 
1 2   ASP n 
1 3   GLU n 
1 4   PRO n 
1 5   PRO n 
1 6   ALA n 
1 7   ASP n 
1 8   GLY n 
1 9   ALA n 
1 10  LEU n 
1 11  LYS n 
1 12  ARG n 
1 13  ALA n 
1 14  GLU n 
1 15  GLU n 
1 16  LEU n 
1 17  LYS n 
1 18  THR n 
1 19  GLN n 
1 20  ALA n 
1 21  ASN n 
1 22  ASP n 
1 23  TYR n 
1 24  PHE n 
1 25  LYS n 
1 26  ALA n 
1 27  LYS n 
1 28  ASP n 
1 29  TYR n 
1 30  GLU n 
1 31  ASN n 
1 32  ALA n 
1 33  ILE n 
1 34  LYS n 
1 35  PHE n 
1 36  TYR n 
1 37  SER n 
1 38  GLN n 
1 39  ALA n 
1 40  ILE n 
1 41  GLU n 
1 42  LEU n 
1 43  ASN n 
1 44  PRO n 
1 45  SER n 
1 46  ASN n 
1 47  ALA n 
1 48  ILE n 
1 49  TYR n 
1 50  TYR n 
1 51  GLY n 
1 52  ASN n 
1 53  ARG n 
1 54  SER n 
1 55  LEU n 
1 56  ALA n 
1 57  TYR n 
1 58  LEU n 
1 59  ARG n 
1 60  THR n 
1 61  GLU n 
1 62  CYS n 
1 63  TYR n 
1 64  GLY n 
1 65  TYR n 
1 66  ALA n 
1 67  LEU n 
1 68  GLY n 
1 69  ASP n 
1 70  ALA n 
1 71  THR n 
1 72  ARG n 
1 73  ALA n 
1 74  ILE n 
1 75  GLU n 
1 76  LEU n 
1 77  ASP n 
1 78  LYS n 
1 79  LYS n 
1 80  TYR n 
1 81  ILE n 
1 82  LYS n 
1 83  GLY n 
1 84  TYR n 
1 85  TYR n 
1 86  ARG n 
1 87  ARG n 
1 88  ALA n 
1 89  ALA n 
1 90  SER n 
1 91  ASN n 
1 92  MET n 
1 93  ALA n 
1 94  LEU n 
1 95  GLY n 
1 96  LYS n 
1 97  PHE n 
1 98  ARG n 
1 99  ALA n 
1 100 ALA n 
1 101 LEU n 
1 102 ARG n 
1 103 ASP n 
1 104 TYR n 
1 105 GLU n 
1 106 THR n 
1 107 VAL n 
1 108 VAL n 
1 109 LYS n 
1 110 VAL n 
1 111 LYS n 
1 112 PRO n 
1 113 HIS n 
1 114 ASP n 
1 115 LYS n 
1 116 ASP n 
1 117 ALA n 
1 118 LYS n 
1 119 MET n 
1 120 LYS n 
1 121 TYR n 
1 122 GLN n 
1 123 GLU n 
1 124 CYS n 
1 125 ASN n 
1 126 LYS n 
1 127 ILE n 
1 128 VAL n 
1 129 LYS n 
1 130 GLN n 
1 131 LYS n 
1 132 ALA n 
1 133 PHE n 
1 134 GLU n 
1 135 ARG n 
1 136 ALA n 
1 137 ILE n 
1 138 ALA n 
1 139 GLY n 
1 140 ASP n 
1 141 GLU n 
1 142 HIS n 
1 143 LYS n 
1 144 ARG n 
1 145 SER n 
1 146 VAL n 
1 147 VAL n 
1 148 ASP n 
1 149 SER n 
1 150 LEU n 
1 151 ASP n 
1 152 ILE n 
1 153 GLU n 
1 154 SER n 
1 155 MET n 
1 156 THR n 
1 157 ILE n 
1 158 GLU n 
1 159 ASP n 
1 160 GLU n 
1 161 TYR n 
1 162 SER n 
1 163 GLY n 
1 164 PRO n 
1 165 LYS n 
1 166 LEU n 
# 
_entity_src_gen.entity_id                          1 
_entity_src_gen.pdbx_src_id                        1 
_entity_src_gen.pdbx_alt_source_flag               sample 
_entity_src_gen.pdbx_seq_type                      ? 
_entity_src_gen.pdbx_beg_seq_num                   ? 
_entity_src_gen.pdbx_end_seq_num                   ? 
_entity_src_gen.gene_src_common_name               human 
_entity_src_gen.gene_src_genus                     Homo 
_entity_src_gen.pdbx_gene_src_gene                 PPP5 
_entity_src_gen.gene_src_species                   ? 
_entity_src_gen.gene_src_strain                    ? 
_entity_src_gen.gene_src_tissue                    BRAIN 
_entity_src_gen.gene_src_tissue_fraction           ? 
_entity_src_gen.gene_src_details                   ? 
_entity_src_gen.pdbx_gene_src_fragment             ? 
_entity_src_gen.pdbx_gene_src_scientific_name      'Homo sapiens' 
_entity_src_gen.pdbx_gene_src_ncbi_taxonomy_id     9606 
_entity_src_gen.pdbx_gene_src_variant              ? 
_entity_src_gen.pdbx_gene_src_cell_line            ? 
_entity_src_gen.pdbx_gene_src_atcc                 ? 
_entity_src_gen.pdbx_gene_src_organ                ? 
_entity_src_gen.pdbx_gene_src_organelle            ? 
_entity_src_gen.pdbx_gene_src_cell                 ? 
_entity_src_gen.pdbx_gene_src_cellular_location    ? 
_entity_src_gen.host_org_common_name               ? 
_entity_src_gen.pdbx_host_org_scientific_name      'Escherichia coli' 
_entity_src_gen.pdbx_host_org_ncbi_taxonomy_id     562 
_entity_src_gen.host_org_genus                     Escherichia 
_entity_src_gen.pdbx_host_org_gene                 PPP5 
_entity_src_gen.pdbx_host_org_organ                ? 
_entity_src_gen.host_org_species                   ? 
_entity_src_gen.pdbx_host_org_tissue               BRAIN 
_entity_src_gen.pdbx_host_org_tissue_fraction      ? 
_entity_src_gen.pdbx_host_org_strain               PT7.7 
_entity_src_gen.pdbx_host_org_variant              ? 
_entity_src_gen.pdbx_host_org_cell_line            ? 
_entity_src_gen.pdbx_host_org_atcc                 ? 
_entity_src_gen.pdbx_host_org_culture_collection   ? 
_entity_src_gen.pdbx_host_org_cell                 ? 
_entity_src_gen.pdbx_host_org_organelle            ? 
_entity_src_gen.pdbx_host_org_cellular_location    ? 
_entity_src_gen.pdbx_host_org_vector_type          ? 
_entity_src_gen.pdbx_host_org_vector               ? 
_entity_src_gen.host_org_details                   ? 
_entity_src_gen.expression_system_id               ? 
_entity_src_gen.plasmid_name                       PT7.7 
_entity_src_gen.plasmid_details                    ? 
_entity_src_gen.pdbx_description                   ? 
# 
loop_
_chem_comp.id 
_chem_comp.type 
_chem_comp.mon_nstd_flag 
_chem_comp.name 
_chem_comp.pdbx_synonyms 
_chem_comp.formula 
_chem_comp.formula_weight 
ALA 'L-peptide linking' y ALANINE         ? 'C3 H7 N O2'     89.093  
ARG 'L-peptide linking' y ARGININE        ? 'C6 H15 N4 O2 1' 175.209 
ASN 'L-peptide linking' y ASPARAGINE      ? 'C4 H8 N2 O3'    132.118 
ASP 'L-peptide linking' y 'ASPARTIC ACID' ? 'C4 H7 N O4'     133.103 
CYS 'L-peptide linking' y CYSTEINE        ? 'C3 H7 N O2 S'   121.158 
GLN 'L-peptide linking' y GLUTAMINE       ? 'C5 H10 N2 O3'   146.144 
GLU 'L-peptide linking' y 'GLUTAMIC ACID' ? 'C5 H9 N O4'     147.129 
GLY 'peptide linking'   y GLYCINE         ? 'C2 H5 N O2'     75.067  
HIS 'L-peptide linking' y HISTIDINE       ? 'C6 H10 N3 O2 1' 156.162 
HOH non-polymer         . WATER           ? 'H2 O'           18.015  
ILE 'L-peptide linking' y ISOLEUCINE      ? 'C6 H13 N O2'    131.173 
LEU 'L-peptide linking' y LEUCINE         ? 'C6 H13 N O2'    131.173 
LYS 'L-peptide linking' y LYSINE          ? 'C6 H15 N2 O2 1' 147.195 
MET 'L-peptide linking' y METHIONINE      ? 'C5 H11 N O2 S'  149.211 
PHE 'L-peptide linking' y PHENYLALANINE   ? 'C9 H11 N O2'    165.189 
PRO 'L-peptide linking' y PROLINE         ? 'C5 H9 N O2'     115.130 
SER 'L-peptide linking' y SERINE          ? 'C3 H7 N O3'     105.093 
SO4 non-polymer         . 'SULFATE ION'   ? 'O4 S -2'        96.063  
THR 'L-peptide linking' y THREONINE       ? 'C4 H9 N O3'     119.119 
TYR 'L-peptide linking' y TYROSINE        ? 'C9 H11 N O3'    181.189 
VAL 'L-peptide linking' y VALINE          ? 'C5 H11 N O2'    117.146 
# 
loop_
_pdbx_poly_seq_scheme.asym_id 
_pdbx_poly_seq_scheme.entity_id 
_pdbx_poly_seq_scheme.seq_id 
_pdbx_poly_seq_scheme.mon_id 
_pdbx_poly_seq_scheme.ndb_seq_num 
_pdbx_poly_seq_scheme.pdb_seq_num 
_pdbx_poly_seq_scheme.auth_seq_num 
_pdbx_poly_seq_scheme.pdb_mon_id 
_pdbx_poly_seq_scheme.auth_mon_id 
_pdbx_poly_seq_scheme.pdb_strand_id 
_pdbx_poly_seq_scheme.pdb_ins_code 
_pdbx_poly_seq_scheme.hetero 
A 1 1   ARG 1   16  ?   ?   ?   A . n 
A 1 2   ASP 2   17  ?   ?   ?   A . n 
A 1 3   GLU 3   18  ?   ?   ?   A . n 
A 1 4   PRO 4   19  19  PRO PRO A . n 
A 1 5   PRO 5   20  20  PRO PRO A . n 
A 1 6   ALA 6   21  21  ALA ALA A . n 
A 1 7   ASP 7   22  22  ASP ASP A . n 
A 1 8   GLY 8   23  23  GLY GLY A . n 
A 1 9   ALA 9   24  24  ALA ALA A . n 
A 1 10  LEU 10  25  25  LEU LEU A . n 
A 1 11  LYS 11  26  26  LYS LYS A . n 
A 1 12  ARG 12  27  27  ARG ARG A . n 
A 1 13  ALA 13  28  28  ALA ALA A . n 
A 1 14  GLU 14  29  29  GLU GLU A . n 
A 1 15  GLU 15  30  30  GLU GLU A . n 
A 1 16  LEU 16  31  31  LEU LEU A . n 
A 1 17  LYS 17  32  32  LYS LYS A . n 
A 1 18  THR 18  33  33  THR THR A . n 
A 1 19  GLN 19  34  34  GLN GLN A . n 
A 1 20  ALA 20  35  35  ALA ALA A . n 
A 1 21  ASN 21  36  36  ASN ASN A . n 
A 1 22  ASP 22  37  37  ASP ASP A . n 
A 1 23  TYR 23  38  38  TYR TYR A . n 
A 1 24  PHE 24  39  39  PHE PHE A . n 
A 1 25  LYS 25  40  40  LYS LYS A . n 
A 1 26  ALA 26  41  41  ALA ALA A . n 
A 1 27  LYS 27  42  42  LYS LYS A . n 
A 1 28  ASP 28  43  43  ASP ASP A . n 
A 1 29  TYR 29  44  44  TYR TYR A . n 
A 1 30  GLU 30  45  45  GLU GLU A . n 
A 1 31  ASN 31  46  46  ASN ASN A . n 
A 1 32  ALA 32  47  47  ALA ALA A . n 
A 1 33  ILE 33  48  48  ILE ILE A . n 
A 1 34  LYS 34  49  49  LYS LYS A . n 
A 1 35  PHE 35  50  50  PHE PHE A . n 
A 1 36  TYR 36  51  51  TYR TYR A . n 
A 1 37  SER 37  52  52  SER SER A . n 
A 1 38  GLN 38  53  53  GLN GLN A . n 
A 1 39  ALA 39  54  54  ALA ALA A . n 
A 1 40  ILE 40  55  55  ILE ILE A . n 
A 1 41  GLU 41  56  56  GLU GLU A . n 
A 1 42  LEU 42  57  57  LEU LEU A . n 
A 1 43  ASN 43  58  58  ASN ASN A . n 
A 1 44  PRO 44  59  59  PRO PRO A . n 
A 1 45  SER 45  60  60  SER SER A . n 
A 1 46  ASN 46  61  61  ASN ASN A . n 
A 1 47  ALA 47  62  62  ALA ALA A . n 
A 1 48  ILE 48  63  63  ILE ILE A . n 
A 1 49  TYR 49  64  64  TYR TYR A . n 
A 1 50  TYR 50  65  65  TYR TYR A . n 
A 1 51  GLY 51  66  66  GLY GLY A . n 
A 1 52  ASN 52  67  67  ASN ASN A . n 
A 1 53  ARG 53  68  68  ARG ARG A . n 
A 1 54  SER 54  69  69  SER SER A . n 
A 1 55  LEU 55  70  70  LEU LEU A . n 
A 1 56  ALA 56  71  71  ALA ALA A . n 
A 1 57  TYR 57  72  72  TYR TYR A . n 
A 1 58  LEU 58  73  73  LEU LEU A . n 
A 1 59  ARG 59  74  74  ARG ARG A . n 
A 1 60  THR 60  75  75  THR THR A . n 
A 1 61  GLU 61  76  76  GLU GLU A . n 
A 1 62  CYS 62  77  77  CYS CYS A . n 
A 1 63  TYR 63  78  78  TYR TYR A . n 
A 1 64  GLY 64  79  79  GLY GLY A . n 
A 1 65  TYR 65  80  80  TYR TYR A . n 
A 1 66  ALA 66  81  81  ALA ALA A . n 
A 1 67  LEU 67  82  82  LEU LEU A . n 
A 1 68  GLY 68  83  83  GLY GLY A . n 
A 1 69  ASP 69  84  84  ASP ASP A . n 
A 1 70  ALA 70  85  85  ALA ALA A . n 
A 1 71  THR 71  86  86  THR THR A . n 
A 1 72  ARG 72  87  87  ARG ARG A . n 
A 1 73  ALA 73  88  88  ALA ALA A . n 
A 1 74  ILE 74  89  89  ILE ILE A . n 
A 1 75  GLU 75  90  90  GLU GLU A . n 
A 1 76  LEU 76  91  91  LEU LEU A . n 
A 1 77  ASP 77  92  92  ASP ASP A . n 
A 1 78  LYS 78  93  93  LYS LYS A . n 
A 1 79  LYS 79  94  94  LYS LYS A . n 
A 1 80  TYR 80  95  95  TYR TYR A . n 
A 1 81  ILE 81  96  96  ILE ILE A . n 
A 1 82  LYS 82  97  97  LYS LYS A . n 
A 1 83  GLY 83  98  98  GLY GLY A . n 
A 1 84  TYR 84  99  99  TYR TYR A . n 
A 1 85  TYR 85  100 100 TYR TYR A . n 
A 1 86  ARG 86  101 101 ARG ARG A . n 
A 1 87  ARG 87  102 102 ARG ARG A . n 
A 1 88  ALA 88  103 103 ALA ALA A . n 
A 1 89  ALA 89  104 104 ALA ALA A . n 
A 1 90  SER 90  105 105 SER SER A . n 
A 1 91  ASN 91  106 106 ASN ASN A . n 
A 1 92  MET 92  107 107 MET MET A . n 
A 1 93  ALA 93  108 108 ALA ALA A . n 
A 1 94  LEU 94  109 109 LEU LEU A . n 
A 1 95  GLY 95  110 110 GLY GLY A . n 
A 1 96  LYS 96  111 111 LYS LYS A . n 
A 1 97  PHE 97  112 112 PHE PHE A . n 
A 1 98  ARG 98  113 113 ARG ARG A . n 
A 1 99  ALA 99  114 114 ALA ALA A . n 
A 1 100 ALA 100 115 115 ALA ALA A . n 
A 1 101 LEU 101 116 116 LEU LEU A . n 
A 1 102 ARG 102 117 117 ARG ARG A . n 
A 1 103 ASP 103 118 118 ASP ASP A . n 
A 1 104 TYR 104 119 119 TYR TYR A . n 
A 1 105 GLU 105 120 120 GLU GLU A . n 
A 1 106 THR 106 121 121 THR THR A . n 
A 1 107 VAL 107 122 122 VAL VAL A . n 
A 1 108 VAL 108 123 123 VAL VAL A . n 
A 1 109 LYS 109 124 124 LYS LYS A . n 
A 1 110 VAL 110 125 125 VAL VAL A . n 
A 1 111 LYS 111 126 126 LYS LYS A . n 
A 1 112 PRO 112 127 127 PRO PRO A . n 
A 1 113 HIS 113 128 128 HIS HIS A . n 
A 1 114 ASP 114 129 129 ASP ASP A . n 
A 1 115 LYS 115 130 130 LYS LYS A . n 
A 1 116 ASP 116 131 131 ASP ASP A . n 
A 1 117 ALA 117 132 132 ALA ALA A . n 
A 1 118 LYS 118 133 133 LYS LYS A . n 
A 1 119 MET 119 134 134 MET MET A . n 
A 1 120 LYS 120 135 135 LYS LYS A . n 
A 1 121 TYR 121 136 136 TYR TYR A . n 
A 1 122 GLN 122 137 137 GLN GLN A . n 
A 1 123 GLU 123 138 138 GLU GLU A . n 
A 1 124 CYS 124 139 139 CYS CYS A . n 
A 1 125 ASN 125 140 140 ASN ASN A . n 
A 1 126 LYS 126 141 141 LYS LYS A . n 
A 1 127 ILE 127 142 142 ILE ILE A . n 
A 1 128 VAL 128 143 143 VAL VAL A . n 
A 1 129 LYS 129 144 144 LYS LYS A . n 
A 1 130 GLN 130 145 145 GLN GLN A . n 
A 1 131 LYS 131 146 146 LYS LYS A . n 
A 1 132 ALA 132 147 147 ALA ALA A . n 
A 1 133 PHE 133 148 148 PHE PHE A . n 
A 1 134 GLU 134 149 149 GLU GLU A . n 
A 1 135 ARG 135 150 150 ARG ARG A . n 
A 1 136 ALA 136 151 151 ALA ALA A . n 
A 1 137 ILE 137 152 152 ILE ILE A . n 
A 1 138 ALA 138 153 153 ALA ALA A . n 
A 1 139 GLY 139 154 154 GLY GLY A . n 
A 1 140 ASP 140 155 155 ASP ASP A . n 
A 1 141 GLU 141 156 156 GLU GLU A . n 
A 1 142 HIS 142 157 157 HIS HIS A . n 
A 1 143 LYS 143 158 158 LYS LYS A . n 
A 1 144 ARG 144 159 159 ARG ARG A . n 
A 1 145 SER 145 160 160 SER SER A . n 
A 1 146 VAL 146 161 161 VAL VAL A . n 
A 1 147 VAL 147 162 162 VAL VAL A . n 
A 1 148 ASP 148 163 163 ASP ASP A . n 
A 1 149 SER 149 164 164 SER SER A . n 
A 1 150 LEU 150 165 165 LEU LEU A . n 
A 1 151 ASP 151 166 166 ASP ASP A . n 
A 1 152 ILE 152 167 167 ILE ILE A . n 
A 1 153 GLU 153 168 168 GLU GLU A . n 
A 1 154 SER 154 169 169 SER SER A . n 
A 1 155 MET 155 170 170 MET MET A . n 
A 1 156 THR 156 171 171 THR THR A . n 
A 1 157 ILE 157 172 172 ILE ILE A . n 
A 1 158 GLU 158 173 173 GLU GLU A . n 
A 1 159 ASP 159 174 174 ASP ASP A . n 
A 1 160 GLU 160 175 175 GLU GLU A . n 
A 1 161 TYR 161 176 176 TYR TYR A . n 
A 1 162 SER 162 177 177 SER SER A . n 
A 1 163 GLY 163 178 ?   ?   ?   A . n 
A 1 164 PRO 164 179 ?   ?   ?   A . n 
A 1 165 LYS 165 180 ?   ?   ?   A . n 
A 1 166 LEU 166 181 ?   ?   ?   A . n 
# 
loop_
_pdbx_nonpoly_scheme.asym_id 
_pdbx_nonpoly_scheme.entity_id 
_pdbx_nonpoly_scheme.mon_id 
_pdbx_nonpoly_scheme.ndb_seq_num 
_pdbx_nonpoly_scheme.pdb_seq_num 
_pdbx_nonpoly_scheme.auth_seq_num 
_pdbx_nonpoly_scheme.pdb_mon_id 
_pdbx_nonpoly_scheme.auth_mon_id 
_pdbx_nonpoly_scheme.pdb_strand_id 
_pdbx_nonpoly_scheme.pdb_ins_code 
B 2 SO4 1  256 256 SO4 SO4 A . 
C 2 SO4 1  257 257 SO4 SO4 A . 
D 3 HOH 1  258 178 HOH HOH A . 
D 3 HOH 2  259 179 HOH HOH A . 
D 3 HOH 3  260 180 HOH HOH A . 
D 3 HOH 4  261 181 HOH HOH A . 
D 3 HOH 5  262 182 HOH HOH A . 
D 3 HOH 6  263 183 HOH HOH A . 
D 3 HOH 7  264 184 HOH HOH A . 
D 3 HOH 8  265 185 HOH HOH A . 
D 3 HOH 9  266 186 HOH HOH A . 
D 3 HOH 10 267 187 HOH HOH A . 
D 3 HOH 11 268 188 HOH HOH A . 
D 3 HOH 12 269 189 HOH HOH A . 
D 3 HOH 13 270 190 HOH HOH A . 
D 3 HOH 14 271 191 HOH HOH A . 
D 3 HOH 15 272 192 HOH HOH A . 
D 3 HOH 16 273 193 HOH HOH A . 
D 3 HOH 17 274 194 HOH HOH A . 
D 3 HOH 18 275 195 HOH HOH A . 
D 3 HOH 19 276 196 HOH HOH A . 
D 3 HOH 20 277 197 HOH HOH A . 
D 3 HOH 21 278 198 HOH HOH A . 
D 3 HOH 22 279 199 HOH HOH A . 
D 3 HOH 23 280 200 HOH HOH A . 
D 3 HOH 24 281 201 HOH HOH A . 
D 3 HOH 25 282 202 HOH HOH A . 
D 3 HOH 26 283 203 HOH HOH A . 
D 3 HOH 27 284 204 HOH HOH A . 
D 3 HOH 28 285 205 HOH HOH A . 
D 3 HOH 29 286 206 HOH HOH A . 
D 3 HOH 30 287 207 HOH HOH A . 
D 3 HOH 31 288 208 HOH HOH A . 
D 3 HOH 32 289 209 HOH HOH A . 
D 3 HOH 33 290 210 HOH HOH A . 
D 3 HOH 34 291 211 HOH HOH A . 
D 3 HOH 35 292 212 HOH HOH A . 
D 3 HOH 36 293 213 HOH HOH A . 
D 3 HOH 37 294 214 HOH HOH A . 
D 3 HOH 38 295 215 HOH HOH A . 
D 3 HOH 39 296 216 HOH HOH A . 
D 3 HOH 40 297 217 HOH HOH A . 
D 3 HOH 41 298 218 HOH HOH A . 
D 3 HOH 42 299 219 HOH HOH A . 
D 3 HOH 43 300 220 HOH HOH A . 
D 3 HOH 44 301 221 HOH HOH A . 
D 3 HOH 45 302 222 HOH HOH A . 
D 3 HOH 46 303 223 HOH HOH A . 
D 3 HOH 47 304 224 HOH HOH A . 
D 3 HOH 48 305 225 HOH HOH A . 
D 3 HOH 49 306 226 HOH HOH A . 
D 3 HOH 50 307 227 HOH HOH A . 
D 3 HOH 51 308 228 HOH HOH A . 
D 3 HOH 52 309 229 HOH HOH A . 
D 3 HOH 53 310 230 HOH HOH A . 
D 3 HOH 54 311 231 HOH HOH A . 
D 3 HOH 55 312 232 HOH HOH A . 
D 3 HOH 56 313 233 HOH HOH A . 
D 3 HOH 57 314 234 HOH HOH A . 
D 3 HOH 58 315 235 HOH HOH A . 
D 3 HOH 59 316 236 HOH HOH A . 
D 3 HOH 60 317 237 HOH HOH A . 
D 3 HOH 61 318 238 HOH HOH A . 
D 3 HOH 62 319 239 HOH HOH A . 
D 3 HOH 63 320 240 HOH HOH A . 
D 3 HOH 64 321 241 HOH HOH A . 
D 3 HOH 65 322 242 HOH HOH A . 
D 3 HOH 66 323 243 HOH HOH A . 
D 3 HOH 67 324 244 HOH HOH A . 
D 3 HOH 68 325 245 HOH HOH A . 
D 3 HOH 69 326 246 HOH HOH A . 
D 3 HOH 70 327 247 HOH HOH A . 
D 3 HOH 71 328 248 HOH HOH A . 
D 3 HOH 72 329 249 HOH HOH A . 
D 3 HOH 73 330 250 HOH HOH A . 
D 3 HOH 74 331 251 HOH HOH A . 
D 3 HOH 75 332 252 HOH HOH A . 
D 3 HOH 76 333 253 HOH HOH A . 
D 3 HOH 77 334 254 HOH HOH A . 
D 3 HOH 78 335 255 HOH HOH A . 
# 
loop_
_pdbx_unobs_or_zero_occ_atoms.id 
_pdbx_unobs_or_zero_occ_atoms.PDB_model_num 
_pdbx_unobs_or_zero_occ_atoms.polymer_flag 
_pdbx_unobs_or_zero_occ_atoms.occupancy_flag 
_pdbx_unobs_or_zero_occ_atoms.auth_asym_id 
_pdbx_unobs_or_zero_occ_atoms.auth_comp_id 
_pdbx_unobs_or_zero_occ_atoms.auth_seq_id 
_pdbx_unobs_or_zero_occ_atoms.PDB_ins_code 
_pdbx_unobs_or_zero_occ_atoms.auth_atom_id 
_pdbx_unobs_or_zero_occ_atoms.label_alt_id 
_pdbx_unobs_or_zero_occ_atoms.label_asym_id 
_pdbx_unobs_or_zero_occ_atoms.label_comp_id 
_pdbx_unobs_or_zero_occ_atoms.label_seq_id 
_pdbx_unobs_or_zero_occ_atoms.label_atom_id 
1 1 Y 1 A PRO 19 ? CG ? A PRO 4 CG 
2 1 Y 1 A PRO 19 ? CD ? A PRO 4 CD 
# 
loop_
_software.name 
_software.classification 
_software.version 
_software.citation_id 
_software.pdbx_ordinal 
SHARP     phasing          .    ? 1 
X-PLOR    refinement       3.82 ? 2 
DENZO     'data reduction' .    ? 3 
SCALEPACK 'data scaling'   .    ? 4 
# 
_cell.entry_id           1A17 
_cell.length_a           90.060 
_cell.length_b           90.060 
_cell.length_c           104.450 
_cell.angle_alpha        90.00 
_cell.angle_beta         90.00 
_cell.angle_gamma        90.00 
_cell.Z_PDB              16 
_cell.pdbx_unique_axis   ? 
# 
_symmetry.entry_id                         1A17 
_symmetry.space_group_name_H-M             'I 4 2 2' 
_symmetry.pdbx_full_space_group_name_H-M   ? 
_symmetry.cell_setting                     ? 
_symmetry.Int_Tables_number                97 
# 
_exptl.entry_id          1A17 
_exptl.method            'X-RAY DIFFRACTION' 
_exptl.crystals_number   1 
# 
_exptl_crystal.id                    1 
_exptl_crystal.density_meas          ? 
_exptl_crystal.density_Matthews      2.94 
_exptl_crystal.density_percent_sol   58. 
_exptl_crystal.description           ? 
# 
_exptl_crystal_grow.crystal_id      1 
_exptl_crystal_grow.method          ? 
_exptl_crystal_grow.temp            ? 
_exptl_crystal_grow.temp_details    ? 
_exptl_crystal_grow.pH              7.5 
_exptl_crystal_grow.pdbx_pH_range   ? 
_exptl_crystal_grow.pdbx_details    '1.8 M AMMONIUM SULFATE, 4% MPD, 100 MM HEPES PH 7.5, 2 MM DTT' 
# 
_diffrn.id                     1 
_diffrn.ambient_temp           100 
_diffrn.ambient_temp_details   ? 
_diffrn.crystal_id             1 
# 
_diffrn_detector.diffrn_id              1 
_diffrn_detector.detector               'IMAGE PLATE' 
_diffrn_detector.type                   MARRESEARCH 
_diffrn_detector.pdbx_collection_date   1997-09 
_diffrn_detector.details                MIRRORS 
# 
_diffrn_radiation.diffrn_id                        1 
_diffrn_radiation.wavelength_id                    1 
_diffrn_radiation.pdbx_monochromatic_or_laue_m_l   M 
_diffrn_radiation.monochromator                    'DOUBLE CRYSTAL SI(111)' 
_diffrn_radiation.pdbx_diffrn_protocol             ? 
_diffrn_radiation.pdbx_scattering_type             x-ray 
# 
_diffrn_radiation_wavelength.id           1 
_diffrn_radiation_wavelength.wavelength   0.87 
_diffrn_radiation_wavelength.wt           1.0 
# 
_diffrn_source.diffrn_id                   1 
_diffrn_source.source                      SYNCHROTRON 
_diffrn_source.type                        'SRS BEAMLINE PX9.6' 
_diffrn_source.pdbx_synchrotron_site       SRS 
_diffrn_source.pdbx_synchrotron_beamline   PX9.6 
_diffrn_source.pdbx_wavelength             0.87 
_diffrn_source.pdbx_wavelength_list        ? 
# 
_reflns.entry_id                     1A17 
_reflns.observed_criterion_sigma_I   2. 
_reflns.observed_criterion_sigma_F   ? 
_reflns.d_resolution_low             15.0 
_reflns.d_resolution_high            2.45 
_reflns.number_obs                   7832 
_reflns.number_all                   ? 
_reflns.percent_possible_obs         96.8 
_reflns.pdbx_Rmerge_I_obs            0.0730000 
_reflns.pdbx_Rsym_value              0.0730000 
_reflns.pdbx_netI_over_sigmaI        24.4 
_reflns.B_iso_Wilson_estimate        ? 
_reflns.pdbx_redundancy              2.9 
_reflns.pdbx_ordinal                 1 
_reflns.pdbx_diffrn_id               1 
# 
_reflns_shell.d_res_high             2.45 
_reflns_shell.d_res_low              2.54 
_reflns_shell.percent_possible_all   97.6 
_reflns_shell.Rmerge_I_obs           0.1330000 
_reflns_shell.pdbx_Rsym_value        0.1330000 
_reflns_shell.meanI_over_sigI_obs    3. 
_reflns_shell.pdbx_redundancy        2.9 
_reflns_shell.pdbx_ordinal           1 
_reflns_shell.pdbx_diffrn_id         1 
# 
_refine.entry_id                                 1A17 
_refine.ls_number_reflns_obs                     7796 
_refine.ls_number_reflns_all                     ? 
_refine.pdbx_ls_sigma_I                          ? 
_refine.pdbx_ls_sigma_F                          2.0 
_refine.pdbx_data_cutoff_high_absF               10000000.00 
_refine.pdbx_data_cutoff_low_absF                0.001 
_refine.pdbx_data_cutoff_high_rms_absF           ? 
_refine.ls_d_res_low                             20. 
_refine.ls_d_res_high                            2.45 
_refine.ls_percent_reflns_obs                    96.3 
_refine.ls_R_factor_obs                          0.2010000 
_refine.ls_R_factor_all                          ? 
_refine.ls_R_factor_R_work                       0.2010000 
_refine.ls_R_factor_R_free                       0.2980000 
_refine.ls_R_factor_R_free_error                 0.010 
_refine.ls_R_factor_R_free_error_details         ? 
_refine.ls_percent_reflns_R_free                 13.4 
_refine.ls_number_reflns_R_free                  1045 
_refine.ls_number_parameters                     ? 
_refine.ls_number_restraints                     ? 
_refine.occupancy_min                            ? 
_refine.occupancy_max                            ? 
_refine.B_iso_mean                               ? 
_refine.aniso_B[1][1]                            ? 
_refine.aniso_B[2][2]                            ? 
_refine.aniso_B[3][3]                            ? 
_refine.aniso_B[1][2]                            ? 
_refine.aniso_B[1][3]                            ? 
_refine.aniso_B[2][3]                            ? 
_refine.solvent_model_details                    ? 
_refine.solvent_model_param_ksol                 ? 
_refine.solvent_model_param_bsol                 ? 
_refine.pdbx_ls_cross_valid_method               THROUGHOUT 
_refine.details                                  ? 
_refine.pdbx_starting_model                      ? 
_refine.pdbx_method_to_determine_struct          MIRAS 
_refine.pdbx_isotropic_thermal_model             ? 
_refine.pdbx_stereochemistry_target_values       ? 
_refine.pdbx_stereochem_target_val_spec_case     ? 
_refine.pdbx_R_Free_selection_details            RANDOM 
_refine.pdbx_overall_ESU_R                       ? 
_refine.pdbx_overall_ESU_R_Free                  ? 
_refine.overall_SU_ML                            ? 
_refine.overall_SU_B                             ? 
_refine.pdbx_refine_id                           'X-RAY DIFFRACTION' 
_refine.pdbx_diffrn_id                           1 
_refine.pdbx_TLS_residual_ADP_flag               ? 
_refine.correlation_coeff_Fo_to_Fc               ? 
_refine.correlation_coeff_Fo_to_Fc_free          ? 
_refine.pdbx_solvent_vdw_probe_radii             ? 
_refine.pdbx_solvent_ion_probe_radii             ? 
_refine.pdbx_solvent_shrinkage_radii             ? 
_refine.pdbx_overall_phase_error                 ? 
_refine.overall_SU_R_Cruickshank_DPI             ? 
_refine.pdbx_overall_SU_R_free_Cruickshank_DPI   ? 
_refine.pdbx_overall_SU_R_Blow_DPI               ? 
_refine.pdbx_overall_SU_R_free_Blow_DPI          ? 
# 
_refine_hist.pdbx_refine_id                   'X-RAY DIFFRACTION' 
_refine_hist.cycle_id                         LAST 
_refine_hist.pdbx_number_atoms_protein        1281 
_refine_hist.pdbx_number_atoms_nucleic_acid   0 
_refine_hist.pdbx_number_atoms_ligand         10 
_refine_hist.number_atoms_solvent             78 
_refine_hist.number_atoms_total               1369 
_refine_hist.d_res_high                       2.45 
_refine_hist.d_res_low                        20. 
# 
loop_
_pdbx_xplor_file.serial_no 
_pdbx_xplor_file.param_file 
_pdbx_xplor_file.topol_file 
_pdbx_xplor_file.pdbx_refine_id 
1 PARHCSDX.PRO   TOPHCSDX.PRO 'X-RAY DIFFRACTION' 
2 PARAM11.WAT    TOPH.WATER   'X-RAY DIFFRACTION' 
3 PARAM.SULPHATE TOP.SULPHATE 'X-RAY DIFFRACTION' 
4 PARAM.SULPHATE TOP.SULPHATE 'X-RAY DIFFRACTION' 
# 
_struct.entry_id                  1A17 
_struct.title                     'TETRATRICOPEPTIDE REPEATS OF PROTEIN PHOSPHATASE 5' 
_struct.pdbx_model_details        ? 
_struct.pdbx_CASP_flag            ? 
_struct.pdbx_model_type_details   ? 
# 
_struct_keywords.entry_id        1A17 
_struct_keywords.pdbx_keywords   HYDROLASE 
_struct_keywords.text            'HYDROLASE, PHOSPHATASE, PROTEIN-PROTEIN INTERACTIONS, TPR, SUPER-HELIX' 
# 
loop_
_struct_asym.id 
_struct_asym.pdbx_blank_PDB_chainid_flag 
_struct_asym.pdbx_modified 
_struct_asym.entity_id 
_struct_asym.details 
A N N 1 ? 
B N N 2 ? 
C N N 2 ? 
D N N 3 ? 
# 
_struct_ref.id                         1 
_struct_ref.db_name                    UNP 
_struct_ref.db_code                    PPP5_HUMAN 
_struct_ref.entity_id                  1 
_struct_ref.pdbx_db_accession          P53041 
_struct_ref.pdbx_align_begin           1 
_struct_ref.pdbx_seq_one_letter_code   
;MAMAEGERTECAEPPRDEPPADGALKRAEELKTQANDYFKAKDYENAIKFYSQAIELNPSNAIYYGNRSLAYLRTECYGY
ALGDATRAIELDKKYIKGYYRRAASNMALGKFRAALRDYETVVKVKPHDKDAKMKYQECNKIVKQKAFERAIAGDEHKRS
VVDSLDIESMTIEDEYSGPKLEDGKVTISFMKELMQWYKDQKKLHRKCAYQILVQVKEVLSKLSTLVETTLKETEKITVC
GDTHGQFYDLLNIFELNGLPSETNPYIFNGDFVDRGSFSVEVILTLFGFKLLYPDHFHLLRGNHETDNMNQIYGFEGEVK
AKYTAQMYELFSEVFEWLPLAQCINGKVLIMHGGLFSEDGVTLDDIRKIERNRQPPDSGPMCDLLWSDPQPQNGRSISKR
GVSCQFGPDVTKAFLEENNLDYIIRSHEVKAEGYEVAHGGRCVTVFSAPNYCDQMGNKASYIHLQGSDLRPQFHQFTAVP
HPNVKPMAYANTLLQLGMM
;
_struct_ref.pdbx_db_isoform            ? 
# 
_struct_ref_seq.align_id                      1 
_struct_ref_seq.ref_id                        1 
_struct_ref_seq.pdbx_PDB_id_code              1A17 
_struct_ref_seq.pdbx_strand_id                A 
_struct_ref_seq.seq_align_beg                 1 
_struct_ref_seq.pdbx_seq_align_beg_ins_code   ? 
_struct_ref_seq.seq_align_end                 166 
_struct_ref_seq.pdbx_seq_align_end_ins_code   ? 
_struct_ref_seq.pdbx_db_accession             P53041 
_struct_ref_seq.db_align_beg                  16 
_struct_ref_seq.pdbx_db_align_beg_ins_code    ? 
_struct_ref_seq.db_align_end                  181 
_struct_ref_seq.pdbx_db_align_end_ins_code    ? 
_struct_ref_seq.pdbx_auth_seq_align_beg       16 
_struct_ref_seq.pdbx_auth_seq_align_end       181 
# 
loop_
_pdbx_struct_assembly.id 
_pdbx_struct_assembly.details 
_pdbx_struct_assembly.method_details 
_pdbx_struct_assembly.oligomeric_details 
_pdbx_struct_assembly.oligomeric_count 
1 author_and_software_defined_assembly PQS  tetrameric 4 
2 software_defined_assembly            PISA dimeric    2 
# 
loop_
_pdbx_struct_assembly_prop.biol_id 
_pdbx_struct_assembly_prop.type 
_pdbx_struct_assembly_prop.value 
_pdbx_struct_assembly_prop.details 
2 'ABSA (A^2)' 5090  ? 
2 MORE         -87   ? 
2 'SSA (A^2)'  16780 ? 
# 
loop_
_pdbx_struct_assembly_gen.assembly_id 
_pdbx_struct_assembly_gen.oper_expression 
_pdbx_struct_assembly_gen.asym_id_list 
1 1,2,3,4 A,B,C,D 
2 1,3     A,B,C,D 
# 
loop_
_pdbx_struct_oper_list.id 
_pdbx_struct_oper_list.type 
_pdbx_struct_oper_list.name 
_pdbx_struct_oper_list.symmetry_operation 
_pdbx_struct_oper_list.matrix[1][1] 
_pdbx_struct_oper_list.matrix[1][2] 
_pdbx_struct_oper_list.matrix[1][3] 
_pdbx_struct_oper_list.vector[1] 
_pdbx_struct_oper_list.matrix[2][1] 
_pdbx_struct_oper_list.matrix[2][2] 
_pdbx_struct_oper_list.matrix[2][3] 
_pdbx_struct_oper_list.vector[2] 
_pdbx_struct_oper_list.matrix[3][1] 
_pdbx_struct_oper_list.matrix[3][2] 
_pdbx_struct_oper_list.matrix[3][3] 
_pdbx_struct_oper_list.vector[3] 
1 'identity operation'         1_555  x,y,z                1.0000000000  0.0000000000  0.0000000000  0.0000000000  0.0000000000  1.0000000000  0.0000000000  0.0000000000  0.0000000000  0.0000000000  1.0000000000  0.0000000000  
2 'crystal symmetry operation' 2_765  -x+2,-y+1,z          -0.6802007764 -0.6763604148 -0.2826012969 32.7099347569 -0.6763604148 0.4304706735  0.5976885381  19.4722638377 -0.2826012969 0.5976885381  -0.7502698970 -9.5882670675 
3 'crystal symmetry operation' 15_545 y+1/2,x-1/2,-z+1/2   -0.5659030632 -0.1346122709 0.8134084211  24.1891851063 -0.1346122709 -0.9582571035 -0.2522357231 34.0830663292 0.8134084211  -0.2522357231 0.5241601667  -7.2687373842 
4 'crystal symmetry operation' 16_665 -y+3/2,-x+3/2,-z+1/2 0.2461038396  0.8109726857  -0.5308071242 -4.7418500021 0.8109726857  -0.4722135700 -0.3454528149 13.4389760623 -0.5308071242 -0.3454528149 -0.7738902697 9.4004107867 
# 
_struct_biol.id   1 
# 
loop_
_struct_conf.conf_type_id 
_struct_conf.id 
_struct_conf.pdbx_PDB_helix_id 
_struct_conf.beg_label_comp_id 
_struct_conf.beg_label_asym_id 
_struct_conf.beg_label_seq_id 
_struct_conf.pdbx_beg_PDB_ins_code 
_struct_conf.end_label_comp_id 
_struct_conf.end_label_asym_id 
_struct_conf.end_label_seq_id 
_struct_conf.pdbx_end_PDB_ins_code 
_struct_conf.beg_auth_comp_id 
_struct_conf.beg_auth_asym_id 
_struct_conf.beg_auth_seq_id 
_struct_conf.end_auth_comp_id 
_struct_conf.end_auth_asym_id 
_struct_conf.end_auth_seq_id 
_struct_conf.pdbx_PDB_helix_class 
_struct_conf.details 
_struct_conf.pdbx_PDB_helix_length 
HELX_P HELX_P1 1 ASP A 7   ? LYS A 25  ? ASP A 22  LYS A 40  1 ? 19 
HELX_P HELX_P2 2 TYR A 29  ? LEU A 42  ? TYR A 44  LEU A 57  1 ? 14 
HELX_P HELX_P3 3 ALA A 47  ? ARG A 59  ? ALA A 62  ARG A 74  1 ? 13 
HELX_P HELX_P4 4 TYR A 63  ? LEU A 76  ? TYR A 78  LEU A 91  1 ? 14 
HELX_P HELX_P5 5 ILE A 81  ? ALA A 93  ? ILE A 96  ALA A 108 1 ? 13 
HELX_P HELX_P6 6 PHE A 97  ? VAL A 110 ? PHE A 112 VAL A 125 1 ? 14 
HELX_P HELX_P7 7 LYS A 115 ? SER A 149 ? LYS A 130 SER A 164 1 ? 35 
# 
_struct_conf_type.id          HELX_P 
_struct_conf_type.criteria    ? 
_struct_conf_type.reference   ? 
# 
_struct_mon_prot_cis.pdbx_id                1 
_struct_mon_prot_cis.label_comp_id          PRO 
_struct_mon_prot_cis.label_seq_id           4 
_struct_mon_prot_cis.label_asym_id          A 
_struct_mon_prot_cis.label_alt_id           . 
_struct_mon_prot_cis.pdbx_PDB_ins_code      ? 
_struct_mon_prot_cis.auth_comp_id           PRO 
_struct_mon_prot_cis.auth_seq_id            19 
_struct_mon_prot_cis.auth_asym_id           A 
_struct_mon_prot_cis.pdbx_label_comp_id_2   PRO 
_struct_mon_prot_cis.pdbx_label_seq_id_2    5 
_struct_mon_prot_cis.pdbx_label_asym_id_2   A 
_struct_mon_prot_cis.pdbx_PDB_ins_code_2    ? 
_struct_mon_prot_cis.pdbx_auth_comp_id_2    PRO 
_struct_mon_prot_cis.pdbx_auth_seq_id_2     20 
_struct_mon_prot_cis.pdbx_auth_asym_id_2    A 
_struct_mon_prot_cis.pdbx_PDB_model_num     1 
_struct_mon_prot_cis.pdbx_omega_angle       0.03 
# 
loop_
_struct_site.id 
_struct_site.pdbx_evidence_code 
_struct_site.pdbx_auth_asym_id 
_struct_site.pdbx_auth_comp_id 
_struct_site.pdbx_auth_seq_id 
_struct_site.pdbx_auth_ins_code 
_struct_site.pdbx_num_residues 
_struct_site.details 
AC1 Software A SO4 256 ? 9 'BINDING SITE FOR RESIDUE SO4 A 256' 
AC2 Software A SO4 257 ? 7 'BINDING SITE FOR RESIDUE SO4 A 257' 
# 
loop_
_struct_site_gen.id 
_struct_site_gen.site_id 
_struct_site_gen.pdbx_num_res 
_struct_site_gen.label_comp_id 
_struct_site_gen.label_asym_id 
_struct_site_gen.label_seq_id 
_struct_site_gen.pdbx_auth_ins_code 
_struct_site_gen.auth_comp_id 
_struct_site_gen.auth_asym_id 
_struct_site_gen.auth_seq_id 
_struct_site_gen.label_atom_id 
_struct_site_gen.label_alt_id 
_struct_site_gen.symmetry 
_struct_site_gen.details 
1  AC1 9 LYS A 82  ? LYS A 97  . ? 1_555  ? 
2  AC1 9 TYR A 85  ? TYR A 100 . ? 1_555  ? 
3  AC1 9 ARG A 86  ? ARG A 101 . ? 1_555  ? 
4  AC1 9 MET A 155 ? MET A 170 . ? 15_545 ? 
5  AC1 9 THR A 156 ? THR A 171 . ? 15_545 ? 
6  AC1 9 HOH D .   ? HOH A 268 . ? 15_545 ? 
7  AC1 9 HOH D .   ? HOH A 281 . ? 1_555  ? 
8  AC1 9 HOH D .   ? HOH A 301 . ? 1_555  ? 
9  AC1 9 HOH D .   ? HOH A 308 . ? 15_545 ? 
10 AC2 7 LYS A 96  ? LYS A 111 . ? 1_555  ? 
11 AC2 7 PHE A 97  ? PHE A 112 . ? 1_555  ? 
12 AC2 7 ARG A 98  ? ARG A 113 . ? 1_555  ? 
13 AC2 7 ALA A 99  ? ALA A 114 . ? 1_555  ? 
14 AC2 7 HOH D .   ? HOH A 302 . ? 1_555  ? 
15 AC2 7 HOH D .   ? HOH A 303 . ? 16_665 ? 
16 AC2 7 HOH D .   ? HOH A 320 . ? 1_555  ? 
# 
_pdbx_validate_rmsd_angle.id                         1 
_pdbx_validate_rmsd_angle.PDB_model_num              1 
_pdbx_validate_rmsd_angle.auth_atom_id_1             N 
_pdbx_validate_rmsd_angle.auth_asym_id_1             A 
_pdbx_validate_rmsd_angle.auth_comp_id_1             PRO 
_pdbx_validate_rmsd_angle.auth_seq_id_1              19 
_pdbx_validate_rmsd_angle.PDB_ins_code_1             ? 
_pdbx_validate_rmsd_angle.label_alt_id_1             ? 
_pdbx_validate_rmsd_angle.auth_atom_id_2             CA 
_pdbx_validate_rmsd_angle.auth_asym_id_2             A 
_pdbx_validate_rmsd_angle.auth_comp_id_2             PRO 
_pdbx_validate_rmsd_angle.auth_seq_id_2              19 
_pdbx_validate_rmsd_angle.PDB_ins_code_2             ? 
_pdbx_validate_rmsd_angle.label_alt_id_2             ? 
_pdbx_validate_rmsd_angle.auth_atom_id_3             CB 
_pdbx_validate_rmsd_angle.auth_asym_id_3             A 
_pdbx_validate_rmsd_angle.auth_comp_id_3             PRO 
_pdbx_validate_rmsd_angle.auth_seq_id_3              19 
_pdbx_validate_rmsd_angle.PDB_ins_code_3             ? 
_pdbx_validate_rmsd_angle.label_alt_id_3             ? 
_pdbx_validate_rmsd_angle.angle_value                110.62 
_pdbx_validate_rmsd_angle.angle_target_value         103.30 
_pdbx_validate_rmsd_angle.angle_deviation            7.32 
_pdbx_validate_rmsd_angle.angle_standard_deviation   1.20 
_pdbx_validate_rmsd_angle.linker_flag                N 
# 
loop_
_pdbx_validate_torsion.id 
_pdbx_validate_torsion.PDB_model_num 
_pdbx_validate_torsion.auth_comp_id 
_pdbx_validate_torsion.auth_asym_id 
_pdbx_validate_torsion.auth_seq_id 
_pdbx_validate_torsion.PDB_ins_code 
_pdbx_validate_torsion.label_alt_id 
_pdbx_validate_torsion.phi 
_pdbx_validate_torsion.psi 
1 1 PRO A 59  ? ? -61.35  3.07  
2 1 LYS A 126 ? ? -115.57 69.79 
# 
loop_
_pdbx_unobs_or_zero_occ_residues.id 
_pdbx_unobs_or_zero_occ_residues.PDB_model_num 
_pdbx_unobs_or_zero_occ_residues.polymer_flag 
_pdbx_unobs_or_zero_occ_residues.occupancy_flag 
_pdbx_unobs_or_zero_occ_residues.auth_asym_id 
_pdbx_unobs_or_zero_occ_residues.auth_comp_id 
_pdbx_unobs_or_zero_occ_residues.auth_seq_id 
_pdbx_unobs_or_zero_occ_residues.PDB_ins_code 
_pdbx_unobs_or_zero_occ_residues.label_asym_id 
_pdbx_unobs_or_zero_occ_residues.label_comp_id 
_pdbx_unobs_or_zero_occ_residues.label_seq_id 
1 1 Y 1 A ARG 16  ? A ARG 1   
2 1 Y 1 A ASP 17  ? A ASP 2   
3 1 Y 1 A GLU 18  ? A GLU 3   
4 1 Y 1 A GLY 178 ? A GLY 163 
5 1 Y 1 A PRO 179 ? A PRO 164 
6 1 Y 1 A LYS 180 ? A LYS 165 
7 1 Y 1 A LEU 181 ? A LEU 166 
# 
loop_
_chem_comp_atom.comp_id 
_chem_comp_atom.atom_id 
_chem_comp_atom.type_symbol 
_chem_comp_atom.pdbx_aromatic_flag 
_chem_comp_atom.pdbx_stereo_config 
_chem_comp_atom.pdbx_ordinal 
ALA N    N N N 1   
ALA CA   C N S 2   
ALA C    C N N 3   
ALA O    O N N 4   
ALA CB   C N N 5   
ALA OXT  O N N 6   
ALA H    H N N 7   
ALA H2   H N N 8   
ALA HA   H N N 9   
ALA HB1  H N N 10  
ALA HB2  H N N 11  
ALA HB3  H N N 12  
ALA HXT  H N N 13  
ARG N    N N N 14  
ARG CA   C N S 15  
ARG C    C N N 16  
ARG O    O N N 17  
ARG CB   C N N 18  
ARG CG   C N N 19  
ARG CD   C N N 20  
ARG NE   N N N 21  
ARG CZ   C N N 22  
ARG NH1  N N N 23  
ARG NH2  N N N 24  
ARG OXT  O N N 25  
ARG H    H N N 26  
ARG H2   H N N 27  
ARG HA   H N N 28  
ARG HB2  H N N 29  
ARG HB3  H N N 30  
ARG HG2  H N N 31  
ARG HG3  H N N 32  
ARG HD2  H N N 33  
ARG HD3  H N N 34  
ARG HE   H N N 35  
ARG HH11 H N N 36  
ARG HH12 H N N 37  
ARG HH21 H N N 38  
ARG HH22 H N N 39  
ARG HXT  H N N 40  
ASN N    N N N 41  
ASN CA   C N S 42  
ASN C    C N N 43  
ASN O    O N N 44  
ASN CB   C N N 45  
ASN CG   C N N 46  
ASN OD1  O N N 47  
ASN ND2  N N N 48  
ASN OXT  O N N 49  
ASN H    H N N 50  
ASN H2   H N N 51  
ASN HA   H N N 52  
ASN HB2  H N N 53  
ASN HB3  H N N 54  
ASN HD21 H N N 55  
ASN HD22 H N N 56  
ASN HXT  H N N 57  
ASP N    N N N 58  
ASP CA   C N S 59  
ASP C    C N N 60  
ASP O    O N N 61  
ASP CB   C N N 62  
ASP CG   C N N 63  
ASP OD1  O N N 64  
ASP OD2  O N N 65  
ASP OXT  O N N 66  
ASP H    H N N 67  
ASP H2   H N N 68  
ASP HA   H N N 69  
ASP HB2  H N N 70  
ASP HB3  H N N 71  
ASP HD2  H N N 72  
ASP HXT  H N N 73  
CYS N    N N N 74  
CYS CA   C N R 75  
CYS C    C N N 76  
CYS O    O N N 77  
CYS CB   C N N 78  
CYS SG   S N N 79  
CYS OXT  O N N 80  
CYS H    H N N 81  
CYS H2   H N N 82  
CYS HA   H N N 83  
CYS HB2  H N N 84  
CYS HB3  H N N 85  
CYS HG   H N N 86  
CYS HXT  H N N 87  
GLN N    N N N 88  
GLN CA   C N S 89  
GLN C    C N N 90  
GLN O    O N N 91  
GLN CB   C N N 92  
GLN CG   C N N 93  
GLN CD   C N N 94  
GLN OE1  O N N 95  
GLN NE2  N N N 96  
GLN OXT  O N N 97  
GLN H    H N N 98  
GLN H2   H N N 99  
GLN HA   H N N 100 
GLN HB2  H N N 101 
GLN HB3  H N N 102 
GLN HG2  H N N 103 
GLN HG3  H N N 104 
GLN HE21 H N N 105 
GLN HE22 H N N 106 
GLN HXT  H N N 107 
GLU N    N N N 108 
GLU CA   C N S 109 
GLU C    C N N 110 
GLU O    O N N 111 
GLU CB   C N N 112 
GLU CG   C N N 113 
GLU CD   C N N 114 
GLU OE1  O N N 115 
GLU OE2  O N N 116 
GLU OXT  O N N 117 
GLU H    H N N 118 
GLU H2   H N N 119 
GLU HA   H N N 120 
GLU HB2  H N N 121 
GLU HB3  H N N 122 
GLU HG2  H N N 123 
GLU HG3  H N N 124 
GLU HE2  H N N 125 
GLU HXT  H N N 126 
GLY N    N N N 127 
GLY CA   C N N 128 
GLY C    C N N 129 
GLY O    O N N 130 
GLY OXT  O N N 131 
GLY H    H N N 132 
GLY H2   H N N 133 
GLY HA2  H N N 134 
GLY HA3  H N N 135 
GLY HXT  H N N 136 
HIS N    N N N 137 
HIS CA   C N S 138 
HIS C    C N N 139 
HIS O    O N N 140 
HIS CB   C N N 141 
HIS CG   C Y N 142 
HIS ND1  N Y N 143 
HIS CD2  C Y N 144 
HIS CE1  C Y N 145 
HIS NE2  N Y N 146 
HIS OXT  O N N 147 
HIS H    H N N 148 
HIS H2   H N N 149 
HIS HA   H N N 150 
HIS HB2  H N N 151 
HIS HB3  H N N 152 
HIS HD1  H N N 153 
HIS HD2  H N N 154 
HIS HE1  H N N 155 
HIS HE2  H N N 156 
HIS HXT  H N N 157 
HOH O    O N N 158 
HOH H1   H N N 159 
HOH H2   H N N 160 
ILE N    N N N 161 
ILE CA   C N S 162 
ILE C    C N N 163 
ILE O    O N N 164 
ILE CB   C N S 165 
ILE CG1  C N N 166 
ILE CG2  C N N 167 
ILE CD1  C N N 168 
ILE OXT  O N N 169 
ILE H    H N N 170 
ILE H2   H N N 171 
ILE HA   H N N 172 
ILE HB   H N N 173 
ILE HG12 H N N 174 
ILE HG13 H N N 175 
ILE HG21 H N N 176 
ILE HG22 H N N 177 
ILE HG23 H N N 178 
ILE HD11 H N N 179 
ILE HD12 H N N 180 
ILE HD13 H N N 181 
ILE HXT  H N N 182 
LEU N    N N N 183 
LEU CA   C N S 184 
LEU C    C N N 185 
LEU O    O N N 186 
LEU CB   C N N 187 
LEU CG   C N N 188 
LEU CD1  C N N 189 
LEU CD2  C N N 190 
LEU OXT  O N N 191 
LEU H    H N N 192 
LEU H2   H N N 193 
LEU HA   H N N 194 
LEU HB2  H N N 195 
LEU HB3  H N N 196 
LEU HG   H N N 197 
LEU HD11 H N N 198 
LEU HD12 H N N 199 
LEU HD13 H N N 200 
LEU HD21 H N N 201 
LEU HD22 H N N 202 
LEU HD23 H N N 203 
LEU HXT  H N N 204 
LYS N    N N N 205 
LYS CA   C N S 206 
LYS C    C N N 207 
LYS O    O N N 208 
LYS CB   C N N 209 
LYS CG   C N N 210 
LYS CD   C N N 211 
LYS CE   C N N 212 
LYS NZ   N N N 213 
LYS OXT  O N N 214 
LYS H    H N N 215 
LYS H2   H N N 216 
LYS HA   H N N 217 
LYS HB2  H N N 218 
LYS HB3  H N N 219 
LYS HG2  H N N 220 
LYS HG3  H N N 221 
LYS HD2  H N N 222 
LYS HD3  H N N 223 
LYS HE2  H N N 224 
LYS HE3  H N N 225 
LYS HZ1  H N N 226 
LYS HZ2  H N N 227 
LYS HZ3  H N N 228 
LYS HXT  H N N 229 
MET N    N N N 230 
MET CA   C N S 231 
MET C    C N N 232 
MET O    O N N 233 
MET CB   C N N 234 
MET CG   C N N 235 
MET SD   S N N 236 
MET CE   C N N 237 
MET OXT  O N N 238 
MET H    H N N 239 
MET H2   H N N 240 
MET HA   H N N 241 
MET HB2  H N N 242 
MET HB3  H N N 243 
MET HG2  H N N 244 
MET HG3  H N N 245 
MET HE1  H N N 246 
MET HE2  H N N 247 
MET HE3  H N N 248 
MET HXT  H N N 249 
PHE N    N N N 250 
PHE CA   C N S 251 
PHE C    C N N 252 
PHE O    O N N 253 
PHE CB   C N N 254 
PHE CG   C Y N 255 
PHE CD1  C Y N 256 
PHE CD2  C Y N 257 
PHE CE1  C Y N 258 
PHE CE2  C Y N 259 
PHE CZ   C Y N 260 
PHE OXT  O N N 261 
PHE H    H N N 262 
PHE H2   H N N 263 
PHE HA   H N N 264 
PHE HB2  H N N 265 
PHE HB3  H N N 266 
PHE HD1  H N N 267 
PHE HD2  H N N 268 
PHE HE1  H N N 269 
PHE HE2  H N N 270 
PHE HZ   H N N 271 
PHE HXT  H N N 272 
PRO N    N N N 273 
PRO CA   C N S 274 
PRO C    C N N 275 
PRO O    O N N 276 
PRO CB   C N N 277 
PRO CG   C N N 278 
PRO CD   C N N 279 
PRO OXT  O N N 280 
PRO H    H N N 281 
PRO HA   H N N 282 
PRO HB2  H N N 283 
PRO HB3  H N N 284 
PRO HG2  H N N 285 
PRO HG3  H N N 286 
PRO HD2  H N N 287 
PRO HD3  H N N 288 
PRO HXT  H N N 289 
SER N    N N N 290 
SER CA   C N S 291 
SER C    C N N 292 
SER O    O N N 293 
SER CB   C N N 294 
SER OG   O N N 295 
SER OXT  O N N 296 
SER H    H N N 297 
SER H2   H N N 298 
SER HA   H N N 299 
SER HB2  H N N 300 
SER HB3  H N N 301 
SER HG   H N N 302 
SER HXT  H N N 303 
SO4 S    S N N 304 
SO4 O1   O N N 305 
SO4 O2   O N N 306 
SO4 O3   O N N 307 
SO4 O4   O N N 308 
THR N    N N N 309 
THR CA   C N S 310 
THR C    C N N 311 
THR O    O N N 312 
THR CB   C N R 313 
THR OG1  O N N 314 
THR CG2  C N N 315 
THR OXT  O N N 316 
THR H    H N N 317 
THR H2   H N N 318 
THR HA   H N N 319 
THR HB   H N N 320 
THR HG1  H N N 321 
THR HG21 H N N 322 
THR HG22 H N N 323 
THR HG23 H N N 324 
THR HXT  H N N 325 
TYR N    N N N 326 
TYR CA   C N S 327 
TYR C    C N N 328 
TYR O    O N N 329 
TYR CB   C N N 330 
TYR CG   C Y N 331 
TYR CD1  C Y N 332 
TYR CD2  C Y N 333 
TYR CE1  C Y N 334 
TYR CE2  C Y N 335 
TYR CZ   C Y N 336 
TYR OH   O N N 337 
TYR OXT  O N N 338 
TYR H    H N N 339 
TYR H2   H N N 340 
TYR HA   H N N 341 
TYR HB2  H N N 342 
TYR HB3  H N N 343 
TYR HD1  H N N 344 
TYR HD2  H N N 345 
TYR HE1  H N N 346 
TYR HE2  H N N 347 
TYR HH   H N N 348 
TYR HXT  H N N 349 
VAL N    N N N 350 
VAL CA   C N S 351 
VAL C    C N N 352 
VAL O    O N N 353 
VAL CB   C N N 354 
VAL CG1  C N N 355 
VAL CG2  C N N 356 
VAL OXT  O N N 357 
VAL H    H N N 358 
VAL H2   H N N 359 
VAL HA   H N N 360 
VAL HB   H N N 361 
VAL HG11 H N N 362 
VAL HG12 H N N 363 
VAL HG13 H N N 364 
VAL HG21 H N N 365 
VAL HG22 H N N 366 
VAL HG23 H N N 367 
VAL HXT  H N N 368 
# 
loop_
_chem_comp_bond.comp_id 
_chem_comp_bond.atom_id_1 
_chem_comp_bond.atom_id_2 
_chem_comp_bond.value_order 
_chem_comp_bond.pdbx_aromatic_flag 
_chem_comp_bond.pdbx_stereo_config 
_chem_comp_bond.pdbx_ordinal 
ALA N   CA   sing N N 1   
ALA N   H    sing N N 2   
ALA N   H2   sing N N 3   
ALA CA  C    sing N N 4   
ALA CA  CB   sing N N 5   
ALA CA  HA   sing N N 6   
ALA C   O    doub N N 7   
ALA C   OXT  sing N N 8   
ALA CB  HB1  sing N N 9   
ALA CB  HB2  sing N N 10  
ALA CB  HB3  sing N N 11  
ALA OXT HXT  sing N N 12  
ARG N   CA   sing N N 13  
ARG N   H    sing N N 14  
ARG N   H2   sing N N 15  
ARG CA  C    sing N N 16  
ARG CA  CB   sing N N 17  
ARG CA  HA   sing N N 18  
ARG C   O    doub N N 19  
ARG C   OXT  sing N N 20  
ARG CB  CG   sing N N 21  
ARG CB  HB2  sing N N 22  
ARG CB  HB3  sing N N 23  
ARG CG  CD   sing N N 24  
ARG CG  HG2  sing N N 25  
ARG CG  HG3  sing N N 26  
ARG CD  NE   sing N N 27  
ARG CD  HD2  sing N N 28  
ARG CD  HD3  sing N N 29  
ARG NE  CZ   sing N N 30  
ARG NE  HE   sing N N 31  
ARG CZ  NH1  sing N N 32  
ARG CZ  NH2  doub N N 33  
ARG NH1 HH11 sing N N 34  
ARG NH1 HH12 sing N N 35  
ARG NH2 HH21 sing N N 36  
ARG NH2 HH22 sing N N 37  
ARG OXT HXT  sing N N 38  
ASN N   CA   sing N N 39  
ASN N   H    sing N N 40  
ASN N   H2   sing N N 41  
ASN CA  C    sing N N 42  
ASN CA  CB   sing N N 43  
ASN CA  HA   sing N N 44  
ASN C   O    doub N N 45  
ASN C   OXT  sing N N 46  
ASN CB  CG   sing N N 47  
ASN CB  HB2  sing N N 48  
ASN CB  HB3  sing N N 49  
ASN CG  OD1  doub N N 50  
ASN CG  ND2  sing N N 51  
ASN ND2 HD21 sing N N 52  
ASN ND2 HD22 sing N N 53  
ASN OXT HXT  sing N N 54  
ASP N   CA   sing N N 55  
ASP N   H    sing N N 56  
ASP N   H2   sing N N 57  
ASP CA  C    sing N N 58  
ASP CA  CB   sing N N 59  
ASP CA  HA   sing N N 60  
ASP C   O    doub N N 61  
ASP C   OXT  sing N N 62  
ASP CB  CG   sing N N 63  
ASP CB  HB2  sing N N 64  
ASP CB  HB3  sing N N 65  
ASP CG  OD1  doub N N 66  
ASP CG  OD2  sing N N 67  
ASP OD2 HD2  sing N N 68  
ASP OXT HXT  sing N N 69  
CYS N   CA   sing N N 70  
CYS N   H    sing N N 71  
CYS N   H2   sing N N 72  
CYS CA  C    sing N N 73  
CYS CA  CB   sing N N 74  
CYS CA  HA   sing N N 75  
CYS C   O    doub N N 76  
CYS C   OXT  sing N N 77  
CYS CB  SG   sing N N 78  
CYS CB  HB2  sing N N 79  
CYS CB  HB3  sing N N 80  
CYS SG  HG   sing N N 81  
CYS OXT HXT  sing N N 82  
GLN N   CA   sing N N 83  
GLN N   H    sing N N 84  
GLN N   H2   sing N N 85  
GLN CA  C    sing N N 86  
GLN CA  CB   sing N N 87  
GLN CA  HA   sing N N 88  
GLN C   O    doub N N 89  
GLN C   OXT  sing N N 90  
GLN CB  CG   sing N N 91  
GLN CB  HB2  sing N N 92  
GLN CB  HB3  sing N N 93  
GLN CG  CD   sing N N 94  
GLN CG  HG2  sing N N 95  
GLN CG  HG3  sing N N 96  
GLN CD  OE1  doub N N 97  
GLN CD  NE2  sing N N 98  
GLN NE2 HE21 sing N N 99  
GLN NE2 HE22 sing N N 100 
GLN OXT HXT  sing N N 101 
GLU N   CA   sing N N 102 
GLU N   H    sing N N 103 
GLU N   H2   sing N N 104 
GLU CA  C    sing N N 105 
GLU CA  CB   sing N N 106 
GLU CA  HA   sing N N 107 
GLU C   O    doub N N 108 
GLU C   OXT  sing N N 109 
GLU CB  CG   sing N N 110 
GLU CB  HB2  sing N N 111 
GLU CB  HB3  sing N N 112 
GLU CG  CD   sing N N 113 
GLU CG  HG2  sing N N 114 
GLU CG  HG3  sing N N 115 
GLU CD  OE1  doub N N 116 
GLU CD  OE2  sing N N 117 
GLU OE2 HE2  sing N N 118 
GLU OXT HXT  sing N N 119 
GLY N   CA   sing N N 120 
GLY N   H    sing N N 121 
GLY N   H2   sing N N 122 
GLY CA  C    sing N N 123 
GLY CA  HA2  sing N N 124 
GLY CA  HA3  sing N N 125 
GLY C   O    doub N N 126 
GLY C   OXT  sing N N 127 
GLY OXT HXT  sing N N 128 
HIS N   CA   sing N N 129 
HIS N   H    sing N N 130 
HIS N   H2   sing N N 131 
HIS CA  C    sing N N 132 
HIS CA  CB   sing N N 133 
HIS CA  HA   sing N N 134 
HIS C   O    doub N N 135 
HIS C   OXT  sing N N 136 
HIS CB  CG   sing N N 137 
HIS CB  HB2  sing N N 138 
HIS CB  HB3  sing N N 139 
HIS CG  ND1  sing Y N 140 
HIS CG  CD2  doub Y N 141 
HIS ND1 CE1  doub Y N 142 
HIS ND1 HD1  sing N N 143 
HIS CD2 NE2  sing Y N 144 
HIS CD2 HD2  sing N N 145 
HIS CE1 NE2  sing Y N 146 
HIS CE1 HE1  sing N N 147 
HIS NE2 HE2  sing N N 148 
HIS OXT HXT  sing N N 149 
HOH O   H1   sing N N 150 
HOH O   H2   sing N N 151 
ILE N   CA   sing N N 152 
ILE N   H    sing N N 153 
ILE N   H2   sing N N 154 
ILE CA  C    sing N N 155 
ILE CA  CB   sing N N 156 
ILE CA  HA   sing N N 157 
ILE C   O    doub N N 158 
ILE C   OXT  sing N N 159 
ILE CB  CG1  sing N N 160 
ILE CB  CG2  sing N N 161 
ILE CB  HB   sing N N 162 
ILE CG1 CD1  sing N N 163 
ILE CG1 HG12 sing N N 164 
ILE CG1 HG13 sing N N 165 
ILE CG2 HG21 sing N N 166 
ILE CG2 HG22 sing N N 167 
ILE CG2 HG23 sing N N 168 
ILE CD1 HD11 sing N N 169 
ILE CD1 HD12 sing N N 170 
ILE CD1 HD13 sing N N 171 
ILE OXT HXT  sing N N 172 
LEU N   CA   sing N N 173 
LEU N   H    sing N N 174 
LEU N   H2   sing N N 175 
LEU CA  C    sing N N 176 
LEU CA  CB   sing N N 177 
LEU CA  HA   sing N N 178 
LEU C   O    doub N N 179 
LEU C   OXT  sing N N 180 
LEU CB  CG   sing N N 181 
LEU CB  HB2  sing N N 182 
LEU CB  HB3  sing N N 183 
LEU CG  CD1  sing N N 184 
LEU CG  CD2  sing N N 185 
LEU CG  HG   sing N N 186 
LEU CD1 HD11 sing N N 187 
LEU CD1 HD12 sing N N 188 
LEU CD1 HD13 sing N N 189 
LEU CD2 HD21 sing N N 190 
LEU CD2 HD22 sing N N 191 
LEU CD2 HD23 sing N N 192 
LEU OXT HXT  sing N N 193 
LYS N   CA   sing N N 194 
LYS N   H    sing N N 195 
LYS N   H2   sing N N 196 
LYS CA  C    sing N N 197 
LYS CA  CB   sing N N 198 
LYS CA  HA   sing N N 199 
LYS C   O    doub N N 200 
LYS C   OXT  sing N N 201 
LYS CB  CG   sing N N 202 
LYS CB  HB2  sing N N 203 
LYS CB  HB3  sing N N 204 
LYS CG  CD   sing N N 205 
LYS CG  HG2  sing N N 206 
LYS CG  HG3  sing N N 207 
LYS CD  CE   sing N N 208 
LYS CD  HD2  sing N N 209 
LYS CD  HD3  sing N N 210 
LYS CE  NZ   sing N N 211 
LYS CE  HE2  sing N N 212 
LYS CE  HE3  sing N N 213 
LYS NZ  HZ1  sing N N 214 
LYS NZ  HZ2  sing N N 215 
LYS NZ  HZ3  sing N N 216 
LYS OXT HXT  sing N N 217 
MET N   CA   sing N N 218 
MET N   H    sing N N 219 
MET N   H2   sing N N 220 
MET CA  C    sing N N 221 
MET CA  CB   sing N N 222 
MET CA  HA   sing N N 223 
MET C   O    doub N N 224 
MET C   OXT  sing N N 225 
MET CB  CG   sing N N 226 
MET CB  HB2  sing N N 227 
MET CB  HB3  sing N N 228 
MET CG  SD   sing N N 229 
MET CG  HG2  sing N N 230 
MET CG  HG3  sing N N 231 
MET SD  CE   sing N N 232 
MET CE  HE1  sing N N 233 
MET CE  HE2  sing N N 234 
MET CE  HE3  sing N N 235 
MET OXT HXT  sing N N 236 
PHE N   CA   sing N N 237 
PHE N   H    sing N N 238 
PHE N   H2   sing N N 239 
PHE CA  C    sing N N 240 
PHE CA  CB   sing N N 241 
PHE CA  HA   sing N N 242 
PHE C   O    doub N N 243 
PHE C   OXT  sing N N 244 
PHE CB  CG   sing N N 245 
PHE CB  HB2  sing N N 246 
PHE CB  HB3  sing N N 247 
PHE CG  CD1  doub Y N 248 
PHE CG  CD2  sing Y N 249 
PHE CD1 CE1  sing Y N 250 
PHE CD1 HD1  sing N N 251 
PHE CD2 CE2  doub Y N 252 
PHE CD2 HD2  sing N N 253 
PHE CE1 CZ   doub Y N 254 
PHE CE1 HE1  sing N N 255 
PHE CE2 CZ   sing Y N 256 
PHE CE2 HE2  sing N N 257 
PHE CZ  HZ   sing N N 258 
PHE OXT HXT  sing N N 259 
PRO N   CA   sing N N 260 
PRO N   CD   sing N N 261 
PRO N   H    sing N N 262 
PRO CA  C    sing N N 263 
PRO CA  CB   sing N N 264 
PRO CA  HA   sing N N 265 
PRO C   O    doub N N 266 
PRO C   OXT  sing N N 267 
PRO CB  CG   sing N N 268 
PRO CB  HB2  sing N N 269 
PRO CB  HB3  sing N N 270 
PRO CG  CD   sing N N 271 
PRO CG  HG2  sing N N 272 
PRO CG  HG3  sing N N 273 
PRO CD  HD2  sing N N 274 
PRO CD  HD3  sing N N 275 
PRO OXT HXT  sing N N 276 
SER N   CA   sing N N 277 
SER N   H    sing N N 278 
SER N   H2   sing N N 279 
SER CA  C    sing N N 280 
SER CA  CB   sing N N 281 
SER CA  HA   sing N N 282 
SER C   O    doub N N 283 
SER C   OXT  sing N N 284 
SER CB  OG   sing N N 285 
SER CB  HB2  sing N N 286 
SER CB  HB3  sing N N 287 
SER OG  HG   sing N N 288 
SER OXT HXT  sing N N 289 
SO4 S   O1   doub N N 290 
SO4 S   O2   doub N N 291 
SO4 S   O3   sing N N 292 
SO4 S   O4   sing N N 293 
THR N   CA   sing N N 294 
THR N   H    sing N N 295 
THR N   H2   sing N N 296 
THR CA  C    sing N N 297 
THR CA  CB   sing N N 298 
THR CA  HA   sing N N 299 
THR C   O    doub N N 300 
THR C   OXT  sing N N 301 
THR CB  OG1  sing N N 302 
THR CB  CG2  sing N N 303 
THR CB  HB   sing N N 304 
THR OG1 HG1  sing N N 305 
THR CG2 HG21 sing N N 306 
THR CG2 HG22 sing N N 307 
THR CG2 HG23 sing N N 308 
THR OXT HXT  sing N N 309 
TYR N   CA   sing N N 310 
TYR N   H    sing N N 311 
TYR N   H2   sing N N 312 
TYR CA  C    sing N N 313 
TYR CA  CB   sing N N 314 
TYR CA  HA   sing N N 315 
TYR C   O    doub N N 316 
TYR C   OXT  sing N N 317 
TYR CB  CG   sing N N 318 
TYR CB  HB2  sing N N 319 
TYR CB  HB3  sing N N 320 
TYR CG  CD1  doub Y N 321 
TYR CG  CD2  sing Y N 322 
TYR CD1 CE1  sing Y N 323 
TYR CD1 HD1  sing N N 324 
TYR CD2 CE2  doub Y N 325 
TYR CD2 HD2  sing N N 326 
TYR CE1 CZ   doub Y N 327 
TYR CE1 HE1  sing N N 328 
TYR CE2 CZ   sing Y N 329 
TYR CE2 HE2  sing N N 330 
TYR CZ  OH   sing N N 331 
TYR OH  HH   sing N N 332 
TYR OXT HXT  sing N N 333 
VAL N   CA   sing N N 334 
VAL N   H    sing N N 335 
VAL N   H2   sing N N 336 
VAL CA  C    sing N N 337 
VAL CA  CB   sing N N 338 
VAL CA  HA   sing N N 339 
VAL C   O    doub N N 340 
VAL C   OXT  sing N N 341 
VAL CB  CG1  sing N N 342 
VAL CB  CG2  sing N N 343 
VAL CB  HB   sing N N 344 
VAL CG1 HG11 sing N N 345 
VAL CG1 HG12 sing N N 346 
VAL CG1 HG13 sing N N 347 
VAL CG2 HG21 sing N N 348 
VAL CG2 HG22 sing N N 349 
VAL CG2 HG23 sing N N 350 
VAL OXT HXT  sing N N 351 
# 
_atom_sites.entry_id                    1A17 
_atom_sites.fract_transf_matrix[1][1]   0.00985564 
_atom_sites.fract_transf_matrix[1][2]   0.00289913 
_atom_sites.fract_transf_matrix[1][3]   0.00421429 
_atom_sites.fract_transf_matrix[2][1]   -0.00253965 
_atom_sites.fract_transf_matrix[2][2]   -0.00516780 
_atom_sites.fract_transf_matrix[2][3]   0.00949436 
_atom_sites.fract_transf_matrix[3][1]   0.00382840 
_atom_sites.fract_transf_matrix[3][2]   -0.00809688 
_atom_sites.fract_transf_matrix[3][3]   -0.00338309 
_atom_sites.fract_transf_vector[1]      0.830815 
_atom_sites.fract_transf_vector[2]      0.637381 
_atom_sites.fract_transf_vector[3]      0.329386 
# 
loop_
_atom_type.symbol 
C 
N 
O 
S 
# 
loop_
_atom_site.group_PDB 
_atom_site.id 
_atom_site.type_symbol 
_atom_site.label_atom_id 
_atom_site.label_alt_id 
_atom_site.label_comp_id 
_atom_site.label_asym_id 
_atom_site.label_entity_id 
_atom_site.label_seq_id 
_atom_site.pdbx_PDB_ins_code 
_atom_site.Cartn_x 
_atom_site.Cartn_y 
_atom_site.Cartn_z 
_atom_site.occupancy 
_atom_site.B_iso_or_equiv 
_atom_site.pdbx_formal_charge 
_atom_site.auth_seq_id 
_atom_site.auth_comp_id 
_atom_site.auth_asym_id 
_atom_site.auth_atom_id 
_atom_site.pdbx_PDB_model_num 
ATOM   1    N N   . PRO A 1 4   ? -13.853 -20.785 22.113  1.00 56.41 ? 19  PRO A N   1 
ATOM   2    C CA  . PRO A 1 4   ? -13.456 -19.394 21.956  1.00 52.52 ? 19  PRO A CA  1 
ATOM   3    C C   . PRO A 1 4   ? -12.909 -19.195 20.555  1.00 53.41 ? 19  PRO A C   1 
ATOM   4    O O   . PRO A 1 4   ? -11.705 -19.271 20.343  1.00 61.58 ? 19  PRO A O   1 
ATOM   5    C CB  . PRO A 1 4   ? -12.393 -19.019 22.987  1.00 50.41 ? 19  PRO A CB  1 
ATOM   6    N N   . PRO A 1 5   ? -13.797 -19.072 19.553  1.00 49.25 ? 20  PRO A N   1 
ATOM   7    C CA  . PRO A 1 5   ? -15.240 -19.118 19.735  1.00 44.01 ? 20  PRO A CA  1 
ATOM   8    C C   . PRO A 1 5   ? -15.659 -20.566 19.887  1.00 38.78 ? 20  PRO A C   1 
ATOM   9    O O   . PRO A 1 5   ? -14.844 -21.485 19.765  1.00 37.47 ? 20  PRO A O   1 
ATOM   10   C CB  . PRO A 1 5   ? -15.761 -18.559 18.409  1.00 45.46 ? 20  PRO A CB  1 
ATOM   11   C CG  . PRO A 1 5   ? -14.631 -17.746 17.882  1.00 44.93 ? 20  PRO A CG  1 
ATOM   12   C CD  . PRO A 1 5   ? -13.461 -18.602 18.199  1.00 48.06 ? 20  PRO A CD  1 
ATOM   13   N N   . ALA A 1 6   ? -16.927 -20.764 20.193  1.00 35.21 ? 21  ALA A N   1 
ATOM   14   C CA  . ALA A 1 6   ? -17.441 -22.104 20.313  1.00 35.72 ? 21  ALA A CA  1 
ATOM   15   C C   . ALA A 1 6   ? -17.231 -22.716 18.930  1.00 35.15 ? 21  ALA A C   1 
ATOM   16   O O   . ALA A 1 6   ? -17.171 -21.990 17.938  1.00 35.41 ? 21  ALA A O   1 
ATOM   17   C CB  . ALA A 1 6   ? -18.917 -22.053 20.651  1.00 37.86 ? 21  ALA A CB  1 
ATOM   18   N N   . ASP A 1 7   ? -17.116 -24.035 18.850  1.00 35.29 ? 22  ASP A N   1 
ATOM   19   C CA  . ASP A 1 7   ? -16.921 -24.674 17.561  1.00 33.26 ? 22  ASP A CA  1 
ATOM   20   C C   . ASP A 1 7   ? -17.999 -24.211 16.612  1.00 32.09 ? 22  ASP A C   1 
ATOM   21   O O   . ASP A 1 7   ? -17.813 -24.229 15.400  1.00 36.51 ? 22  ASP A O   1 
ATOM   22   C CB  . ASP A 1 7   ? -16.924 -26.202 17.680  1.00 34.27 ? 22  ASP A CB  1 
ATOM   23   C CG  . ASP A 1 7   ? -15.522 -26.786 17.684  1.00 34.79 ? 22  ASP A CG  1 
ATOM   24   O OD1 . ASP A 1 7   ? -14.750 -26.501 18.622  1.00 31.89 ? 22  ASP A OD1 1 
ATOM   25   O OD2 . ASP A 1 7   ? -15.180 -27.507 16.723  1.00 37.52 ? 22  ASP A OD2 1 
ATOM   26   N N   . GLY A 1 8   ? -19.100 -23.731 17.173  1.00 31.72 ? 23  GLY A N   1 
ATOM   27   C CA  . GLY A 1 8   ? -20.208 -23.245 16.370  1.00 31.06 ? 23  GLY A CA  1 
ATOM   28   C C   . GLY A 1 8   ? -19.946 -21.904 15.697  1.00 31.02 ? 23  GLY A C   1 
ATOM   29   O O   . GLY A 1 8   ? -20.396 -21.682 14.573  1.00 32.96 ? 23  GLY A O   1 
ATOM   30   N N   . ALA A 1 9   ? -19.270 -20.990 16.385  1.00 29.66 ? 24  ALA A N   1 
ATOM   31   C CA  . ALA A 1 9   ? -18.970 -19.693 15.797  1.00 25.16 ? 24  ALA A CA  1 
ATOM   32   C C   . ALA A 1 9   ? -17.850 -19.905 14.792  1.00 25.15 ? 24  ALA A C   1 
ATOM   33   O O   . ALA A 1 9   ? -17.839 -19.278 13.740  1.00 29.69 ? 24  ALA A O   1 
ATOM   34   C CB  . ALA A 1 9   ? -18.564 -18.704 16.855  1.00 24.93 ? 24  ALA A CB  1 
ATOM   35   N N   . LEU A 1 10  ? -16.946 -20.833 15.084  1.00 24.64 ? 25  LEU A N   1 
ATOM   36   C CA  . LEU A 1 10  ? -15.846 -21.147 14.167  1.00 23.13 ? 25  LEU A CA  1 
ATOM   37   C C   . LEU A 1 10  ? -16.365 -21.720 12.836  1.00 22.10 ? 25  LEU A C   1 
ATOM   38   O O   . LEU A 1 10  ? -15.943 -21.285 11.771  1.00 26.43 ? 25  LEU A O   1 
ATOM   39   C CB  . LEU A 1 10  ? -14.833 -22.116 14.817  1.00 21.47 ? 25  LEU A CB  1 
ATOM   40   C CG  . LEU A 1 10  ? -14.091 -21.536 16.036  1.00 21.60 ? 25  LEU A CG  1 
ATOM   41   C CD1 . LEU A 1 10  ? -13.291 -22.553 16.785  1.00 20.09 ? 25  LEU A CD1 1 
ATOM   42   C CD2 . LEU A 1 10  ? -13.188 -20.447 15.576  1.00 24.95 ? 25  LEU A CD2 1 
ATOM   43   N N   . LYS A 1 11  ? -17.336 -22.627 12.889  1.00 23.25 ? 26  LYS A N   1 
ATOM   44   C CA  . LYS A 1 11  ? -17.862 -23.247 11.674  1.00 20.10 ? 26  LYS A CA  1 
ATOM   45   C C   . LYS A 1 11  ? -18.720 -22.304 10.834  1.00 22.73 ? 26  LYS A C   1 
ATOM   46   O O   . LYS A 1 11  ? -18.648 -22.328 9.604   1.00 25.65 ? 26  LYS A O   1 
ATOM   47   C CB  . LYS A 1 11  ? -18.607 -24.527 12.040  1.00 23.82 ? 26  LYS A CB  1 
ATOM   48   C CG  . LYS A 1 11  ? -19.209 -25.310 10.886  1.00 33.78 ? 26  LYS A CG  1 
ATOM   49   C CD  . LYS A 1 11  ? -18.172 -25.989 9.961   1.00 41.17 ? 26  LYS A CD  1 
ATOM   50   C CE  . LYS A 1 11  ? -18.890 -26.910 8.931   1.00 44.51 ? 26  LYS A CE  1 
ATOM   51   N NZ  . LYS A 1 11  ? -18.097 -27.418 7.773   1.00 42.08 ? 26  LYS A NZ  1 
ATOM   52   N N   . ARG A 1 12  ? -19.502 -21.444 11.479  1.00 21.67 ? 27  ARG A N   1 
ATOM   53   C CA  . ARG A 1 12  ? -20.354 -20.485 10.756  1.00 15.22 ? 27  ARG A CA  1 
ATOM   54   C C   . ARG A 1 12  ? -19.539 -19.325 10.178  1.00 13.04 ? 27  ARG A C   1 
ATOM   55   O O   . ARG A 1 12  ? -19.947 -18.678 9.213   1.00 13.43 ? 27  ARG A O   1 
ATOM   56   C CB  . ARG A 1 12  ? -21.434 -19.943 11.690  1.00 16.23 ? 27  ARG A CB  1 
ATOM   57   C CG  . ARG A 1 12  ? -22.385 -18.955 11.048  1.00 18.92 ? 27  ARG A CG  1 
ATOM   58   C CD  . ARG A 1 12  ? -23.362 -19.648 10.116  1.00 19.23 ? 27  ARG A CD  1 
ATOM   59   N NE  . ARG A 1 12  ? -24.245 -18.710 9.424   1.00 20.20 ? 27  ARG A NE  1 
ATOM   60   C CZ  . ARG A 1 12  ? -24.287 -18.575 8.103   1.00 24.10 ? 27  ARG A CZ  1 
ATOM   61   N NH1 . ARG A 1 12  ? -23.496 -19.317 7.338   1.00 25.08 ? 27  ARG A NH1 1 
ATOM   62   N NH2 . ARG A 1 12  ? -25.094 -17.676 7.550   1.00 27.78 ? 27  ARG A NH2 1 
ATOM   63   N N   . ALA A 1 13  ? -18.405 -19.040 10.810  1.00 15.37 ? 28  ALA A N   1 
ATOM   64   C CA  . ALA A 1 13  ? -17.512 -17.977 10.377  1.00 15.04 ? 28  ALA A CA  1 
ATOM   65   C C   . ALA A 1 13  ? -16.835 -18.436 9.092   1.00 20.68 ? 28  ALA A C   1 
ATOM   66   O O   . ALA A 1 13  ? -16.597 -17.642 8.176   1.00 24.87 ? 28  ALA A O   1 
ATOM   67   C CB  . ALA A 1 13  ? -16.482 -17.680 11.464  1.00 8.13  ? 28  ALA A CB  1 
ATOM   68   N N   . GLU A 1 14  ? -16.552 -19.733 9.020   1.00 22.70 ? 29  GLU A N   1 
ATOM   69   C CA  . GLU A 1 14  ? -15.932 -20.319 7.843   1.00 23.36 ? 29  GLU A CA  1 
ATOM   70   C C   . GLU A 1 14  ? -16.914 -20.390 6.662   1.00 27.06 ? 29  GLU A C   1 
ATOM   71   O O   . GLU A 1 14  ? -16.475 -20.457 5.518   1.00 36.17 ? 29  GLU A O   1 
ATOM   72   C CB  . GLU A 1 14  ? -15.370 -21.709 8.154   1.00 20.74 ? 29  GLU A CB  1 
ATOM   73   C CG  . GLU A 1 14  ? -14.381 -22.248 7.113   1.00 25.42 ? 29  GLU A CG  1 
ATOM   74   C CD  . GLU A 1 14  ? -13.129 -21.375 6.903   1.00 26.81 ? 29  GLU A CD  1 
ATOM   75   O OE1 . GLU A 1 14  ? -12.777 -20.566 7.793   1.00 22.51 ? 29  GLU A OE1 1 
ATOM   76   O OE2 . GLU A 1 14  ? -12.491 -21.499 5.831   1.00 28.75 ? 29  GLU A OE2 1 
ATOM   77   N N   . GLU A 1 15  ? -18.224 -20.375 6.926   1.00 25.49 ? 30  GLU A N   1 
ATOM   78   C CA  . GLU A 1 15  ? -19.247 -20.415 5.865   1.00 21.21 ? 30  GLU A CA  1 
ATOM   79   C C   . GLU A 1 15  ? -19.411 -19.019 5.289   1.00 20.29 ? 30  GLU A C   1 
ATOM   80   O O   . GLU A 1 15  ? -19.472 -18.843 4.062   1.00 18.49 ? 30  GLU A O   1 
ATOM   81   C CB  . GLU A 1 15  ? -20.609 -20.851 6.418   1.00 23.98 ? 30  GLU A CB  1 
ATOM   82   C CG  . GLU A 1 15  ? -20.576 -22.127 7.247   1.00 27.67 ? 30  GLU A CG  1 
ATOM   83   C CD  . GLU A 1 15  ? -21.953 -22.615 7.649   1.00 28.76 ? 30  GLU A CD  1 
ATOM   84   O OE1 . GLU A 1 15  ? -22.936 -21.835 7.585   1.00 29.65 ? 30  GLU A OE1 1 
ATOM   85   O OE2 . GLU A 1 15  ? -22.044 -23.799 8.023   1.00 30.67 ? 30  GLU A OE2 1 
ATOM   86   N N   . LEU A 1 16  ? -19.559 -18.044 6.192   1.00 19.30 ? 31  LEU A N   1 
ATOM   87   C CA  . LEU A 1 16  ? -19.704 -16.642 5.813   1.00 19.92 ? 31  LEU A CA  1 
ATOM   88   C C   . LEU A 1 16  ? -18.493 -16.196 4.996   1.00 20.67 ? 31  LEU A C   1 
ATOM   89   O O   . LEU A 1 16  ? -18.655 -15.500 3.998   1.00 22.91 ? 31  LEU A O   1 
ATOM   90   C CB  . LEU A 1 16  ? -19.891 -15.771 7.050   1.00 15.44 ? 31  LEU A CB  1 
ATOM   91   C CG  . LEU A 1 16  ? -21.273 -15.984 7.652   1.00 14.36 ? 31  LEU A CG  1 
ATOM   92   C CD1 . LEU A 1 16  ? -21.339 -15.379 9.026   1.00 9.56  ? 31  LEU A CD1 1 
ATOM   93   C CD2 . LEU A 1 16  ? -22.320 -15.387 6.733   1.00 6.10  ? 31  LEU A CD2 1 
ATOM   94   N N   . LYS A 1 17  ? -17.297 -16.648 5.387   1.00 21.40 ? 32  LYS A N   1 
ATOM   95   C CA  . LYS A 1 17  ? -16.069 -16.325 4.658   1.00 17.95 ? 32  LYS A CA  1 
ATOM   96   C C   . LYS A 1 17  ? -16.211 -16.835 3.239   1.00 19.22 ? 32  LYS A C   1 
ATOM   97   O O   . LYS A 1 17  ? -15.891 -16.120 2.300   1.00 27.59 ? 32  LYS A O   1 
ATOM   98   C CB  . LYS A 1 17  ? -14.853 -16.984 5.291   1.00 16.10 ? 32  LYS A CB  1 
ATOM   99   C CG  . LYS A 1 17  ? -13.546 -16.630 4.589   1.00 17.40 ? 32  LYS A CG  1 
ATOM   100  C CD  . LYS A 1 17  ? -12.657 -17.845 4.401   1.00 17.61 ? 32  LYS A CD  1 
ATOM   101  C CE  . LYS A 1 17  ? -13.273 -18.790 3.398   1.00 25.48 ? 32  LYS A CE  1 
ATOM   102  N NZ  . LYS A 1 17  ? -12.600 -20.107 3.385   1.00 30.73 ? 32  LYS A NZ  1 
ATOM   103  N N   . THR A 1 18  ? -16.710 -18.059 3.077   1.00 20.70 ? 33  THR A N   1 
ATOM   104  C CA  . THR A 1 18  ? -16.909 -18.639 1.755   1.00 19.54 ? 33  THR A CA  1 
ATOM   105  C C   . THR A 1 18  ? -17.957 -17.852 0.996   1.00 24.38 ? 33  THR A C   1 
ATOM   106  O O   . THR A 1 18  ? -17.759 -17.552 -0.192  1.00 24.32 ? 33  THR A O   1 
ATOM   107  C CB  . THR A 1 18  ? -17.294 -20.110 1.841   1.00 22.58 ? 33  THR A CB  1 
ATOM   108  O OG1 . THR A 1 18  ? -16.142 -20.864 2.246   1.00 26.58 ? 33  THR A OG1 1 
ATOM   109  C CG2 . THR A 1 18  ? -17.761 -20.623 0.493   1.00 21.63 ? 33  THR A CG2 1 
ATOM   110  N N   . GLN A 1 19  ? -19.048 -17.486 1.686   1.00 25.33 ? 34  GLN A N   1 
ATOM   111  C CA  . GLN A 1 19  ? -20.116 -16.688 1.083   1.00 24.82 ? 34  GLN A CA  1 
ATOM   112  C C   . GLN A 1 19  ? -19.503 -15.406 0.510   1.00 28.08 ? 34  GLN A C   1 
ATOM   113  O O   . GLN A 1 19  ? -19.765 -15.028 -0.642  1.00 31.26 ? 34  GLN A O   1 
ATOM   114  C CB  . GLN A 1 19  ? -21.189 -16.329 2.115   1.00 28.50 ? 34  GLN A CB  1 
ATOM   115  C CG  . GLN A 1 19  ? -22.190 -17.457 2.412   1.00 36.66 ? 34  GLN A CG  1 
ATOM   116  C CD  . GLN A 1 19  ? -23.498 -16.957 3.034   1.00 38.88 ? 34  GLN A CD  1 
ATOM   117  O OE1 . GLN A 1 19  ? -23.860 -17.348 4.157   1.00 41.71 ? 34  GLN A OE1 1 
ATOM   118  N NE2 . GLN A 1 19  ? -24.217 -16.104 2.308   1.00 38.46 ? 34  GLN A NE2 1 
ATOM   119  N N   . ALA A 1 20  ? -18.643 -14.778 1.314   1.00 23.89 ? 35  ALA A N   1 
ATOM   120  C CA  . ALA A 1 20  ? -17.955 -13.561 0.946   1.00 16.95 ? 35  ALA A CA  1 
ATOM   121  C C   . ALA A 1 20  ? -17.090 -13.805 -0.284  1.00 19.92 ? 35  ALA A C   1 
ATOM   122  O O   . ALA A 1 20  ? -17.145 -13.019 -1.230  1.00 24.84 ? 35  ALA A O   1 
ATOM   123  C CB  . ALA A 1 20  ? -17.118 -13.095 2.088   1.00 11.53 ? 35  ALA A CB  1 
ATOM   124  N N   . ASN A 1 21  ? -16.324 -14.899 -0.294  1.00 18.32 ? 36  ASN A N   1 
ATOM   125  C CA  . ASN A 1 21  ? -15.446 -15.217 -1.430  1.00 16.57 ? 36  ASN A CA  1 
ATOM   126  C C   . ASN A 1 21  ? -16.227 -15.327 -2.712  1.00 19.64 ? 36  ASN A C   1 
ATOM   127  O O   . ASN A 1 21  ? -15.766 -14.918 -3.780  1.00 23.99 ? 36  ASN A O   1 
ATOM   128  C CB  . ASN A 1 21  ? -14.697 -16.529 -1.237  1.00 12.76 ? 36  ASN A CB  1 
ATOM   129  C CG  . ASN A 1 21  ? -13.591 -16.429 -0.230  1.00 12.98 ? 36  ASN A CG  1 
ATOM   130  O OD1 . ASN A 1 21  ? -13.315 -15.355 0.306   1.00 15.14 ? 36  ASN A OD1 1 
ATOM   131  N ND2 . ASN A 1 21  ? -12.950 -17.561 0.052   1.00 16.15 ? 36  ASN A ND2 1 
ATOM   132  N N   . ASP A 1 22  ? -17.387 -15.944 -2.616  1.00 19.56 ? 37  ASP A N   1 
ATOM   133  C CA  . ASP A 1 22  ? -18.215 -16.090 -3.771  1.00 18.67 ? 37  ASP A CA  1 
ATOM   134  C C   . ASP A 1 22  ? -18.502 -14.710 -4.271  1.00 22.65 ? 37  ASP A C   1 
ATOM   135  O O   . ASP A 1 22  ? -18.198 -14.383 -5.415  1.00 26.67 ? 37  ASP A O   1 
ATOM   136  C CB  . ASP A 1 22  ? -19.504 -16.780 -3.379  1.00 22.34 ? 37  ASP A CB  1 
ATOM   137  C CG  . ASP A 1 22  ? -19.317 -18.255 -3.161  1.00 26.50 ? 37  ASP A CG  1 
ATOM   138  O OD1 . ASP A 1 22  ? -18.180 -18.767 -3.360  1.00 26.00 ? 37  ASP A OD1 1 
ATOM   139  O OD2 . ASP A 1 22  ? -20.324 -18.906 -2.803  1.00 31.62 ? 37  ASP A OD2 1 
ATOM   140  N N   . TYR A 1 23  ? -19.050 -13.883 -3.387  1.00 25.26 ? 38  TYR A N   1 
ATOM   141  C CA  . TYR A 1 23  ? -19.389 -12.516 -3.740  1.00 25.77 ? 38  TYR A CA  1 
ATOM   142  C C   . TYR A 1 23  ? -18.165 -11.768 -4.279  1.00 26.76 ? 38  TYR A C   1 
ATOM   143  O O   . TYR A 1 23  ? -18.274 -10.969 -5.209  1.00 33.91 ? 38  TYR A O   1 
ATOM   144  C CB  . TYR A 1 23  ? -20.012 -11.799 -2.544  1.00 26.26 ? 38  TYR A CB  1 
ATOM   145  C CG  . TYR A 1 23  ? -21.506 -12.091 -2.325  1.00 29.10 ? 38  TYR A CG  1 
ATOM   146  C CD1 . TYR A 1 23  ? -22.457 -11.771 -3.308  1.00 29.83 ? 38  TYR A CD1 1 
ATOM   147  C CD2 . TYR A 1 23  ? -21.975 -12.625 -1.110  1.00 27.82 ? 38  TYR A CD2 1 
ATOM   148  C CE1 . TYR A 1 23  ? -23.842 -11.963 -3.079  1.00 29.93 ? 38  TYR A CE1 1 
ATOM   149  C CE2 . TYR A 1 23  ? -23.357 -12.821 -0.874  1.00 26.58 ? 38  TYR A CE2 1 
ATOM   150  C CZ  . TYR A 1 23  ? -24.283 -12.485 -1.860  1.00 29.99 ? 38  TYR A CZ  1 
ATOM   151  O OH  . TYR A 1 23  ? -25.640 -12.660 -1.647  1.00 30.16 ? 38  TYR A OH  1 
ATOM   152  N N   . PHE A 1 24  ? -16.992 -12.077 -3.750  1.00 24.68 ? 39  PHE A N   1 
ATOM   153  C CA  . PHE A 1 24  ? -15.765 -11.432 -4.216  1.00 22.62 ? 39  PHE A CA  1 
ATOM   154  C C   . PHE A 1 24  ? -15.450 -11.813 -5.669  1.00 23.80 ? 39  PHE A C   1 
ATOM   155  O O   . PHE A 1 24  ? -15.299 -10.941 -6.527  1.00 21.91 ? 39  PHE A O   1 
ATOM   156  C CB  . PHE A 1 24  ? -14.576 -11.799 -3.316  1.00 19.17 ? 39  PHE A CB  1 
ATOM   157  C CG  . PHE A 1 24  ? -13.303 -11.077 -3.662  1.00 17.45 ? 39  PHE A CG  1 
ATOM   158  C CD1 . PHE A 1 24  ? -12.422 -11.604 -4.596  1.00 17.64 ? 39  PHE A CD1 1 
ATOM   159  C CD2 . PHE A 1 24  ? -12.982 -9.866  -3.045  1.00 18.66 ? 39  PHE A CD2 1 
ATOM   160  C CE1 . PHE A 1 24  ? -11.241 -10.944 -4.915  1.00 17.05 ? 39  PHE A CE1 1 
ATOM   161  C CE2 . PHE A 1 24  ? -11.799 -9.193  -3.354  1.00 14.57 ? 39  PHE A CE2 1 
ATOM   162  C CZ  . PHE A 1 24  ? -10.927 -9.734  -4.290  1.00 16.33 ? 39  PHE A CZ  1 
ATOM   163  N N   . LYS A 1 25  ? -15.342 -13.113 -5.945  1.00 23.30 ? 40  LYS A N   1 
ATOM   164  C CA  . LYS A 1 25  ? -15.045 -13.579 -7.284  1.00 22.72 ? 40  LYS A CA  1 
ATOM   165  C C   . LYS A 1 25  ? -16.078 -13.163 -8.331  1.00 23.30 ? 40  LYS A C   1 
ATOM   166  O O   . LYS A 1 25  ? -15.770 -13.124 -9.525  1.00 23.90 ? 40  LYS A O   1 
ATOM   167  C CB  . LYS A 1 25  ? -14.775 -15.080 -7.274  1.00 26.01 ? 40  LYS A CB  1 
ATOM   168  C CG  . LYS A 1 25  ? -13.384 -15.385 -6.687  1.00 28.82 ? 40  LYS A CG  1 
ATOM   169  C CD  . LYS A 1 25  ? -13.108 -16.865 -6.463  1.00 31.47 ? 40  LYS A CD  1 
ATOM   170  C CE  . LYS A 1 25  ? -13.922 -17.417 -5.315  1.00 30.57 ? 40  LYS A CE  1 
ATOM   171  N NZ  . LYS A 1 25  ? -13.512 -18.802 -4.957  1.00 34.25 ? 40  LYS A NZ  1 
ATOM   172  N N   . ALA A 1 26  ? -17.267 -12.772 -7.868  1.00 24.33 ? 41  ALA A N   1 
ATOM   173  C CA  . ALA A 1 26  ? -18.351 -12.301 -8.728  1.00 26.86 ? 41  ALA A CA  1 
ATOM   174  C C   . ALA A 1 26  ? -18.414 -10.757 -8.780  1.00 29.16 ? 41  ALA A C   1 
ATOM   175  O O   . ALA A 1 26  ? -19.427 -10.166 -9.172  1.00 26.43 ? 41  ALA A O   1 
ATOM   176  C CB  . ALA A 1 26  ? -19.675 -12.875 -8.257  1.00 27.04 ? 41  ALA A CB  1 
ATOM   177  N N   . LYS A 1 27  ? -17.331 -10.122 -8.328  1.00 31.23 ? 42  LYS A N   1 
ATOM   178  C CA  . LYS A 1 27  ? -17.161 -8.661  -8.327  1.00 29.17 ? 42  LYS A CA  1 
ATOM   179  C C   . LYS A 1 27  ? -18.119 -7.867  -7.436  1.00 27.06 ? 42  LYS A C   1 
ATOM   180  O O   . LYS A 1 27  ? -18.194 -6.629  -7.535  1.00 25.19 ? 42  LYS A O   1 
ATOM   181  C CB  . LYS A 1 27  ? -17.219 -8.104  -9.764  1.00 34.49 ? 42  LYS A CB  1 
ATOM   182  C CG  . LYS A 1 27  ? -16.391 -8.852  -10.815 1.00 35.28 ? 42  LYS A CG  1 
ATOM   183  C CD  . LYS A 1 27  ? -14.908 -8.817  -10.518 1.00 41.41 ? 42  LYS A CD  1 
ATOM   184  C CE  . LYS A 1 27  ? -14.114 -9.440  -11.663 1.00 44.58 ? 42  LYS A CE  1 
ATOM   185  N NZ  . LYS A 1 27  ? -12.646 -9.411  -11.394 1.00 47.02 ? 42  LYS A NZ  1 
ATOM   186  N N   . ASP A 1 28  ? -18.840 -8.556  -6.558  1.00 25.84 ? 43  ASP A N   1 
ATOM   187  C CA  . ASP A 1 28  ? -19.771 -7.868  -5.681  1.00 22.67 ? 43  ASP A CA  1 
ATOM   188  C C   . ASP A 1 28  ? -19.078 -7.551  -4.377  1.00 23.76 ? 43  ASP A C   1 
ATOM   189  O O   . ASP A 1 28  ? -19.306 -8.203  -3.359  1.00 23.77 ? 43  ASP A O   1 
ATOM   190  C CB  . ASP A 1 28  ? -20.996 -8.717  -5.421  1.00 25.22 ? 43  ASP A CB  1 
ATOM   191  C CG  . ASP A 1 28  ? -22.015 -8.003  -4.587  1.00 25.70 ? 43  ASP A CG  1 
ATOM   192  O OD1 . ASP A 1 28  ? -21.810 -6.811  -4.305  1.00 26.47 ? 43  ASP A OD1 1 
ATOM   193  O OD2 . ASP A 1 28  ? -23.027 -8.624  -4.222  1.00 26.09 ? 43  ASP A OD2 1 
ATOM   194  N N   . TYR A 1 29  ? -18.280 -6.491  -4.408  1.00 25.57 ? 44  TYR A N   1 
ATOM   195  C CA  . TYR A 1 29  ? -17.501 -6.065  -3.260  1.00 19.70 ? 44  TYR A CA  1 
ATOM   196  C C   . TYR A 1 29  ? -18.320 -5.639  -2.082  1.00 20.68 ? 44  TYR A C   1 
ATOM   197  O O   . TYR A 1 29  ? -18.011 -6.043  -0.980  1.00 27.58 ? 44  TYR A O   1 
ATOM   198  C CB  . TYR A 1 29  ? -16.515 -4.986  -3.653  1.00 17.71 ? 44  TYR A CB  1 
ATOM   199  C CG  . TYR A 1 29  ? -15.629 -5.420  -4.798  1.00 16.12 ? 44  TYR A CG  1 
ATOM   200  C CD1 . TYR A 1 29  ? -14.940 -6.624  -4.735  1.00 14.41 ? 44  TYR A CD1 1 
ATOM   201  C CD2 . TYR A 1 29  ? -15.534 -4.658  -5.976  1.00 13.53 ? 44  TYR A CD2 1 
ATOM   202  C CE1 . TYR A 1 29  ? -14.188 -7.074  -5.811  1.00 13.26 ? 44  TYR A CE1 1 
ATOM   203  C CE2 . TYR A 1 29  ? -14.780 -5.101  -7.061  1.00 6.56  ? 44  TYR A CE2 1 
ATOM   204  C CZ  . TYR A 1 29  ? -14.116 -6.308  -6.970  1.00 11.61 ? 44  TYR A CZ  1 
ATOM   205  O OH  . TYR A 1 29  ? -13.383 -6.790  -8.034  1.00 14.67 ? 44  TYR A OH  1 
ATOM   206  N N   . GLU A 1 30  ? -19.366 -4.853  -2.300  1.00 20.15 ? 45  GLU A N   1 
ATOM   207  C CA  . GLU A 1 30  ? -20.220 -4.420  -1.198  1.00 21.35 ? 45  GLU A CA  1 
ATOM   208  C C   . GLU A 1 30  ? -20.649 -5.611  -0.363  1.00 22.86 ? 45  GLU A C   1 
ATOM   209  O O   . GLU A 1 30  ? -20.584 -5.565  0.859   1.00 27.54 ? 45  GLU A O   1 
ATOM   210  C CB  . GLU A 1 30  ? -21.452 -3.716  -1.723  1.00 27.47 ? 45  GLU A CB  1 
ATOM   211  C CG  . GLU A 1 30  ? -21.815 -4.139  -3.132  1.00 38.81 ? 45  GLU A CG  1 
ATOM   212  C CD  . GLU A 1 30  ? -23.312 -4.155  -3.370  1.00 45.97 ? 45  GLU A CD  1 
ATOM   213  O OE1 . GLU A 1 30  ? -24.009 -3.319  -2.743  1.00 48.50 ? 45  GLU A OE1 1 
ATOM   214  O OE2 . GLU A 1 30  ? -23.791 -5.003  -4.169  1.00 46.63 ? 45  GLU A OE2 1 
ATOM   215  N N   . ASN A 1 31  ? -21.037 -6.703  -1.014  1.00 21.37 ? 46  ASN A N   1 
ATOM   216  C CA  . ASN A 1 31  ? -21.459 -7.897  -0.272  1.00 21.03 ? 46  ASN A CA  1 
ATOM   217  C C   . ASN A 1 31  ? -20.280 -8.683  0.289   1.00 15.94 ? 46  ASN A C   1 
ATOM   218  O O   . ASN A 1 31  ? -20.355 -9.204  1.384   1.00 20.84 ? 46  ASN A O   1 
ATOM   219  C CB  . ASN A 1 31  ? -22.365 -8.811  -1.110  1.00 23.35 ? 46  ASN A CB  1 
ATOM   220  C CG  . ASN A 1 31  ? -23.860 -8.540  -0.893  1.00 25.69 ? 46  ASN A CG  1 
ATOM   221  O OD1 . ASN A 1 31  ? -24.311 -8.309  0.235   1.00 28.34 ? 46  ASN A OD1 1 
ATOM   222  N ND2 . ASN A 1 31  ? -24.644 -8.618  -1.971  1.00 27.37 ? 46  ASN A ND2 1 
ATOM   223  N N   . ALA A 1 32  ? -19.185 -8.767  -0.444  1.00 13.84 ? 47  ALA A N   1 
ATOM   224  C CA  . ALA A 1 32  ? -18.016 -9.475  0.071   1.00 11.39 ? 47  ALA A CA  1 
ATOM   225  C C   . ALA A 1 32  ? -17.530 -8.840  1.384   1.00 14.22 ? 47  ALA A C   1 
ATOM   226  O O   . ALA A 1 32  ? -17.144 -9.553  2.320   1.00 19.60 ? 47  ALA A O   1 
ATOM   227  C CB  . ALA A 1 32  ? -16.921 -9.447  -0.936  1.00 12.42 ? 47  ALA A CB  1 
ATOM   228  N N   . ILE A 1 33  ? -17.563 -7.507  1.452   1.00 10.20 ? 48  ILE A N   1 
ATOM   229  C CA  . ILE A 1 33  ? -17.143 -6.767  2.636   1.00 8.03  ? 48  ILE A CA  1 
ATOM   230  C C   . ILE A 1 33  ? -18.117 -7.047  3.755   1.00 12.43 ? 48  ILE A C   1 
ATOM   231  O O   . ILE A 1 33  ? -17.699 -7.302  4.888   1.00 15.51 ? 48  ILE A O   1 
ATOM   232  C CB  . ILE A 1 33  ? -17.068 -5.266  2.360   1.00 7.21  ? 48  ILE A CB  1 
ATOM   233  C CG1 . ILE A 1 33  ? -15.865 -4.968  1.477   1.00 6.96  ? 48  ILE A CG1 1 
ATOM   234  C CG2 . ILE A 1 33  ? -16.882 -4.476  3.643   1.00 10.67 ? 48  ILE A CG2 1 
ATOM   235  C CD1 . ILE A 1 33  ? -15.859 -3.565  0.972   1.00 4.09  ? 48  ILE A CD1 1 
ATOM   236  N N   . LYS A 1 34  ? -19.412 -7.025  3.430   1.00 15.96 ? 49  LYS A N   1 
ATOM   237  C CA  . LYS A 1 34  ? -20.480 -7.321  4.389   1.00 13.33 ? 49  LYS A CA  1 
ATOM   238  C C   . LYS A 1 34  ? -20.270 -8.689  5.041   1.00 16.94 ? 49  LYS A C   1 
ATOM   239  O O   . LYS A 1 34  ? -20.434 -8.831  6.248   1.00 18.55 ? 49  LYS A O   1 
ATOM   240  C CB  . LYS A 1 34  ? -21.837 -7.319  3.690   1.00 16.24 ? 49  LYS A CB  1 
ATOM   241  C CG  . LYS A 1 34  ? -22.986 -7.881  4.519   1.00 16.00 ? 49  LYS A CG  1 
ATOM   242  C CD  . LYS A 1 34  ? -24.224 -8.132  3.658   1.00 17.46 ? 49  LYS A CD  1 
ATOM   243  C CE  . LYS A 1 34  ? -25.347 -8.775  4.474   1.00 22.31 ? 49  LYS A CE  1 
ATOM   244  N NZ  . LYS A 1 34  ? -26.724 -8.720  3.838   1.00 21.73 ? 49  LYS A NZ  1 
ATOM   245  N N   . PHE A 1 35  ? -19.872 -9.689  4.258   1.00 15.21 ? 50  PHE A N   1 
ATOM   246  C CA  . PHE A 1 35  ? -19.670 -11.017 4.813   1.00 14.48 ? 50  PHE A CA  1 
ATOM   247  C C   . PHE A 1 35  ? -18.336 -11.318 5.452   1.00 15.77 ? 50  PHE A C   1 
ATOM   248  O O   . PHE A 1 35  ? -18.280 -12.175 6.335   1.00 19.42 ? 50  PHE A O   1 
ATOM   249  C CB  . PHE A 1 35  ? -20.118 -12.099 3.841   1.00 17.76 ? 50  PHE A CB  1 
ATOM   250  C CG  . PHE A 1 35  ? -21.608 -12.156 3.688   1.00 16.76 ? 50  PHE A CG  1 
ATOM   251  C CD1 . PHE A 1 35  ? -22.415 -12.355 4.802   1.00 16.32 ? 50  PHE A CD1 1 
ATOM   252  C CD2 . PHE A 1 35  ? -22.210 -11.885 2.466   1.00 14.08 ? 50  PHE A CD2 1 
ATOM   253  C CE1 . PHE A 1 35  ? -23.798 -12.277 4.710   1.00 18.95 ? 50  PHE A CE1 1 
ATOM   254  C CE2 . PHE A 1 35  ? -23.591 -11.807 2.362   1.00 19.42 ? 50  PHE A CE2 1 
ATOM   255  C CZ  . PHE A 1 35  ? -24.391 -11.998 3.489   1.00 19.06 ? 50  PHE A CZ  1 
ATOM   256  N N   . TYR A 1 36  ? -17.257 -10.653 5.038   1.00 13.51 ? 51  TYR A N   1 
ATOM   257  C CA  . TYR A 1 36  ? -15.989 -10.879 5.737   1.00 9.57  ? 51  TYR A CA  1 
ATOM   258  C C   . TYR A 1 36  ? -16.181 -10.294 7.107   1.00 9.99  ? 51  TYR A C   1 
ATOM   259  O O   . TYR A 1 36  ? -15.682 -10.838 8.067   1.00 19.20 ? 51  TYR A O   1 
ATOM   260  C CB  . TYR A 1 36  ? -14.821 -10.178 5.090   1.00 10.03 ? 51  TYR A CB  1 
ATOM   261  C CG  . TYR A 1 36  ? -14.416 -10.815 3.804   1.00 9.57  ? 51  TYR A CG  1 
ATOM   262  C CD1 . TYR A 1 36  ? -14.167 -12.180 3.727   1.00 9.52  ? 51  TYR A CD1 1 
ATOM   263  C CD2 . TYR A 1 36  ? -14.280 -10.056 2.660   1.00 8.55  ? 51  TYR A CD2 1 
ATOM   264  C CE1 . TYR A 1 36  ? -13.784 -12.765 2.528   1.00 10.82 ? 51  TYR A CE1 1 
ATOM   265  C CE2 . TYR A 1 36  ? -13.904 -10.630 1.462   1.00 9.69  ? 51  TYR A CE2 1 
ATOM   266  C CZ  . TYR A 1 36  ? -13.657 -11.972 1.403   1.00 10.05 ? 51  TYR A CZ  1 
ATOM   267  O OH  . TYR A 1 36  ? -13.275 -12.499 0.214   1.00 10.08 ? 51  TYR A OH  1 
ATOM   268  N N   . SER A 1 37  ? -16.966 -9.223  7.207   1.00 8.49  ? 52  SER A N   1 
ATOM   269  C CA  . SER A 1 37  ? -17.238 -8.588  8.496   1.00 8.35  ? 52  SER A CA  1 
ATOM   270  C C   . SER A 1 37  ? -17.958 -9.488  9.493   1.00 10.20 ? 52  SER A C   1 
ATOM   271  O O   . SER A 1 37  ? -17.621 -9.488  10.674  1.00 12.78 ? 52  SER A O   1 
ATOM   272  C CB  . SER A 1 37  ? -18.040 -7.301  8.311   1.00 7.91  ? 52  SER A CB  1 
ATOM   273  O OG  . SER A 1 37  ? -17.303 -6.346  7.567   1.00 10.05 ? 52  SER A OG  1 
ATOM   274  N N   . GLN A 1 38  ? -18.959 -10.243 9.037   1.00 13.18 ? 53  GLN A N   1 
ATOM   275  C CA  . GLN A 1 38  ? -19.714 -11.144 9.921   1.00 12.08 ? 53  GLN A CA  1 
ATOM   276  C C   . GLN A 1 38  ? -18.816 -12.256 10.429  1.00 13.00 ? 53  GLN A C   1 
ATOM   277  O O   . GLN A 1 38  ? -18.920 -12.665 11.580  1.00 17.37 ? 53  GLN A O   1 
ATOM   278  C CB  . GLN A 1 38  ? -20.917 -11.744 9.204   1.00 12.30 ? 53  GLN A CB  1 
ATOM   279  C CG  . GLN A 1 38  ? -22.125 -10.835 9.136   1.00 18.84 ? 53  GLN A CG  1 
ATOM   280  C CD  . GLN A 1 38  ? -23.220 -11.410 8.249   1.00 24.55 ? 53  GLN A CD  1 
ATOM   281  O OE1 . GLN A 1 38  ? -23.918 -10.675 7.541   1.00 27.59 ? 53  GLN A OE1 1 
ATOM   282  N NE2 . GLN A 1 38  ? -23.362 -12.724 8.272   1.00 26.19 ? 53  GLN A NE2 1 
ATOM   283  N N   . ALA A 1 39  ? -17.957 -12.751 9.547   1.00 14.81 ? 54  ALA A N   1 
ATOM   284  C CA  . ALA A 1 39  ? -16.999 -13.800 9.875   1.00 13.29 ? 54  ALA A CA  1 
ATOM   285  C C   . ALA A 1 39  ? -16.031 -13.243 10.914  1.00 14.35 ? 54  ALA A C   1 
ATOM   286  O O   . ALA A 1 39  ? -15.544 -13.968 11.781  1.00 16.41 ? 54  ALA A O   1 
ATOM   287  C CB  . ALA A 1 39  ? -16.239 -14.214 8.622   1.00 8.03  ? 54  ALA A CB  1 
ATOM   288  N N   . ILE A 1 40  ? -15.739 -11.952 10.820  1.00 13.33 ? 55  ILE A N   1 
ATOM   289  C CA  . ILE A 1 40  ? -14.828 -11.341 11.768  1.00 13.24 ? 55  ILE A CA  1 
ATOM   290  C C   . ILE A 1 40  ? -15.510 -11.146 13.110  1.00 17.90 ? 55  ILE A C   1 
ATOM   291  O O   . ILE A 1 40  ? -14.871 -11.298 14.140  1.00 22.98 ? 55  ILE A O   1 
ATOM   292  C CB  . ILE A 1 40  ? -14.247 -10.012 11.241  1.00 11.02 ? 55  ILE A CB  1 
ATOM   293  C CG1 . ILE A 1 40  ? -13.201 -10.312 10.143  1.00 10.41 ? 55  ILE A CG1 1 
ATOM   294  C CG2 . ILE A 1 40  ? -13.679 -9.176  12.409  1.00 6.19  ? 55  ILE A CG2 1 
ATOM   295  C CD1 . ILE A 1 40  ? -12.738 -9.103  9.307   1.00 6.92  ? 55  ILE A CD1 1 
ATOM   296  N N   . GLU A 1 41  ? -16.808 -10.842 13.110  1.00 21.47 ? 56  GLU A N   1 
ATOM   297  C CA  . GLU A 1 41  ? -17.521 -10.654 14.367  1.00 26.12 ? 56  GLU A CA  1 
ATOM   298  C C   . GLU A 1 41  ? -17.479 -11.934 15.190  1.00 25.84 ? 56  GLU A C   1 
ATOM   299  O O   . GLU A 1 41  ? -17.327 -11.874 16.410  1.00 28.12 ? 56  GLU A O   1 
ATOM   300  C CB  . GLU A 1 41  ? -18.987 -10.258 14.147  1.00 33.57 ? 56  GLU A CB  1 
ATOM   301  C CG  . GLU A 1 41  ? -19.238 -9.111  13.144  1.00 45.23 ? 56  GLU A CG  1 
ATOM   302  C CD  . GLU A 1 41  ? -18.376 -7.854  13.355  1.00 51.16 ? 56  GLU A CD  1 
ATOM   303  O OE1 . GLU A 1 41  ? -18.746 -6.999  14.194  1.00 54.96 ? 56  GLU A OE1 1 
ATOM   304  O OE2 . GLU A 1 41  ? -17.351 -7.694  12.643  1.00 53.84 ? 56  GLU A OE2 1 
ATOM   305  N N   . LEU A 1 42  ? -17.594 -13.080 14.517  1.00 22.69 ? 57  LEU A N   1 
ATOM   306  C CA  . LEU A 1 42  ? -17.596 -14.395 15.164  1.00 19.48 ? 57  LEU A CA  1 
ATOM   307  C C   . LEU A 1 42  ? -16.226 -14.979 15.489  1.00 20.96 ? 57  LEU A C   1 
ATOM   308  O O   . LEU A 1 42  ? -16.104 -15.724 16.449  1.00 27.45 ? 57  LEU A O   1 
ATOM   309  C CB  . LEU A 1 42  ? -18.380 -15.417 14.326  1.00 18.91 ? 57  LEU A CB  1 
ATOM   310  C CG  . LEU A 1 42  ? -19.851 -15.164 13.987  1.00 18.22 ? 57  LEU A CG  1 
ATOM   311  C CD1 . LEU A 1 42  ? -20.329 -16.179 12.995  1.00 16.51 ? 57  LEU A CD1 1 
ATOM   312  C CD2 . LEU A 1 42  ? -20.677 -15.226 15.249  1.00 18.65 ? 57  LEU A CD2 1 
ATOM   313  N N   . ASN A 1 43  ? -15.216 -14.687 14.668  1.00 21.14 ? 58  ASN A N   1 
ATOM   314  C CA  . ASN A 1 43  ? -13.845 -15.183 14.855  1.00 17.28 ? 58  ASN A CA  1 
ATOM   315  C C   . ASN A 1 43  ? -12.948 -13.963 14.644  1.00 17.75 ? 58  ASN A C   1 
ATOM   316  O O   . ASN A 1 43  ? -12.160 -13.899 13.702  1.00 22.99 ? 58  ASN A O   1 
ATOM   317  C CB  . ASN A 1 43  ? -13.550 -16.249 13.791  1.00 19.28 ? 58  ASN A CB  1 
ATOM   318  C CG  . ASN A 1 43  ? -12.187 -16.893 13.954  1.00 21.44 ? 58  ASN A CG  1 
ATOM   319  O OD1 . ASN A 1 43  ? -11.409 -16.543 14.848  1.00 24.21 ? 58  ASN A OD1 1 
ATOM   320  N ND2 . ASN A 1 43  ? -11.882 -17.842 13.086  1.00 19.76 ? 58  ASN A ND2 1 
ATOM   321  N N   . PRO A 1 44  ? -12.993 -13.015 15.584  1.00 15.78 ? 59  PRO A N   1 
ATOM   322  C CA  . PRO A 1 44  ? -12.222 -11.775 15.520  1.00 18.10 ? 59  PRO A CA  1 
ATOM   323  C C   . PRO A 1 44  ? -10.712 -11.868 15.495  1.00 20.47 ? 59  PRO A C   1 
ATOM   324  O O   . PRO A 1 44  ? -10.035 -10.839 15.418  1.00 24.14 ? 59  PRO A O   1 
ATOM   325  C CB  . PRO A 1 44  ? -12.716 -11.017 16.751  1.00 16.13 ? 59  PRO A CB  1 
ATOM   326  C CG  . PRO A 1 44  ? -12.904 -12.096 17.728  1.00 17.37 ? 59  PRO A CG  1 
ATOM   327  C CD  . PRO A 1 44  ? -13.584 -13.190 16.918  1.00 15.86 ? 59  PRO A CD  1 
ATOM   328  N N   . SER A 1 45  ? -10.176 -13.069 15.470  1.00 19.53 ? 60  SER A N   1 
ATOM   329  C CA  . SER A 1 45  ? -8.737  -13.193 15.491  1.00 22.44 ? 60  SER A CA  1 
ATOM   330  C C   . SER A 1 45  ? -8.150  -13.949 14.303  1.00 22.49 ? 60  SER A C   1 
ATOM   331  O O   . SER A 1 45  ? -6.958  -14.289 14.296  1.00 26.69 ? 60  SER A O   1 
ATOM   332  C CB  . SER A 1 45  ? -8.315  -13.840 16.809  1.00 22.63 ? 60  SER A CB  1 
ATOM   333  O OG  . SER A 1 45  ? -8.775  -15.181 16.826  1.00 32.48 ? 60  SER A OG  1 
ATOM   334  N N   . ASN A 1 46  ? -8.971  -14.170 13.282  1.00 23.01 ? 61  ASN A N   1 
ATOM   335  C CA  . ASN A 1 46  ? -8.536  -14.872 12.080  1.00 21.37 ? 61  ASN A CA  1 
ATOM   336  C C   . ASN A 1 46  ? -7.909  -13.856 11.116  1.00 24.64 ? 61  ASN A C   1 
ATOM   337  O O   . ASN A 1 46  ? -8.619  -13.003 10.567  1.00 31.08 ? 61  ASN A O   1 
ATOM   338  C CB  . ASN A 1 46  ? -9.738  -15.527 11.424  1.00 19.38 ? 61  ASN A CB  1 
ATOM   339  C CG  . ASN A 1 46  ? -9.356  -16.528 10.360  1.00 21.02 ? 61  ASN A CG  1 
ATOM   340  O OD1 . ASN A 1 46  ? -8.216  -16.588 9.906   1.00 22.95 ? 61  ASN A OD1 1 
ATOM   341  N ND2 . ASN A 1 46  ? -10.308 -17.348 9.979   1.00 19.67 ? 61  ASN A ND2 1 
ATOM   342  N N   . ALA A 1 47  ? -6.593  -13.969 10.897  1.00 23.65 ? 62  ALA A N   1 
ATOM   343  C CA  . ALA A 1 47  ? -5.834  -13.075 10.008  1.00 16.43 ? 62  ALA A CA  1 
ATOM   344  C C   . ALA A 1 47  ? -6.258  -13.128 8.568   1.00 16.44 ? 62  ALA A C   1 
ATOM   345  O O   . ALA A 1 47  ? -6.234  -12.118 7.884   1.00 22.41 ? 62  ALA A O   1 
ATOM   346  C CB  . ALA A 1 47  ? -4.370  -13.366 10.091  1.00 14.71 ? 62  ALA A CB  1 
ATOM   347  N N   . ILE A 1 48  ? -6.643  -14.296 8.086   1.00 16.91 ? 63  ILE A N   1 
ATOM   348  C CA  . ILE A 1 48  ? -7.058  -14.409 6.707   1.00 13.85 ? 63  ILE A CA  1 
ATOM   349  C C   . ILE A 1 48  ? -8.306  -13.573 6.406   1.00 20.28 ? 63  ILE A C   1 
ATOM   350  O O   . ILE A 1 48  ? -8.386  -12.936 5.352   1.00 30.47 ? 63  ILE A O   1 
ATOM   351  C CB  . ILE A 1 48  ? -7.264  -15.871 6.305   1.00 12.34 ? 63  ILE A CB  1 
ATOM   352  C CG1 . ILE A 1 48  ? -5.916  -16.544 6.113   1.00 11.65 ? 63  ILE A CG1 1 
ATOM   353  C CG2 . ILE A 1 48  ? -8.053  -15.980 5.020   1.00 11.44 ? 63  ILE A CG2 1 
ATOM   354  C CD1 . ILE A 1 48  ? -5.160  -16.787 7.375   1.00 16.20 ? 63  ILE A CD1 1 
ATOM   355  N N   . TYR A 1 49  ? -9.254  -13.503 7.338   1.00 16.80 ? 64  TYR A N   1 
ATOM   356  C CA  . TYR A 1 49  ? -10.467 -12.734 7.080   1.00 9.45  ? 64  TYR A CA  1 
ATOM   357  C C   . TYR A 1 49  ? -10.121 -11.283 6.815   1.00 10.48 ? 64  TYR A C   1 
ATOM   358  O O   . TYR A 1 49  ? -10.673 -10.648 5.910   1.00 11.48 ? 64  TYR A O   1 
ATOM   359  C CB  . TYR A 1 49  ? -11.436 -12.844 8.255   1.00 13.00 ? 64  TYR A CB  1 
ATOM   360  C CG  . TYR A 1 49  ? -11.973 -14.236 8.471   1.00 13.17 ? 64  TYR A CG  1 
ATOM   361  C CD1 . TYR A 1 49  ? -11.696 -15.247 7.564   1.00 12.26 ? 64  TYR A CD1 1 
ATOM   362  C CD2 . TYR A 1 49  ? -12.683 -14.560 9.622   1.00 16.77 ? 64  TYR A CD2 1 
ATOM   363  C CE1 . TYR A 1 49  ? -12.085 -16.532 7.795   1.00 14.18 ? 64  TYR A CE1 1 
ATOM   364  C CE2 . TYR A 1 49  ? -13.082 -15.857 9.860   1.00 18.16 ? 64  TYR A CE2 1 
ATOM   365  C CZ  . TYR A 1 49  ? -12.767 -16.840 8.941   1.00 17.40 ? 64  TYR A CZ  1 
ATOM   366  O OH  . TYR A 1 49  ? -13.062 -18.159 9.181   1.00 17.96 ? 64  TYR A OH  1 
ATOM   367  N N   . TYR A 1 50  ? -9.198  -10.771 7.621   1.00 10.13 ? 65  TYR A N   1 
ATOM   368  C CA  . TYR A 1 50  ? -8.726  -9.398  7.512   1.00 7.74  ? 65  TYR A CA  1 
ATOM   369  C C   . TYR A 1 50  ? -7.962  -9.223  6.224   1.00 10.17 ? 65  TYR A C   1 
ATOM   370  O O   . TYR A 1 50  ? -8.117  -8.222  5.543   1.00 14.22 ? 65  TYR A O   1 
ATOM   371  C CB  . TYR A 1 50  ? -7.821  -9.055  8.682   1.00 6.74  ? 65  TYR A CB  1 
ATOM   372  C CG  . TYR A 1 50  ? -8.568  -8.758  9.959   1.00 7.37  ? 65  TYR A CG  1 
ATOM   373  C CD1 . TYR A 1 50  ? -9.186  -7.524  10.159  1.00 7.13  ? 65  TYR A CD1 1 
ATOM   374  C CD2 . TYR A 1 50  ? -8.651  -9.705  10.970  1.00 10.28 ? 65  TYR A CD2 1 
ATOM   375  C CE1 . TYR A 1 50  ? -9.875  -7.240  11.355  1.00 12.21 ? 65  TYR A CE1 1 
ATOM   376  C CE2 . TYR A 1 50  ? -9.348  -9.443  12.160  1.00 11.69 ? 65  TYR A CE2 1 
ATOM   377  C CZ  . TYR A 1 50  ? -9.954  -8.211  12.350  1.00 13.69 ? 65  TYR A CZ  1 
ATOM   378  O OH  . TYR A 1 50  ? -10.620 -7.958  13.540  1.00 15.83 ? 65  TYR A OH  1 
ATOM   379  N N   . GLY A 1 51  ? -7.165  -10.222 5.867   1.00 10.02 ? 66  GLY A N   1 
ATOM   380  C CA  . GLY A 1 51  ? -6.413  -10.138 4.637   1.00 7.84  ? 66  GLY A CA  1 
ATOM   381  C C   . GLY A 1 51  ? -7.386  -10.025 3.495   1.00 11.06 ? 66  GLY A C   1 
ATOM   382  O O   . GLY A 1 51  ? -7.257  -9.168  2.634   1.00 17.34 ? 66  GLY A O   1 
ATOM   383  N N   . ASN A 1 52  ? -8.431  -10.830 3.530   1.00 9.91  ? 67  ASN A N   1 
ATOM   384  C CA  . ASN A 1 52  ? -9.393  -10.812 2.458   1.00 6.36  ? 67  ASN A CA  1 
ATOM   385  C C   . ASN A 1 52  ? -10.166 -9.530  2.400   1.00 7.69  ? 67  ASN A C   1 
ATOM   386  O O   . ASN A 1 52  ? -10.310 -8.949  1.324   1.00 10.75 ? 67  ASN A O   1 
ATOM   387  C CB  . ASN A 1 52  ? -10.342 -11.993 2.585   1.00 11.10 ? 67  ASN A CB  1 
ATOM   388  C CG  . ASN A 1 52  ? -9.670  -13.302 2.260   1.00 11.22 ? 67  ASN A CG  1 
ATOM   389  O OD1 . ASN A 1 52  ? -8.522  -13.336 1.802   1.00 10.52 ? 67  ASN A OD1 1 
ATOM   390  N ND2 . ASN A 1 52  ? -10.388 -14.390 2.469   1.00 10.23 ? 67  ASN A ND2 1 
ATOM   391  N N   . ARG A 1 53  ? -10.643 -9.057  3.543   1.00 7.11  ? 68  ARG A N   1 
ATOM   392  C CA  . ARG A 1 53  ? -11.422 -7.826  3.541   1.00 11.05 ? 68  ARG A CA  1 
ATOM   393  C C   . ARG A 1 53  ? -10.586 -6.643  3.128   1.00 13.04 ? 68  ARG A C   1 
ATOM   394  O O   . ARG A 1 53  ? -11.091 -5.710  2.517   1.00 19.23 ? 68  ARG A O   1 
ATOM   395  C CB  . ARG A 1 53  ? -12.100 -7.551  4.874   1.00 11.73 ? 68  ARG A CB  1 
ATOM   396  C CG  . ARG A 1 53  ? -13.215 -6.488  4.756   1.00 9.31  ? 68  ARG A CG  1 
ATOM   397  C CD  . ARG A 1 53  ? -14.005 -6.239  6.078   1.00 7.92  ? 68  ARG A CD  1 
ATOM   398  N NE  . ARG A 1 53  ? -13.174 -5.712  7.170   1.00 3.29  ? 68  ARG A NE  1 
ATOM   399  C CZ  . ARG A 1 53  ? -13.596 -5.544  8.414   1.00 4.46  ? 68  ARG A CZ  1 
ATOM   400  N NH1 . ARG A 1 53  ? -14.850 -5.853  8.759   1.00 2.00  ? 68  ARG A NH1 1 
ATOM   401  N NH2 . ARG A 1 53  ? -12.747 -5.125  9.330   1.00 3.70  ? 68  ARG A NH2 1 
ATOM   402  N N   . SER A 1 54  ? -9.306  -6.684  3.448   1.00 11.35 ? 69  SER A N   1 
ATOM   403  C CA  . SER A 1 54  ? -8.410  -5.610  3.053   1.00 9.68  ? 69  SER A CA  1 
ATOM   404  C C   . SER A 1 54  ? -8.447  -5.539  1.542   1.00 6.30  ? 69  SER A C   1 
ATOM   405  O O   . SER A 1 54  ? -8.704  -4.484  0.983   1.00 7.35  ? 69  SER A O   1 
ATOM   406  C CB  . SER A 1 54  ? -6.974  -5.888  3.528   1.00 7.94  ? 69  SER A CB  1 
ATOM   407  O OG  . SER A 1 54  ? -6.054  -4.964  2.973   1.00 14.07 ? 69  SER A OG  1 
ATOM   408  N N   . LEU A 1 55  ? -8.275  -6.680  0.881   1.00 8.68  ? 70  LEU A N   1 
ATOM   409  C CA  . LEU A 1 55  ? -8.265  -6.696  -0.572  1.00 9.82  ? 70  LEU A CA  1 
ATOM   410  C C   . LEU A 1 55  ? -9.571  -6.207  -1.097  1.00 10.89 ? 70  LEU A C   1 
ATOM   411  O O   . LEU A 1 55  ? -9.609  -5.448  -2.061  1.00 13.66 ? 70  LEU A O   1 
ATOM   412  C CB  . LEU A 1 55  ? -7.950  -8.080  -1.141  1.00 13.24 ? 70  LEU A CB  1 
ATOM   413  C CG  . LEU A 1 55  ? -7.973  -8.103  -2.684  1.00 13.44 ? 70  LEU A CG  1 
ATOM   414  C CD1 . LEU A 1 55  ? -7.027  -7.072  -3.266  1.00 9.61  ? 70  LEU A CD1 1 
ATOM   415  C CD2 . LEU A 1 55  ? -7.631  -9.479  -3.215  1.00 14.05 ? 70  LEU A CD2 1 
ATOM   416  N N   . ALA A 1 56  ? -10.656 -6.651  -0.480  1.00 13.36 ? 71  ALA A N   1 
ATOM   417  C CA  . ALA A 1 56  ? -11.972 -6.181  -0.905  1.00 12.23 ? 71  ALA A CA  1 
ATOM   418  C C   . ALA A 1 56  ? -12.009 -4.669  -0.784  1.00 9.90  ? 71  ALA A C   1 
ATOM   419  O O   . ALA A 1 56  ? -12.712 -4.020  -1.527  1.00 14.78 ? 71  ALA A O   1 
ATOM   420  C CB  . ALA A 1 56  ? -13.075 -6.789  -0.061  1.00 13.99 ? 71  ALA A CB  1 
ATOM   421  N N   . TYR A 1 57  ? -11.280 -4.106  0.176   1.00 12.64 ? 72  TYR A N   1 
ATOM   422  C CA  . TYR A 1 57  ? -11.251 -2.655  0.341   1.00 8.74  ? 72  TYR A CA  1 
ATOM   423  C C   . TYR A 1 57  ? -10.361 -2.003  -0.711  1.00 12.50 ? 72  TYR A C   1 
ATOM   424  O O   . TYR A 1 57  ? -10.624 -0.878  -1.126  1.00 17.83 ? 72  TYR A O   1 
ATOM   425  C CB  . TYR A 1 57  ? -10.787 -2.267  1.742   1.00 7.33  ? 72  TYR A CB  1 
ATOM   426  C CG  . TYR A 1 57  ? -11.907 -2.206  2.782   1.00 5.09  ? 72  TYR A CG  1 
ATOM   427  C CD1 . TYR A 1 57  ? -13.081 -1.532  2.528   1.00 2.75  ? 72  TYR A CD1 1 
ATOM   428  C CD2 . TYR A 1 57  ? -11.778 -2.856  4.014   1.00 5.29  ? 72  TYR A CD2 1 
ATOM   429  C CE1 . TYR A 1 57  ? -14.109 -1.502  3.451   1.00 2.46  ? 72  TYR A CE1 1 
ATOM   430  C CE2 . TYR A 1 57  ? -12.787 -2.830  4.936   1.00 3.41  ? 72  TYR A CE2 1 
ATOM   431  C CZ  . TYR A 1 57  ? -13.954 -2.152  4.645   1.00 3.42  ? 72  TYR A CZ  1 
ATOM   432  O OH  . TYR A 1 57  ? -14.952 -2.115  5.572   1.00 7.55  ? 72  TYR A OH  1 
ATOM   433  N N   . LEU A 1 58  ? -9.302  -2.685  -1.146  1.00 12.67 ? 73  LEU A N   1 
ATOM   434  C CA  . LEU A 1 58  ? -8.434  -2.115  -2.185  1.00 11.52 ? 73  LEU A CA  1 
ATOM   435  C C   . LEU A 1 58  ? -9.201  -2.046  -3.509  1.00 14.08 ? 73  LEU A C   1 
ATOM   436  O O   . LEU A 1 58  ? -9.081  -1.055  -4.242  1.00 17.66 ? 73  LEU A O   1 
ATOM   437  C CB  . LEU A 1 58  ? -7.155  -2.938  -2.364  1.00 9.10  ? 73  LEU A CB  1 
ATOM   438  C CG  . LEU A 1 58  ? -6.169  -3.026  -1.201  1.00 6.30  ? 73  LEU A CG  1 
ATOM   439  C CD1 . LEU A 1 58  ? -5.072  -4.037  -1.488  1.00 2.28  ? 73  LEU A CD1 1 
ATOM   440  C CD2 . LEU A 1 58  ? -5.586  -1.662  -0.950  1.00 7.73  ? 73  LEU A CD2 1 
ATOM   441  N N   . ARG A 1 59  ? -10.003 -3.083  -3.795  1.00 12.50 ? 74  ARG A N   1 
ATOM   442  C CA  . ARG A 1 59  ? -10.813 -3.145  -5.022  1.00 14.49 ? 74  ARG A CA  1 
ATOM   443  C C   . ARG A 1 59  ? -11.879 -2.035  -5.150  1.00 16.49 ? 74  ARG A C   1 
ATOM   444  O O   . ARG A 1 59  ? -12.268 -1.684  -6.266  1.00 21.39 ? 74  ARG A O   1 
ATOM   445  C CB  . ARG A 1 59  ? -11.481 -4.525  -5.206  1.00 12.90 ? 74  ARG A CB  1 
ATOM   446  C CG  . ARG A 1 59  ? -10.534 -5.738  -5.491  1.00 14.96 ? 74  ARG A CG  1 
ATOM   447  C CD  . ARG A 1 59  ? -10.096 -5.899  -6.984  1.00 15.46 ? 74  ARG A CD  1 
ATOM   448  N NE  . ARG A 1 59  ? -10.055 -7.304  -7.435  1.00 17.87 ? 74  ARG A NE  1 
ATOM   449  C CZ  . ARG A 1 59  ? -8.994  -8.099  -7.322  1.00 17.96 ? 74  ARG A CZ  1 
ATOM   450  N NH1 . ARG A 1 59  ? -7.889  -7.632  -6.779  1.00 22.62 ? 74  ARG A NH1 1 
ATOM   451  N NH2 . ARG A 1 59  ? -9.033  -9.360  -7.728  1.00 16.46 ? 74  ARG A NH2 1 
ATOM   452  N N   . THR A 1 60  ? -12.379 -1.509  -4.031  1.00 17.56 ? 75  THR A N   1 
ATOM   453  C CA  . THR A 1 60  ? -13.370 -0.422  -4.060  1.00 16.22 ? 75  THR A CA  1 
ATOM   454  C C   . THR A 1 60  ? -12.732 0.935   -3.698  1.00 17.99 ? 75  THR A C   1 
ATOM   455  O O   . THR A 1 60  ? -13.434 1.862   -3.292  1.00 22.56 ? 75  THR A O   1 
ATOM   456  C CB  . THR A 1 60  ? -14.616 -0.710  -3.122  1.00 16.80 ? 75  THR A CB  1 
ATOM   457  O OG1 . THR A 1 60  ? -14.188 -1.185  -1.840  1.00 17.14 ? 75  THR A OG1 1 
ATOM   458  C CG2 . THR A 1 60  ? -15.517 -1.760  -3.728  1.00 17.85 ? 75  THR A CG2 1 
ATOM   459  N N   . GLU A 1 61  ? -11.402 1.017   -3.815  1.00 15.07 ? 76  GLU A N   1 
ATOM   460  C CA  . GLU A 1 61  ? -10.609 2.223   -3.541  1.00 17.22 ? 76  GLU A CA  1 
ATOM   461  C C   . GLU A 1 61  ? -10.644 2.846   -2.132  1.00 16.85 ? 76  GLU A C   1 
ATOM   462  O O   . GLU A 1 61  ? -10.359 4.034   -1.968  1.00 18.00 ? 76  GLU A O   1 
ATOM   463  C CB  . GLU A 1 61  ? -10.884 3.302   -4.596  1.00 17.31 ? 76  GLU A CB  1 
ATOM   464  C CG  . GLU A 1 61  ? -10.476 2.886   -6.007  1.00 25.95 ? 76  GLU A CG  1 
ATOM   465  C CD  . GLU A 1 61  ? -10.948 3.848   -7.107  1.00 27.44 ? 76  GLU A CD  1 
ATOM   466  O OE1 . GLU A 1 61  ? -11.633 4.853   -6.811  1.00 26.03 ? 76  GLU A OE1 1 
ATOM   467  O OE2 . GLU A 1 61  ? -10.643 3.582   -8.295  1.00 34.62 ? 76  GLU A OE2 1 
ATOM   468  N N   . CYS A 1 62  ? -10.950 2.050   -1.118  1.00 13.50 ? 77  CYS A N   1 
ATOM   469  C CA  . CYS A 1 62  ? -10.986 2.520   0.258   1.00 9.43  ? 77  CYS A CA  1 
ATOM   470  C C   . CYS A 1 62  ? -9.616  2.224   0.864   1.00 9.98  ? 77  CYS A C   1 
ATOM   471  O O   . CYS A 1 62  ? -9.425  1.289   1.630   1.00 10.35 ? 77  CYS A O   1 
ATOM   472  C CB  . CYS A 1 62  ? -12.087 1.797   1.011   1.00 11.60 ? 77  CYS A CB  1 
ATOM   473  S SG  . CYS A 1 62  ? -13.717 2.227   0.417   1.00 16.99 ? 77  CYS A SG  1 
ATOM   474  N N   . TYR A 1 63  ? -8.645  3.045   0.519   1.00 9.91  ? 78  TYR A N   1 
ATOM   475  C CA  . TYR A 1 63  ? -7.290  2.804   0.984   1.00 8.90  ? 78  TYR A CA  1 
ATOM   476  C C   . TYR A 1 63  ? -7.018  2.905   2.499   1.00 6.23  ? 78  TYR A C   1 
ATOM   477  O O   . TYR A 1 63  ? -6.131  2.237   2.997   1.00 5.51  ? 78  TYR A O   1 
ATOM   478  C CB  . TYR A 1 63  ? -6.327  3.639   0.140   1.00 9.62  ? 78  TYR A CB  1 
ATOM   479  C CG  . TYR A 1 63  ? -6.544  3.515   -1.377  1.00 10.79 ? 78  TYR A CG  1 
ATOM   480  C CD1 . TYR A 1 63  ? -6.561  2.262   -2.014  1.00 8.99  ? 78  TYR A CD1 1 
ATOM   481  C CD2 . TYR A 1 63  ? -6.720  4.655   -2.176  1.00 10.69 ? 78  TYR A CD2 1 
ATOM   482  C CE1 . TYR A 1 63  ? -6.749  2.147   -3.393  1.00 9.97  ? 78  TYR A CE1 1 
ATOM   483  C CE2 . TYR A 1 63  ? -6.914  4.544   -3.573  1.00 8.95  ? 78  TYR A CE2 1 
ATOM   484  C CZ  . TYR A 1 63  ? -6.927  3.290   -4.165  1.00 11.53 ? 78  TYR A CZ  1 
ATOM   485  O OH  . TYR A 1 63  ? -7.130  3.174   -5.522  1.00 16.57 ? 78  TYR A OH  1 
ATOM   486  N N   . GLY A 1 64  ? -7.812  3.670   3.237   1.00 10.31 ? 79  GLY A N   1 
ATOM   487  C CA  . GLY A 1 64  ? -7.611  3.790   4.677   1.00 3.87  ? 79  GLY A CA  1 
ATOM   488  C C   . GLY A 1 64  ? -8.115  2.551   5.387   1.00 10.89 ? 79  GLY A C   1 
ATOM   489  O O   . GLY A 1 64  ? -7.509  2.032   6.340   1.00 16.48 ? 79  GLY A O   1 
ATOM   490  N N   . TYR A 1 65  ? -9.246  2.056   4.924   1.00 9.47  ? 80  TYR A N   1 
ATOM   491  C CA  . TYR A 1 65  ? -9.786  0.850   5.509   1.00 7.33  ? 80  TYR A CA  1 
ATOM   492  C C   . TYR A 1 65  ? -8.861  -0.347  5.247   1.00 10.63 ? 80  TYR A C   1 
ATOM   493  O O   . TYR A 1 65  ? -8.524  -1.105  6.180   1.00 8.74  ? 80  TYR A O   1 
ATOM   494  C CB  . TYR A 1 65  ? -11.175 0.611   4.944   1.00 8.15  ? 80  TYR A CB  1 
ATOM   495  C CG  . TYR A 1 65  ? -12.242 1.521   5.523   1.00 10.51 ? 80  TYR A CG  1 
ATOM   496  C CD1 . TYR A 1 65  ? -12.255 1.809   6.885   1.00 6.78  ? 80  TYR A CD1 1 
ATOM   497  C CD2 . TYR A 1 65  ? -13.297 2.013   4.725   1.00 9.39  ? 80  TYR A CD2 1 
ATOM   498  C CE1 . TYR A 1 65  ? -13.265 2.550   7.447   1.00 8.10  ? 80  TYR A CE1 1 
ATOM   499  C CE2 . TYR A 1 65  ? -14.335 2.748   5.288   1.00 4.95  ? 80  TYR A CE2 1 
ATOM   500  C CZ  . TYR A 1 65  ? -14.298 3.017   6.656   1.00 10.50 ? 80  TYR A CZ  1 
ATOM   501  O OH  . TYR A 1 65  ? -15.240 3.811   7.252   1.00 10.74 ? 80  TYR A OH  1 
ATOM   502  N N   . ALA A 1 66  ? -8.419  -0.493  3.988   1.00 8.79  ? 81  ALA A N   1 
ATOM   503  C CA  . ALA A 1 66  ? -7.525  -1.593  3.567   1.00 9.24  ? 81  ALA A CA  1 
ATOM   504  C C   . ALA A 1 66  ? -6.216  -1.651  4.350   1.00 10.13 ? 81  ALA A C   1 
ATOM   505  O O   . ALA A 1 66  ? -5.684  -2.725  4.614   1.00 10.41 ? 81  ALA A O   1 
ATOM   506  C CB  . ALA A 1 66  ? -7.218  -1.472  2.113   1.00 8.31  ? 81  ALA A CB  1 
ATOM   507  N N   . LEU A 1 67  ? -5.682  -0.478  4.660   1.00 11.93 ? 82  LEU A N   1 
ATOM   508  C CA  . LEU A 1 67  ? -4.446  -0.330  5.425   1.00 12.69 ? 82  LEU A CA  1 
ATOM   509  C C   . LEU A 1 67  ? -4.738  -0.771  6.852   1.00 12.32 ? 82  LEU A C   1 
ATOM   510  O O   . LEU A 1 67  ? -3.973  -1.504  7.453   1.00 16.36 ? 82  LEU A O   1 
ATOM   511  C CB  . LEU A 1 67  ? -4.008  1.146   5.379   1.00 14.72 ? 82  LEU A CB  1 
ATOM   512  C CG  . LEU A 1 67  ? -2.698  1.753   5.906   1.00 14.01 ? 82  LEU A CG  1 
ATOM   513  C CD1 . LEU A 1 67  ? -2.953  2.325   7.236   1.00 15.96 ? 82  LEU A CD1 1 
ATOM   514  C CD2 . LEU A 1 67  ? -1.529  0.775   5.926   1.00 13.29 ? 82  LEU A CD2 1 
ATOM   515  N N   . GLY A 1 68  ? -5.867  -0.337  7.386   1.00 9.57  ? 83  GLY A N   1 
ATOM   516  C CA  . GLY A 1 68  ? -6.224  -0.743  8.721   1.00 12.64 ? 83  GLY A CA  1 
ATOM   517  C C   . GLY A 1 68  ? -6.364  -2.257  8.783   1.00 15.33 ? 83  GLY A C   1 
ATOM   518  O O   . GLY A 1 68  ? -5.784  -2.903  9.655   1.00 14.52 ? 83  GLY A O   1 
ATOM   519  N N   . ASP A 1 69  ? -7.145  -2.832  7.873   1.00 15.91 ? 84  ASP A N   1 
ATOM   520  C CA  . ASP A 1 69  ? -7.331  -4.286  7.835   1.00 12.38 ? 84  ASP A CA  1 
ATOM   521  C C   . ASP A 1 69  ? -6.007  -5.021  7.627   1.00 14.78 ? 84  ASP A C   1 
ATOM   522  O O   . ASP A 1 69  ? -5.849  -6.148  8.110   1.00 14.83 ? 84  ASP A O   1 
ATOM   523  C CB  . ASP A 1 69  ? -8.291  -4.694  6.712   1.00 6.54  ? 84  ASP A CB  1 
ATOM   524  C CG  . ASP A 1 69  ? -9.741  -4.690  7.143   1.00 11.11 ? 84  ASP A CG  1 
ATOM   525  O OD1 . ASP A 1 69  ? -10.035 -4.516  8.349   1.00 7.79  ? 84  ASP A OD1 1 
ATOM   526  O OD2 . ASP A 1 69  ? -10.610 -4.854  6.270   1.00 12.67 ? 84  ASP A OD2 1 
ATOM   527  N N   . ALA A 1 70  ? -5.064  -4.407  6.901   1.00 15.71 ? 85  ALA A N   1 
ATOM   528  C CA  . ALA A 1 70  ? -3.767  -5.037  6.628   1.00 12.64 ? 85  ALA A CA  1 
ATOM   529  C C   . ALA A 1 70  ? -2.834  -5.087  7.841   1.00 13.89 ? 85  ALA A C   1 
ATOM   530  O O   . ALA A 1 70  ? -2.091  -6.057  8.023   1.00 14.26 ? 85  ALA A O   1 
ATOM   531  C CB  . ALA A 1 70  ? -3.093  -4.352  5.471   1.00 15.60 ? 85  ALA A CB  1 
ATOM   532  N N   . THR A 1 71  ? -2.853  -4.021  8.640   1.00 13.99 ? 86  THR A N   1 
ATOM   533  C CA  . THR A 1 71  ? -2.053  -3.919  9.858   1.00 12.99 ? 86  THR A CA  1 
ATOM   534  C C   . THR A 1 71  ? -2.559  -4.904  10.915  1.00 12.00 ? 86  THR A C   1 
ATOM   535  O O   . THR A 1 71  ? -1.785  -5.476  11.661  1.00 17.55 ? 86  THR A O   1 
ATOM   536  C CB  . THR A 1 71  ? -2.156  -2.490  10.406  1.00 11.63 ? 86  THR A CB  1 
ATOM   537  O OG1 . THR A 1 71  ? -1.801  -1.570  9.370   1.00 12.45 ? 86  THR A OG1 1 
ATOM   538  C CG2 . THR A 1 71  ? -1.248  -2.292  11.583  1.00 12.13 ? 86  THR A CG2 1 
ATOM   539  N N   . ARG A 1 72  ? -3.875  -5.071  10.984  1.00 17.20 ? 87  ARG A N   1 
ATOM   540  C CA  . ARG A 1 72  ? -4.515  -5.986  11.929  1.00 19.31 ? 87  ARG A CA  1 
ATOM   541  C C   . ARG A 1 72  ? -4.107  -7.418  11.606  1.00 19.89 ? 87  ARG A C   1 
ATOM   542  O O   . ARG A 1 72  ? -3.783  -8.184  12.504  1.00 25.08 ? 87  ARG A O   1 
ATOM   543  C CB  . ARG A 1 72  ? -6.042  -5.856  11.854  1.00 20.87 ? 87  ARG A CB  1 
ATOM   544  C CG  . ARG A 1 72  ? -6.792  -6.551  12.978  1.00 24.11 ? 87  ARG A CG  1 
ATOM   545  C CD  . ARG A 1 72  ? -6.573  -5.844  14.292  1.00 26.01 ? 87  ARG A CD  1 
ATOM   546  N NE  . ARG A 1 72  ? -6.952  -6.693  15.415  1.00 31.91 ? 87  ARG A NE  1 
ATOM   547  C CZ  . ARG A 1 72  ? -6.136  -6.990  16.420  1.00 31.40 ? 87  ARG A CZ  1 
ATOM   548  N NH1 . ARG A 1 72  ? -4.904  -6.504  16.427  1.00 32.36 ? 87  ARG A NH1 1 
ATOM   549  N NH2 . ARG A 1 72  ? -6.544  -7.773  17.406  1.00 30.05 ? 87  ARG A NH2 1 
ATOM   550  N N   . ALA A 1 73  ? -4.142  -7.779  10.325  1.00 18.72 ? 88  ALA A N   1 
ATOM   551  C CA  . ALA A 1 73  ? -3.744  -9.110  9.865   1.00 19.36 ? 88  ALA A CA  1 
ATOM   552  C C   . ALA A 1 73  ? -2.323  -9.412  10.303  1.00 22.01 ? 88  ALA A C   1 
ATOM   553  O O   . ALA A 1 73  ? -1.997  -10.556 10.626  1.00 29.07 ? 88  ALA A O   1 
ATOM   554  C CB  . ALA A 1 73  ? -3.824  -9.199  8.343   1.00 16.03 ? 88  ALA A CB  1 
ATOM   555  N N   . ILE A 1 74  ? -1.468  -8.394  10.258  1.00 21.33 ? 89  ILE A N   1 
ATOM   556  C CA  . ILE A 1 74  ? -0.065  -8.542  10.648  1.00 19.33 ? 89  ILE A CA  1 
ATOM   557  C C   . ILE A 1 74  ? 0.086   -8.557  12.170  1.00 21.83 ? 89  ILE A C   1 
ATOM   558  O O   . ILE A 1 74  ? 1.033   -9.150  12.681  1.00 23.03 ? 89  ILE A O   1 
ATOM   559  C CB  . ILE A 1 74  ? 0.837   -7.470  9.956   1.00 14.66 ? 89  ILE A CB  1 
ATOM   560  C CG1 . ILE A 1 74  ? 0.679   -7.623  8.438   1.00 10.22 ? 89  ILE A CG1 1 
ATOM   561  C CG2 . ILE A 1 74  ? 2.298   -7.625  10.374  1.00 8.27  ? 89  ILE A CG2 1 
ATOM   562  C CD1 . ILE A 1 74  ? 1.407   -6.642  7.633   1.00 10.26 ? 89  ILE A CD1 1 
ATOM   563  N N   . GLU A 1 75  ? -0.858  -7.938  12.890  1.00 21.46 ? 90  GLU A N   1 
ATOM   564  C CA  . GLU A 1 75  ? -0.826  -7.945  14.355  1.00 22.29 ? 90  GLU A CA  1 
ATOM   565  C C   . GLU A 1 75  ? -1.206  -9.346  14.842  1.00 24.22 ? 90  GLU A C   1 
ATOM   566  O O   . GLU A 1 75  ? -0.640  -9.847  15.814  1.00 29.46 ? 90  GLU A O   1 
ATOM   567  C CB  . GLU A 1 75  ? -1.772  -6.889  14.935  1.00 21.68 ? 90  GLU A CB  1 
ATOM   568  C CG  . GLU A 1 75  ? -1.291  -5.465  14.615  1.00 30.39 ? 90  GLU A CG  1 
ATOM   569  C CD  . GLU A 1 75  ? -2.210  -4.332  15.077  1.00 30.19 ? 90  GLU A CD  1 
ATOM   570  O OE1 . GLU A 1 75  ? -3.327  -4.601  15.585  1.00 24.86 ? 90  GLU A OE1 1 
ATOM   571  O OE2 . GLU A 1 75  ? -1.778  -3.156  14.909  1.00 29.63 ? 90  GLU A OE2 1 
ATOM   572  N N   . LEU A 1 76  ? -2.079  -10.003 14.081  1.00 23.06 ? 91  LEU A N   1 
ATOM   573  C CA  . LEU A 1 76  ? -2.575  -11.344 14.380  1.00 22.31 ? 91  LEU A CA  1 
ATOM   574  C C   . LEU A 1 76  ? -1.675  -12.512 14.005  1.00 20.94 ? 91  LEU A C   1 
ATOM   575  O O   . LEU A 1 76  ? -1.642  -13.521 14.702  1.00 24.82 ? 91  LEU A O   1 
ATOM   576  C CB  . LEU A 1 76  ? -3.954  -11.533 13.742  1.00 22.21 ? 91  LEU A CB  1 
ATOM   577  C CG  . LEU A 1 76  ? -5.062  -10.636 14.296  1.00 18.12 ? 91  LEU A CG  1 
ATOM   578  C CD1 . LEU A 1 76  ? -6.256  -10.656 13.373  1.00 17.45 ? 91  LEU A CD1 1 
ATOM   579  C CD2 . LEU A 1 76  ? -5.419  -11.069 15.700  1.00 14.60 ? 91  LEU A CD2 1 
ATOM   580  N N   . ASP A 1 77  ? -1.037  -12.422 12.851  1.00 19.95 ? 92  ASP A N   1 
ATOM   581  C CA  . ASP A 1 77  ? -0.135  -13.476 12.428  1.00 23.08 ? 92  ASP A CA  1 
ATOM   582  C C   . ASP A 1 77  ? 1.050   -12.863 11.709  1.00 26.49 ? 92  ASP A C   1 
ATOM   583  O O   . ASP A 1 77  ? 1.059   -12.711 10.480  1.00 26.80 ? 92  ASP A O   1 
ATOM   584  C CB  . ASP A 1 77  ? -0.825  -14.519 11.543  1.00 23.93 ? 92  ASP A CB  1 
ATOM   585  C CG  . ASP A 1 77  ? 0.038   -15.772 11.322  1.00 26.22 ? 92  ASP A CG  1 
ATOM   586  O OD1 . ASP A 1 77  ? 1.054   -15.987 12.023  1.00 26.62 ? 92  ASP A OD1 1 
ATOM   587  O OD2 . ASP A 1 77  ? -0.318  -16.572 10.438  1.00 27.89 ? 92  ASP A OD2 1 
ATOM   588  N N   . LYS A 1 78  ? 2.065   -12.532 12.507  1.00 30.29 ? 93  LYS A N   1 
ATOM   589  C CA  . LYS A 1 78  ? 3.307   -11.949 12.034  1.00 31.77 ? 93  LYS A CA  1 
ATOM   590  C C   . LYS A 1 78  ? 3.840   -12.675 10.805  1.00 32.81 ? 93  LYS A C   1 
ATOM   591  O O   . LYS A 1 78  ? 4.591   -12.090 10.041  1.00 32.24 ? 93  LYS A O   1 
ATOM   592  C CB  . LYS A 1 78  ? 4.371   -11.971 13.149  1.00 38.49 ? 93  LYS A CB  1 
ATOM   593  C CG  . LYS A 1 78  ? 4.147   -10.955 14.285  1.00 45.56 ? 93  LYS A CG  1 
ATOM   594  C CD  . LYS A 1 78  ? 3.936   -9.531  13.739  1.00 50.14 ? 93  LYS A CD  1 
ATOM   595  C CE  . LYS A 1 78  ? 4.156   -8.455  14.779  1.00 54.06 ? 93  LYS A CE  1 
ATOM   596  N NZ  . LYS A 1 78  ? 5.622   -8.365  15.145  1.00 55.50 ? 93  LYS A NZ  1 
ATOM   597  N N   . LYS A 1 79  ? 3.499   -13.948 10.610  1.00 34.11 ? 94  LYS A N   1 
ATOM   598  C CA  . LYS A 1 79  ? 4.006   -14.606 9.417   1.00 35.49 ? 94  LYS A CA  1 
ATOM   599  C C   . LYS A 1 79  ? 3.023   -14.997 8.329   1.00 31.94 ? 94  LYS A C   1 
ATOM   600  O O   . LYS A 1 79  ? 3.217   -15.974 7.599   1.00 30.14 ? 94  LYS A O   1 
ATOM   601  C CB  . LYS A 1 79  ? 5.028   -15.707 9.731   1.00 46.04 ? 94  LYS A CB  1 
ATOM   602  C CG  . LYS A 1 79  ? 6.503   -15.251 9.507   1.00 50.64 ? 94  LYS A CG  1 
ATOM   603  C CD  . LYS A 1 79  ? 7.495   -16.421 9.611   1.00 55.20 ? 94  LYS A CD  1 
ATOM   604  C CE  . LYS A 1 79  ? 8.948   -15.945 9.551   1.00 57.23 ? 94  LYS A CE  1 
ATOM   605  N NZ  . LYS A 1 79  ? 9.923   -17.065 9.732   1.00 58.39 ? 94  LYS A NZ  1 
ATOM   606  N N   . TYR A 1 80  ? 1.947   -14.220 8.224   1.00 30.10 ? 95  TYR A N   1 
ATOM   607  C CA  . TYR A 1 80  ? 1.000   -14.426 7.140   1.00 30.14 ? 95  TYR A CA  1 
ATOM   608  C C   . TYR A 1 80  ? 1.496   -13.417 6.082   1.00 31.77 ? 95  TYR A C   1 
ATOM   609  O O   . TYR A 1 80  ? 1.275   -12.206 6.214   1.00 32.91 ? 95  TYR A O   1 
ATOM   610  C CB  . TYR A 1 80  ? -0.453  -14.121 7.566   1.00 25.48 ? 95  TYR A CB  1 
ATOM   611  C CG  . TYR A 1 80  ? -1.492  -14.270 6.454   1.00 18.23 ? 95  TYR A CG  1 
ATOM   612  C CD1 . TYR A 1 80  ? -1.530  -15.401 5.650   1.00 18.80 ? 95  TYR A CD1 1 
ATOM   613  C CD2 . TYR A 1 80  ? -2.429  -13.284 6.221   1.00 15.91 ? 95  TYR A CD2 1 
ATOM   614  C CE1 . TYR A 1 80  ? -2.479  -15.542 4.639   1.00 16.75 ? 95  TYR A CE1 1 
ATOM   615  C CE2 . TYR A 1 80  ? -3.384  -13.416 5.217   1.00 13.84 ? 95  TYR A CE2 1 
ATOM   616  C CZ  . TYR A 1 80  ? -3.397  -14.548 4.435   1.00 15.18 ? 95  TYR A CZ  1 
ATOM   617  O OH  . TYR A 1 80  ? -4.337  -14.688 3.450   1.00 15.48 ? 95  TYR A OH  1 
ATOM   618  N N   . ILE A 1 81  ? 2.220   -13.919 5.076   1.00 29.36 ? 96  ILE A N   1 
ATOM   619  C CA  . ILE A 1 81  ? 2.783   -13.082 4.015   1.00 24.46 ? 96  ILE A CA  1 
ATOM   620  C C   . ILE A 1 81  ? 1.841   -12.063 3.349   1.00 24.64 ? 96  ILE A C   1 
ATOM   621  O O   . ILE A 1 81  ? 2.149   -10.882 3.308   1.00 25.37 ? 96  ILE A O   1 
ATOM   622  C CB  . ILE A 1 81  ? 3.480   -13.949 2.937   1.00 22.14 ? 96  ILE A CB  1 
ATOM   623  C CG1 . ILE A 1 81  ? 4.487   -14.900 3.575   1.00 22.61 ? 96  ILE A CG1 1 
ATOM   624  C CG2 . ILE A 1 81  ? 4.243   -13.091 1.983   1.00 24.30 ? 96  ILE A CG2 1 
ATOM   625  C CD1 . ILE A 1 81  ? 5.512   -14.213 4.386   1.00 22.27 ? 96  ILE A CD1 1 
ATOM   626  N N   . LYS A 1 82  ? 0.685   -12.503 2.864   1.00 23.75 ? 97  LYS A N   1 
ATOM   627  C CA  . LYS A 1 82  ? -0.263  -11.603 2.195   1.00 20.11 ? 97  LYS A CA  1 
ATOM   628  C C   . LYS A 1 82  ? -0.583  -10.336 2.961   1.00 18.05 ? 97  LYS A C   1 
ATOM   629  O O   . LYS A 1 82  ? -0.936  -9.324  2.360   1.00 25.62 ? 97  LYS A O   1 
ATOM   630  C CB  . LYS A 1 82  ? -1.579  -12.308 1.849   1.00 19.82 ? 97  LYS A CB  1 
ATOM   631  C CG  . LYS A 1 82  ? -1.452  -13.425 0.850   1.00 24.20 ? 97  LYS A CG  1 
ATOM   632  C CD  . LYS A 1 82  ? -2.595  -13.374 -0.160  1.00 27.15 ? 97  LYS A CD  1 
ATOM   633  C CE  . LYS A 1 82  ? -2.504  -14.492 -1.179  1.00 27.31 ? 97  LYS A CE  1 
ATOM   634  N NZ  . LYS A 1 82  ? -3.490  -14.302 -2.274  1.00 32.41 ? 97  LYS A NZ  1 
ATOM   635  N N   . GLY A 1 83  ? -0.494  -10.395 4.284   1.00 15.79 ? 98  GLY A N   1 
ATOM   636  C CA  . GLY A 1 83  ? -0.769  -9.221  5.092   1.00 16.01 ? 98  GLY A CA  1 
ATOM   637  C C   . GLY A 1 83  ? 0.219   -8.142  4.698   1.00 18.00 ? 98  GLY A C   1 
ATOM   638  O O   . GLY A 1 83  ? -0.148  -6.984  4.545   1.00 21.81 ? 98  GLY A O   1 
ATOM   639  N N   . TYR A 1 84  ? 1.463   -8.554  4.459   1.00 18.57 ? 99  TYR A N   1 
ATOM   640  C CA  . TYR A 1 84  ? 2.540   -7.660  4.039   1.00 17.32 ? 99  TYR A CA  1 
ATOM   641  C C   . TYR A 1 84  ? 2.325   -7.122  2.616   1.00 18.95 ? 99  TYR A C   1 
ATOM   642  O O   . TYR A 1 84  ? 2.691   -5.992  2.325   1.00 19.18 ? 99  TYR A O   1 
ATOM   643  C CB  . TYR A 1 84  ? 3.894   -8.365  4.163   1.00 16.07 ? 99  TYR A CB  1 
ATOM   644  C CG  . TYR A 1 84  ? 4.264   -8.765  5.594   1.00 14.65 ? 99  TYR A CG  1 
ATOM   645  C CD1 . TYR A 1 84  ? 4.891   -7.860  6.439   1.00 13.79 ? 99  TYR A CD1 1 
ATOM   646  C CD2 . TYR A 1 84  ? 3.967   -10.040 6.111   1.00 13.74 ? 99  TYR A CD2 1 
ATOM   647  C CE1 . TYR A 1 84  ? 5.210   -8.198  7.760   1.00 12.06 ? 99  TYR A CE1 1 
ATOM   648  C CE2 . TYR A 1 84  ? 4.291   -10.388 7.443   1.00 10.41 ? 99  TYR A CE2 1 
ATOM   649  C CZ  . TYR A 1 84  ? 4.906   -9.454  8.257   1.00 11.43 ? 99  TYR A CZ  1 
ATOM   650  O OH  . TYR A 1 84  ? 5.176   -9.706  9.587   1.00 7.09  ? 99  TYR A OH  1 
ATOM   651  N N   . TYR A 1 85  ? 1.671   -7.912  1.761   1.00 23.11 ? 100 TYR A N   1 
ATOM   652  C CA  . TYR A 1 85  ? 1.338   -7.503  0.383   1.00 22.16 ? 100 TYR A CA  1 
ATOM   653  C C   . TYR A 1 85  ? 0.135   -6.542  0.387   1.00 21.81 ? 100 TYR A C   1 
ATOM   654  O O   . TYR A 1 85  ? 0.086   -5.591  -0.394  1.00 19.45 ? 100 TYR A O   1 
ATOM   655  C CB  . TYR A 1 85  ? 1.014   -8.720  -0.472  1.00 22.76 ? 100 TYR A CB  1 
ATOM   656  C CG  . TYR A 1 85  ? 2.218   -9.494  -0.952  1.00 23.34 ? 100 TYR A CG  1 
ATOM   657  C CD1 . TYR A 1 85  ? 3.465   -8.886  -1.092  1.00 26.16 ? 100 TYR A CD1 1 
ATOM   658  C CD2 . TYR A 1 85  ? 2.093   -10.823 -1.330  1.00 22.07 ? 100 TYR A CD2 1 
ATOM   659  C CE1 . TYR A 1 85  ? 4.547   -9.588  -1.612  1.00 27.11 ? 100 TYR A CE1 1 
ATOM   660  C CE2 . TYR A 1 85  ? 3.151   -11.521 -1.839  1.00 23.14 ? 100 TYR A CE2 1 
ATOM   661  C CZ  . TYR A 1 85  ? 4.371   -10.905 -1.986  1.00 25.41 ? 100 TYR A CZ  1 
ATOM   662  O OH  . TYR A 1 85  ? 5.395   -11.612 -2.544  1.00 26.60 ? 100 TYR A OH  1 
ATOM   663  N N   . ARG A 1 86  ? -0.840  -6.823  1.252   1.00 21.20 ? 101 ARG A N   1 
ATOM   664  C CA  . ARG A 1 86  ? -2.016  -5.971  1.431   1.00 17.80 ? 101 ARG A CA  1 
ATOM   665  C C   . ARG A 1 86  ? -1.555  -4.619  1.998   1.00 13.30 ? 101 ARG A C   1 
ATOM   666  O O   . ARG A 1 86  ? -1.995  -3.570  1.543   1.00 7.96  ? 101 ARG A O   1 
ATOM   667  C CB  . ARG A 1 86  ? -2.983  -6.612  2.421   1.00 20.60 ? 101 ARG A CB  1 
ATOM   668  C CG  . ARG A 1 86  ? -3.458  -7.973  2.004   1.00 21.80 ? 101 ARG A CG  1 
ATOM   669  C CD  . ARG A 1 86  ? -4.243  -7.920  0.699   1.00 21.03 ? 101 ARG A CD  1 
ATOM   670  N NE  . ARG A 1 86  ? -5.041  -9.138  0.579   1.00 19.65 ? 101 ARG A NE  1 
ATOM   671  C CZ  . ARG A 1 86  ? -4.851  -10.077 -0.335  1.00 17.60 ? 101 ARG A CZ  1 
ATOM   672  N NH1 . ARG A 1 86  ? -3.892  -9.947  -1.247  1.00 12.05 ? 101 ARG A NH1 1 
ATOM   673  N NH2 . ARG A 1 86  ? -5.595  -11.174 -0.305  1.00 15.99 ? 101 ARG A NH2 1 
ATOM   674  N N   . ARG A 1 87  ? -0.670  -4.633  2.991   1.00 7.68  ? 102 ARG A N   1 
ATOM   675  C CA  . ARG A 1 87  ? -0.209  -3.366  3.527   1.00 10.88 ? 102 ARG A CA  1 
ATOM   676  C C   . ARG A 1 87  ? 0.656   -2.601  2.554   1.00 10.16 ? 102 ARG A C   1 
ATOM   677  O O   . ARG A 1 87  ? 0.648   -1.382  2.558   1.00 14.40 ? 102 ARG A O   1 
ATOM   678  C CB  . ARG A 1 87  ? 0.536   -3.515  4.837   1.00 10.05 ? 102 ARG A CB  1 
ATOM   679  C CG  . ARG A 1 87  ? 0.689   -2.152  5.518   1.00 12.70 ? 102 ARG A CG  1 
ATOM   680  C CD  . ARG A 1 87  ? 1.075   -2.275  6.955   1.00 11.47 ? 102 ARG A CD  1 
ATOM   681  N NE  . ARG A 1 87  ? 2.350   -2.941  7.071   1.00 15.54 ? 102 ARG A NE  1 
ATOM   682  C CZ  . ARG A 1 87  ? 2.851   -3.403  8.205   1.00 21.27 ? 102 ARG A CZ  1 
ATOM   683  N NH1 . ARG A 1 87  ? 2.170   -3.266  9.328   1.00 23.01 ? 102 ARG A NH1 1 
ATOM   684  N NH2 . ARG A 1 87  ? 4.046   -3.989  8.220   1.00 22.29 ? 102 ARG A NH2 1 
ATOM   685  N N   . ALA A 1 88  ? 1.456   -3.310  1.767   1.00 11.26 ? 103 ALA A N   1 
ATOM   686  C CA  . ALA A 1 88  ? 2.304   -2.660  0.776   1.00 9.19  ? 103 ALA A CA  1 
ATOM   687  C C   . ALA A 1 88  ? 1.387   -2.023  -0.234  1.00 8.66  ? 103 ALA A C   1 
ATOM   688  O O   . ALA A 1 88  ? 1.489   -0.834  -0.490  1.00 15.93 ? 103 ALA A O   1 
ATOM   689  C CB  . ALA A 1 88  ? 3.182   -3.642  0.103   1.00 10.39 ? 103 ALA A CB  1 
ATOM   690  N N   . ALA A 1 89  ? 0.433   -2.791  -0.746  1.00 6.96  ? 104 ALA A N   1 
ATOM   691  C CA  . ALA A 1 89  ? -0.530  -2.262  -1.723  1.00 8.90  ? 104 ALA A CA  1 
ATOM   692  C C   . ALA A 1 89  ? -1.311  -1.037  -1.228  1.00 5.55  ? 104 ALA A C   1 
ATOM   693  O O   . ALA A 1 89  ? -1.557  -0.116  -1.994  1.00 12.59 ? 104 ALA A O   1 
ATOM   694  C CB  . ALA A 1 89  ? -1.493  -3.345  -2.159  1.00 4.04  ? 104 ALA A CB  1 
ATOM   695  N N   . SER A 1 90  ? -1.701  -1.023  0.040   1.00 7.51  ? 105 SER A N   1 
ATOM   696  C CA  . SER A 1 90  ? -2.451  0.096   0.620   1.00 3.86  ? 105 SER A CA  1 
ATOM   697  C C   . SER A 1 90  ? -1.604  1.350   0.707   1.00 6.07  ? 105 SER A C   1 
ATOM   698  O O   . SER A 1 90  ? -2.099  2.448   0.481   1.00 10.86 ? 105 SER A O   1 
ATOM   699  C CB  . SER A 1 90  ? -2.936  -0.267  2.025   1.00 7.58  ? 105 SER A CB  1 
ATOM   700  O OG  . SER A 1 90  ? -3.629  -1.505  2.020   1.00 12.03 ? 105 SER A OG  1 
ATOM   701  N N   . ASN A 1 91  ? -0.329  1.187   1.061   1.00 7.00  ? 106 ASN A N   1 
ATOM   702  C CA  . ASN A 1 91  ? 0.594   2.304   1.163   1.00 3.48  ? 106 ASN A CA  1 
ATOM   703  C C   . ASN A 1 91  ? 1.013   2.881   -0.193  1.00 7.08  ? 106 ASN A C   1 
ATOM   704  O O   . ASN A 1 91  ? 1.282   4.066   -0.289  1.00 12.65 ? 106 ASN A O   1 
ATOM   705  C CB  . ASN A 1 91  ? 1.792   1.930   2.012   1.00 3.76  ? 106 ASN A CB  1 
ATOM   706  C CG  . ASN A 1 91  ? 1.515   2.128   3.490   1.00 8.72  ? 106 ASN A CG  1 
ATOM   707  O OD1 . ASN A 1 91  ? 0.783   3.045   3.872   1.00 11.76 ? 106 ASN A OD1 1 
ATOM   708  N ND2 . ASN A 1 91  ? 2.081   1.273   4.325   1.00 7.93  ? 106 ASN A ND2 1 
ATOM   709  N N   . MET A 1 92  ? 1.034   2.067   -1.251  1.00 8.93  ? 107 MET A N   1 
ATOM   710  C CA  . MET A 1 92  ? 1.354   2.567   -2.598  1.00 6.87  ? 107 MET A CA  1 
ATOM   711  C C   . MET A 1 92  ? 0.205   3.468   -3.066  1.00 9.29  ? 107 MET A C   1 
ATOM   712  O O   . MET A 1 92  ? 0.407   4.540   -3.641  1.00 7.47  ? 107 MET A O   1 
ATOM   713  C CB  . MET A 1 92  ? 1.451   1.407   -3.568  1.00 8.67  ? 107 MET A CB  1 
ATOM   714  C CG  . MET A 1 92  ? 2.582   0.471   -3.318  1.00 7.72  ? 107 MET A CG  1 
ATOM   715  S SD  . MET A 1 92  ? 4.133   1.234   -3.680  1.00 12.02 ? 107 MET A SD  1 
ATOM   716  C CE  . MET A 1 92  ? 4.081   1.437   -5.400  1.00 8.04  ? 107 MET A CE  1 
ATOM   717  N N   . ALA A 1 93  ? -1.008  2.966   -2.852  1.00 11.00 ? 108 ALA A N   1 
ATOM   718  C CA  . ALA A 1 93  ? -2.250  3.650   -3.187  1.00 7.24  ? 108 ALA A CA  1 
ATOM   719  C C   . ALA A 1 93  ? -2.329  4.934   -2.402  1.00 10.27 ? 108 ALA A C   1 
ATOM   720  O O   . ALA A 1 93  ? -2.929  5.911   -2.851  1.00 11.70 ? 108 ALA A O   1 
ATOM   721  C CB  . ALA A 1 93  ? -3.397  2.785   -2.822  1.00 9.87  ? 108 ALA A CB  1 
ATOM   722  N N   . LEU A 1 94  ? -1.813  4.907   -1.178  1.00 11.18 ? 109 LEU A N   1 
ATOM   723  C CA  . LEU A 1 94  ? -1.806  6.114   -0.364  1.00 11.35 ? 109 LEU A CA  1 
ATOM   724  C C   . LEU A 1 94  ? -0.578  6.968   -0.722  1.00 13.31 ? 109 LEU A C   1 
ATOM   725  O O   . LEU A 1 94  ? -0.343  8.011   -0.116  1.00 18.09 ? 109 LEU A O   1 
ATOM   726  C CB  . LEU A 1 94  ? -1.828  5.784   1.133   1.00 8.86  ? 109 LEU A CB  1 
ATOM   727  C CG  . LEU A 1 94  ? -3.134  5.262   1.717   1.00 8.63  ? 109 LEU A CG  1 
ATOM   728  C CD1 . LEU A 1 94  ? -2.952  4.730   3.140   1.00 2.00  ? 109 LEU A CD1 1 
ATOM   729  C CD2 . LEU A 1 94  ? -4.173  6.371   1.651   1.00 6.72  ? 109 LEU A CD2 1 
ATOM   730  N N   . GLY A 1 95  ? 0.233   6.513   -1.675  1.00 11.97 ? 110 GLY A N   1 
ATOM   731  C CA  . GLY A 1 95  ? 1.390   7.300   -2.080  1.00 9.31  ? 110 GLY A CA  1 
ATOM   732  C C   . GLY A 1 95  ? 2.622   7.191   -1.218  1.00 11.51 ? 110 GLY A C   1 
ATOM   733  O O   . GLY A 1 95  ? 3.640   7.785   -1.528  1.00 17.01 ? 110 GLY A O   1 
ATOM   734  N N   . LYS A 1 96  ? 2.548   6.408   -0.154  1.00 12.38 ? 111 LYS A N   1 
ATOM   735  C CA  . LYS A 1 96  ? 3.671   6.201   0.748   1.00 8.10  ? 111 LYS A CA  1 
ATOM   736  C C   . LYS A 1 96  ? 4.466   5.022   0.204   1.00 10.68 ? 111 LYS A C   1 
ATOM   737  O O   . LYS A 1 96  ? 4.393   3.915   0.756   1.00 16.30 ? 111 LYS A O   1 
ATOM   738  C CB  . LYS A 1 96  ? 3.149   5.904   2.157   1.00 3.04  ? 111 LYS A CB  1 
ATOM   739  C CG  . LYS A 1 96  ? 2.270   7.009   2.723   1.00 2.00  ? 111 LYS A CG  1 
ATOM   740  C CD  . LYS A 1 96  ? 1.809   6.669   4.120   1.00 5.49  ? 111 LYS A CD  1 
ATOM   741  C CE  . LYS A 1 96  ? 3.010   6.310   4.996   1.00 12.71 ? 111 LYS A CE  1 
ATOM   742  N NZ  . LYS A 1 96  ? 2.665   6.021   6.445   1.00 17.09 ? 111 LYS A NZ  1 
ATOM   743  N N   . PHE A 1 97  ? 5.212   5.259   -0.879  1.00 9.56  ? 112 PHE A N   1 
ATOM   744  C CA  . PHE A 1 97  ? 6.007   4.228   -1.558  1.00 8.49  ? 112 PHE A CA  1 
ATOM   745  C C   . PHE A 1 97  ? 7.134   3.583   -0.758  1.00 11.07 ? 112 PHE A C   1 
ATOM   746  O O   . PHE A 1 97  ? 7.404   2.395   -0.902  1.00 17.95 ? 112 PHE A O   1 
ATOM   747  C CB  . PHE A 1 97  ? 6.608   4.786   -2.842  1.00 13.54 ? 112 PHE A CB  1 
ATOM   748  C CG  . PHE A 1 97  ? 5.610   5.428   -3.759  1.00 14.29 ? 112 PHE A CG  1 
ATOM   749  C CD1 . PHE A 1 97  ? 4.256   5.133   -3.670  1.00 12.72 ? 112 PHE A CD1 1 
ATOM   750  C CD2 . PHE A 1 97  ? 6.039   6.334   -4.726  1.00 15.92 ? 112 PHE A CD2 1 
ATOM   751  C CE1 . PHE A 1 97  ? 3.338   5.715   -4.534  1.00 12.45 ? 112 PHE A CE1 1 
ATOM   752  C CE2 . PHE A 1 97  ? 5.125   6.931   -5.596  1.00 17.21 ? 112 PHE A CE2 1 
ATOM   753  C CZ  . PHE A 1 97  ? 3.768   6.618   -5.495  1.00 14.75 ? 112 PHE A CZ  1 
ATOM   754  N N   . ARG A 1 98  ? 7.855   4.367   0.028   1.00 15.01 ? 113 ARG A N   1 
ATOM   755  C CA  . ARG A 1 98  ? 8.943   3.815   0.822   1.00 10.61 ? 113 ARG A CA  1 
ATOM   756  C C   . ARG A 1 98  ? 8.433   2.953   1.968   1.00 9.24  ? 113 ARG A C   1 
ATOM   757  O O   . ARG A 1 98  ? 9.130   2.044   2.417   1.00 17.19 ? 113 ARG A O   1 
ATOM   758  C CB  . ARG A 1 98  ? 9.830   4.928   1.350   1.00 10.97 ? 113 ARG A CB  1 
ATOM   759  C CG  . ARG A 1 98  ? 10.491  5.732   0.257   1.00 15.88 ? 113 ARG A CG  1 
ATOM   760  C CD  . ARG A 1 98  ? 11.121  6.999   0.829   1.00 19.30 ? 113 ARG A CD  1 
ATOM   761  N NE  . ARG A 1 98  ? 11.926  6.706   2.011   1.00 25.98 ? 113 ARG A NE  1 
ATOM   762  C CZ  . ARG A 1 98  ? 11.769  7.293   3.195   1.00 28.58 ? 113 ARG A CZ  1 
ATOM   763  N NH1 . ARG A 1 98  ? 10.824  8.214   3.367   1.00 33.18 ? 113 ARG A NH1 1 
ATOM   764  N NH2 . ARG A 1 98  ? 12.589  6.991   4.193   1.00 26.28 ? 113 ARG A NH2 1 
ATOM   765  N N   . ALA A 1 99  ? 7.251   3.256   2.484   1.00 6.47  ? 114 ALA A N   1 
ATOM   766  C CA  . ALA A 1 99  ? 6.670   2.433   3.549   1.00 11.60 ? 114 ALA A CA  1 
ATOM   767  C C   . ALA A 1 99  ? 6.322   1.023   2.999   1.00 10.87 ? 114 ALA A C   1 
ATOM   768  O O   . ALA A 1 99  ? 6.401   0.007   3.702   1.00 8.70  ? 114 ALA A O   1 
ATOM   769  C CB  . ALA A 1 99  ? 5.421   3.099   4.105   1.00 6.90  ? 114 ALA A CB  1 
ATOM   770  N N   . ALA A 1 100 ? 5.908   1.014   1.738   1.00 10.21 ? 115 ALA A N   1 
ATOM   771  C CA  . ALA A 1 100 ? 5.540   -0.174  0.978   1.00 11.96 ? 115 ALA A CA  1 
ATOM   772  C C   . ALA A 1 100 ? 6.779   -1.004  0.680   1.00 14.33 ? 115 ALA A C   1 
ATOM   773  O O   . ALA A 1 100 ? 6.769   -2.237  0.790   1.00 14.46 ? 115 ALA A O   1 
ATOM   774  C CB  . ALA A 1 100 ? 4.889   0.257   -0.340  1.00 9.62  ? 115 ALA A CB  1 
ATOM   775  N N   . LEU A 1 101 ? 7.843   -0.316  0.278   1.00 15.52 ? 116 LEU A N   1 
ATOM   776  C CA  . LEU A 1 101 ? 9.105   -0.951  -0.048  1.00 13.62 ? 116 LEU A CA  1 
ATOM   777  C C   . LEU A 1 101 ? 9.609   -1.709  1.150   1.00 13.45 ? 116 LEU A C   1 
ATOM   778  O O   . LEU A 1 101 ? 10.183  -2.783  1.009   1.00 18.88 ? 116 LEU A O   1 
ATOM   779  C CB  . LEU A 1 101 ? 10.118  0.097   -0.490  1.00 14.00 ? 116 LEU A CB  1 
ATOM   780  C CG  . LEU A 1 101 ? 11.436  -0.418  -1.055  1.00 13.91 ? 116 LEU A CG  1 
ATOM   781  C CD1 . LEU A 1 101 ? 11.244  -1.156  -2.375  1.00 10.46 ? 116 LEU A CD1 1 
ATOM   782  C CD2 . LEU A 1 101 ? 12.324  0.772   -1.244  1.00 12.46 ? 116 LEU A CD2 1 
ATOM   783  N N   . ARG A 1 102 ? 9.372   -1.154  2.336   1.00 17.62 ? 117 ARG A N   1 
ATOM   784  C CA  . ARG A 1 102 ? 9.783   -1.800  3.580   1.00 17.75 ? 117 ARG A CA  1 
ATOM   785  C C   . ARG A 1 102 ? 9.134   -3.170  3.708   1.00 16.57 ? 117 ARG A C   1 
ATOM   786  O O   . ARG A 1 102 ? 9.783   -4.122  4.097   1.00 23.53 ? 117 ARG A O   1 
ATOM   787  C CB  . ARG A 1 102 ? 9.467   -0.908  4.797   1.00 23.12 ? 117 ARG A CB  1 
ATOM   788  C CG  . ARG A 1 102 ? 10.441  0.268   4.957   1.00 31.26 ? 117 ARG A CG  1 
ATOM   789  C CD  . ARG A 1 102 ? 10.206  1.120   6.218   1.00 37.47 ? 117 ARG A CD  1 
ATOM   790  N NE  . ARG A 1 102 ? 9.408   2.334   5.970   1.00 41.65 ? 117 ARG A NE  1 
ATOM   791  C CZ  . ARG A 1 102 ? 9.917   3.562   5.835   1.00 42.27 ? 117 ARG A CZ  1 
ATOM   792  N NH1 . ARG A 1 102 ? 11.227  3.761   5.911   1.00 43.31 ? 117 ARG A NH1 1 
ATOM   793  N NH2 . ARG A 1 102 ? 9.112   4.597   5.655   1.00 38.45 ? 117 ARG A NH2 1 
ATOM   794  N N   . ASP A 1 103 ? 7.867   -3.279  3.336   1.00 18.39 ? 118 ASP A N   1 
ATOM   795  C CA  . ASP A 1 103 ? 7.153   -4.548  3.404   1.00 19.70 ? 118 ASP A CA  1 
ATOM   796  C C   . ASP A 1 103 ? 7.593   -5.516  2.310   1.00 22.28 ? 118 ASP A C   1 
ATOM   797  O O   . ASP A 1 103 ? 7.768   -6.712  2.586   1.00 25.04 ? 118 ASP A O   1 
ATOM   798  C CB  . ASP A 1 103 ? 5.632   -4.338  3.393   1.00 16.16 ? 118 ASP A CB  1 
ATOM   799  C CG  . ASP A 1 103 ? 5.080   -4.026  4.774   1.00 13.60 ? 118 ASP A CG  1 
ATOM   800  O OD1 . ASP A 1 103 ? 5.741   -4.349  5.785   1.00 14.90 ? 118 ASP A OD1 1 
ATOM   801  O OD2 . ASP A 1 103 ? 3.972   -3.489  4.861   1.00 10.64 ? 118 ASP A OD2 1 
ATOM   802  N N   . TYR A 1 104 ? 7.785   -5.026  1.083   1.00 19.79 ? 119 TYR A N   1 
ATOM   803  C CA  . TYR A 1 104 ? 8.253   -5.913  0.006   1.00 18.08 ? 119 TYR A CA  1 
ATOM   804  C C   . TYR A 1 104 ? 9.630   -6.460  0.369   1.00 16.39 ? 119 TYR A C   1 
ATOM   805  O O   . TYR A 1 104 ? 9.938   -7.598  0.073   1.00 21.93 ? 119 TYR A O   1 
ATOM   806  C CB  . TYR A 1 104 ? 8.278   -5.216  -1.364  1.00 16.05 ? 119 TYR A CB  1 
ATOM   807  C CG  . TYR A 1 104 ? 6.890   -4.917  -1.915  1.00 12.62 ? 119 TYR A CG  1 
ATOM   808  C CD1 . TYR A 1 104 ? 5.890   -5.896  -1.958  1.00 10.68 ? 119 TYR A CD1 1 
ATOM   809  C CD2 . TYR A 1 104 ? 6.553   -3.634  -2.330  1.00 13.79 ? 119 TYR A CD2 1 
ATOM   810  C CE1 . TYR A 1 104 ? 4.599   -5.587  -2.386  1.00 4.99  ? 119 TYR A CE1 1 
ATOM   811  C CE2 . TYR A 1 104 ? 5.269   -3.328  -2.766  1.00 9.79  ? 119 TYR A CE2 1 
ATOM   812  C CZ  . TYR A 1 104 ? 4.303   -4.299  -2.785  1.00 6.07  ? 119 TYR A CZ  1 
ATOM   813  O OH  . TYR A 1 104 ? 3.035   -3.933  -3.169  1.00 10.41 ? 119 TYR A OH  1 
ATOM   814  N N   . GLU A 1 105 ? 10.426  -5.670  1.073   1.00 18.82 ? 120 GLU A N   1 
ATOM   815  C CA  . GLU A 1 105 ? 11.739  -6.111  1.520   1.00 20.13 ? 120 GLU A CA  1 
ATOM   816  C C   . GLU A 1 105 ? 11.584  -7.274  2.499   1.00 20.92 ? 120 GLU A C   1 
ATOM   817  O O   . GLU A 1 105 ? 12.271  -8.279  2.391   1.00 24.66 ? 120 GLU A O   1 
ATOM   818  C CB  . GLU A 1 105 ? 12.477  -4.958  2.201   1.00 22.53 ? 120 GLU A CB  1 
ATOM   819  C CG  . GLU A 1 105 ? 13.887  -5.293  2.700   1.00 27.12 ? 120 GLU A CG  1 
ATOM   820  C CD  . GLU A 1 105 ? 14.583  -4.120  3.383   1.00 29.19 ? 120 GLU A CD  1 
ATOM   821  O OE1 . GLU A 1 105 ? 14.929  -3.137  2.689   1.00 29.40 ? 120 GLU A OE1 1 
ATOM   822  O OE2 . GLU A 1 105 ? 14.782  -4.193  4.619   1.00 32.13 ? 120 GLU A OE2 1 
ATOM   823  N N   . THR A 1 106 ? 10.699  -7.119  3.476   1.00 20.20 ? 121 THR A N   1 
ATOM   824  C CA  . THR A 1 106 ? 10.454  -8.151  4.465   1.00 19.81 ? 121 THR A CA  1 
ATOM   825  C C   . THR A 1 106 ? 10.135  -9.477  3.744   1.00 23.89 ? 121 THR A C   1 
ATOM   826  O O   . THR A 1 106 ? 10.795  -10.487 3.953   1.00 27.36 ? 121 THR A O   1 
ATOM   827  C CB  . THR A 1 106 ? 9.288   -7.722  5.402   1.00 20.65 ? 121 THR A CB  1 
ATOM   828  O OG1 . THR A 1 106 ? 9.711   -6.632  6.233   1.00 25.26 ? 121 THR A OG1 1 
ATOM   829  C CG2 . THR A 1 106 ? 8.830   -8.859  6.285   1.00 21.64 ? 121 THR A CG2 1 
ATOM   830  N N   . VAL A 1 107 ? 9.184   -9.452  2.828   1.00 21.25 ? 122 VAL A N   1 
ATOM   831  C CA  . VAL A 1 107 ? 8.827   -10.650 2.105   1.00 20.07 ? 122 VAL A CA  1 
ATOM   832  C C   . VAL A 1 107 ? 10.030  -11.200 1.334   1.00 18.11 ? 122 VAL A C   1 
ATOM   833  O O   . VAL A 1 107 ? 10.291  -12.385 1.387   1.00 21.00 ? 122 VAL A O   1 
ATOM   834  C CB  . VAL A 1 107 ? 7.611   -10.397 1.173   1.00 20.62 ? 122 VAL A CB  1 
ATOM   835  C CG1 . VAL A 1 107 ? 7.242   -11.662 0.442   1.00 23.93 ? 122 VAL A CG1 1 
ATOM   836  C CG2 . VAL A 1 107 ? 6.414   -9.932  1.981   1.00 15.25 ? 122 VAL A CG2 1 
ATOM   837  N N   . VAL A 1 108 ? 10.795  -10.351 0.666   1.00 18.17 ? 123 VAL A N   1 
ATOM   838  C CA  . VAL A 1 108 ? 11.953  -10.839 -0.086  1.00 21.46 ? 123 VAL A CA  1 
ATOM   839  C C   . VAL A 1 108 ? 12.945  -11.519 0.829   1.00 22.50 ? 123 VAL A C   1 
ATOM   840  O O   . VAL A 1 108 ? 13.658  -12.407 0.409   1.00 25.36 ? 123 VAL A O   1 
ATOM   841  C CB  . VAL A 1 108 ? 12.699  -9.712  -0.856  1.00 22.65 ? 123 VAL A CB  1 
ATOM   842  C CG1 . VAL A 1 108 ? 14.021  -10.222 -1.373  1.00 24.92 ? 123 VAL A CG1 1 
ATOM   843  C CG2 . VAL A 1 108 ? 11.889  -9.265  -2.046  1.00 25.62 ? 123 VAL A CG2 1 
ATOM   844  N N   . LYS A 1 109 ? 12.999  -11.093 2.080   1.00 25.97 ? 124 LYS A N   1 
ATOM   845  C CA  . LYS A 1 109 ? 13.927  -11.683 3.037   1.00 29.93 ? 124 LYS A CA  1 
ATOM   846  C C   . LYS A 1 109 ? 13.553  -13.088 3.522   1.00 31.89 ? 124 LYS A C   1 
ATOM   847  O O   . LYS A 1 109 ? 14.430  -13.884 3.837   1.00 34.71 ? 124 LYS A O   1 
ATOM   848  C CB  . LYS A 1 109 ? 14.150  -10.750 4.235   1.00 33.26 ? 124 LYS A CB  1 
ATOM   849  C CG  . LYS A 1 109 ? 15.197  -9.668  4.012   1.00 35.62 ? 124 LYS A CG  1 
ATOM   850  C CD  . LYS A 1 109 ? 15.475  -8.871  5.297   1.00 39.47 ? 124 LYS A CD  1 
ATOM   851  C CE  . LYS A 1 109 ? 14.351  -7.899  5.608   1.00 40.64 ? 124 LYS A CE  1 
ATOM   852  N NZ  . LYS A 1 109 ? 14.817  -6.730  6.399   1.00 43.30 ? 124 LYS A NZ  1 
ATOM   853  N N   . VAL A 1 110 ? 12.263  -13.378 3.642   1.00 35.29 ? 125 VAL A N   1 
ATOM   854  C CA  . VAL A 1 110 ? 11.820  -14.701 4.078   1.00 34.42 ? 125 VAL A CA  1 
ATOM   855  C C   . VAL A 1 110 ? 11.578  -15.653 2.893   1.00 31.29 ? 125 VAL A C   1 
ATOM   856  O O   . VAL A 1 110 ? 11.680  -16.867 3.043   1.00 36.97 ? 125 VAL A O   1 
ATOM   857  C CB  . VAL A 1 110 ? 10.614  -14.634 5.073   1.00 39.10 ? 125 VAL A CB  1 
ATOM   858  C CG1 . VAL A 1 110 ? 9.645   -13.515 4.698   1.00 40.84 ? 125 VAL A CG1 1 
ATOM   859  C CG2 . VAL A 1 110 ? 9.871   -15.979 5.126   1.00 45.22 ? 125 VAL A CG2 1 
ATOM   860  N N   . LYS A 1 111 ? 11.277  -15.111 1.715   1.00 27.05 ? 126 LYS A N   1 
ATOM   861  C CA  . LYS A 1 111 ? 11.109  -15.929 0.511   1.00 22.36 ? 126 LYS A CA  1 
ATOM   862  C C   . LYS A 1 111 ? 12.240  -15.479 -0.408  1.00 22.94 ? 126 LYS A C   1 
ATOM   863  O O   . LYS A 1 111 ? 12.010  -14.920 -1.486  1.00 26.67 ? 126 LYS A O   1 
ATOM   864  C CB  . LYS A 1 111 ? 9.767   -15.681 -0.169  1.00 21.40 ? 126 LYS A CB  1 
ATOM   865  C CG  . LYS A 1 111 ? 8.582   -16.298 0.524   1.00 25.03 ? 126 LYS A CG  1 
ATOM   866  C CD  . LYS A 1 111 ? 7.300   -16.121 -0.311  1.00 27.16 ? 126 LYS A CD  1 
ATOM   867  C CE  . LYS A 1 111 ? 6.101   -16.850 0.324   1.00 32.64 ? 126 LYS A CE  1 
ATOM   868  N NZ  . LYS A 1 111 ? 4.788   -16.608 -0.371  1.00 34.67 ? 126 LYS A NZ  1 
ATOM   869  N N   . PRO A 1 112 ? 13.485  -15.821 -0.040  1.00 19.68 ? 127 PRO A N   1 
ATOM   870  C CA  . PRO A 1 112 ? 14.615  -15.410 -0.864  1.00 21.69 ? 127 PRO A CA  1 
ATOM   871  C C   . PRO A 1 112 ? 14.620  -15.775 -2.326  1.00 26.61 ? 127 PRO A C   1 
ATOM   872  O O   . PRO A 1 112 ? 15.109  -14.994 -3.140  1.00 25.14 ? 127 PRO A O   1 
ATOM   873  C CB  . PRO A 1 112 ? 15.818  -15.976 -0.114  1.00 18.38 ? 127 PRO A CB  1 
ATOM   874  C CG  . PRO A 1 112 ? 15.262  -17.122 0.653   1.00 22.43 ? 127 PRO A CG  1 
ATOM   875  C CD  . PRO A 1 112 ? 13.916  -16.663 1.084   1.00 20.28 ? 127 PRO A CD  1 
ATOM   876  N N   . HIS A 1 113 ? 14.055  -16.928 -2.683  1.00 31.68 ? 128 HIS A N   1 
ATOM   877  C CA  . HIS A 1 113 ? 14.067  -17.363 -4.082  1.00 31.18 ? 128 HIS A CA  1 
ATOM   878  C C   . HIS A 1 113 ? 12.726  -17.221 -4.748  1.00 31.73 ? 128 HIS A C   1 
ATOM   879  O O   . HIS A 1 113 ? 12.499  -17.745 -5.836  1.00 35.32 ? 128 HIS A O   1 
ATOM   880  C CB  . HIS A 1 113 ? 14.526  -18.811 -4.181  1.00 31.64 ? 128 HIS A CB  1 
ATOM   881  C CG  . HIS A 1 113 ? 15.759  -19.099 -3.378  1.00 34.48 ? 128 HIS A CG  1 
ATOM   882  N ND1 . HIS A 1 113 ? 15.749  -19.947 -2.288  1.00 37.21 ? 128 HIS A ND1 1 
ATOM   883  C CD2 . HIS A 1 113 ? 17.030  -18.653 -3.498  1.00 32.54 ? 128 HIS A CD2 1 
ATOM   884  C CE1 . HIS A 1 113 ? 16.970  -20.006 -1.775  1.00 37.97 ? 128 HIS A CE1 1 
ATOM   885  N NE2 . HIS A 1 113 ? 17.758  -19.234 -2.492  1.00 36.17 ? 128 HIS A NE2 1 
ATOM   886  N N   . ASP A 1 114 ? 11.808  -16.548 -4.085  1.00 27.65 ? 129 ASP A N   1 
ATOM   887  C CA  . ASP A 1 114 ? 10.540  -16.390 -4.703  1.00 25.52 ? 129 ASP A CA  1 
ATOM   888  C C   . ASP A 1 114 ? 10.755  -15.267 -5.647  1.00 26.06 ? 129 ASP A C   1 
ATOM   889  O O   . ASP A 1 114 ? 11.027  -14.164 -5.228  1.00 30.10 ? 129 ASP A O   1 
ATOM   890  C CB  . ASP A 1 114 ? 9.483   -16.028 -3.692  1.00 29.16 ? 129 ASP A CB  1 
ATOM   891  C CG  . ASP A 1 114 ? 8.153   -15.791 -4.327  1.00 31.67 ? 129 ASP A CG  1 
ATOM   892  O OD1 . ASP A 1 114 ? 7.843   -16.404 -5.373  1.00 35.94 ? 129 ASP A OD1 1 
ATOM   893  O OD2 . ASP A 1 114 ? 7.407   -14.971 -3.773  1.00 36.96 ? 129 ASP A OD2 1 
ATOM   894  N N   . LYS A 1 115 ? 10.802  -15.606 -6.920  1.00 29.81 ? 130 LYS A N   1 
ATOM   895  C CA  . LYS A 1 115 ? 10.970  -14.651 -8.012  1.00 34.30 ? 130 LYS A CA  1 
ATOM   896  C C   . LYS A 1 115 ? 9.876   -13.574 -7.929  1.00 35.30 ? 130 LYS A C   1 
ATOM   897  O O   . LYS A 1 115 ? 10.064  -12.422 -8.337  1.00 33.93 ? 130 LYS A O   1 
ATOM   898  C CB  . LYS A 1 115 ? 10.884  -15.395 -9.352  1.00 38.98 ? 130 LYS A CB  1 
ATOM   899  C CG  . LYS A 1 115 ? 10.470  -16.895 -9.231  1.00 48.39 ? 130 LYS A CG  1 
ATOM   900  C CD  . LYS A 1 115 ? 9.046   -17.106 -8.619  1.00 48.76 ? 130 LYS A CD  1 
ATOM   901  C CE  . LYS A 1 115 ? 8.845   -18.507 -8.026  1.00 45.41 ? 130 LYS A CE  1 
ATOM   902  N NZ  . LYS A 1 115 ? 7.445   -18.721 -7.542  1.00 43.02 ? 130 LYS A NZ  1 
ATOM   903  N N   . ASP A 1 116 ? 8.740   -13.973 -7.374  1.00 37.54 ? 131 ASP A N   1 
ATOM   904  C CA  . ASP A 1 116 ? 7.573   -13.121 -7.174  1.00 37.53 ? 131 ASP A CA  1 
ATOM   905  C C   . ASP A 1 116 ? 7.976   -11.943 -6.268  1.00 35.94 ? 131 ASP A C   1 
ATOM   906  O O   . ASP A 1 116 ? 7.880   -10.777 -6.661  1.00 35.72 ? 131 ASP A O   1 
ATOM   907  C CB  . ASP A 1 116 ? 6.508   -13.971 -6.480  1.00 45.41 ? 131 ASP A CB  1 
ATOM   908  C CG  . ASP A 1 116 ? 5.100   -13.595 -6.840  1.00 49.67 ? 131 ASP A CG  1 
ATOM   909  O OD1 . ASP A 1 116 ? 4.837   -12.417 -7.160  1.00 52.63 ? 131 ASP A OD1 1 
ATOM   910  O OD2 . ASP A 1 116 ? 4.236   -14.499 -6.760  1.00 54.62 ? 131 ASP A OD2 1 
ATOM   911  N N   . ALA A 1 117 ? 8.439   -12.258 -5.057  1.00 33.82 ? 132 ALA A N   1 
ATOM   912  C CA  . ALA A 1 117 ? 8.870   -11.247 -4.095  1.00 35.33 ? 132 ALA A CA  1 
ATOM   913  C C   . ALA A 1 117 ? 9.836   -10.255 -4.752  1.00 40.11 ? 132 ALA A C   1 
ATOM   914  O O   . ALA A 1 117 ? 9.660   -9.029  -4.633  1.00 43.69 ? 132 ALA A O   1 
ATOM   915  C CB  . ALA A 1 117 ? 9.518   -11.907 -2.897  1.00 28.59 ? 132 ALA A CB  1 
ATOM   916  N N   . LYS A 1 118 ? 10.812  -10.796 -5.490  1.00 41.38 ? 133 LYS A N   1 
ATOM   917  C CA  . LYS A 1 118 ? 11.821  -10.003 -6.204  1.00 36.80 ? 133 LYS A CA  1 
ATOM   918  C C   . LYS A 1 118 ? 11.190  -9.054  -7.179  1.00 30.33 ? 133 LYS A C   1 
ATOM   919  O O   . LYS A 1 118 ? 11.508  -7.892  -7.177  1.00 30.92 ? 133 LYS A O   1 
ATOM   920  C CB  . LYS A 1 118 ? 12.790  -10.907 -6.954  1.00 40.00 ? 133 LYS A CB  1 
ATOM   921  C CG  . LYS A 1 118 ? 13.508  -11.848 -6.029  1.00 45.41 ? 133 LYS A CG  1 
ATOM   922  C CD  . LYS A 1 118 ? 14.436  -12.782 -6.771  1.00 50.02 ? 133 LYS A CD  1 
ATOM   923  C CE  . LYS A 1 118 ? 15.093  -13.733 -5.781  1.00 51.68 ? 133 LYS A CE  1 
ATOM   924  N NZ  . LYS A 1 118 ? 15.583  -13.045 -4.541  1.00 51.91 ? 133 LYS A NZ  1 
ATOM   925  N N   . MET A 1 119 ? 10.279  -9.558  -7.993  1.00 30.06 ? 134 MET A N   1 
ATOM   926  C CA  . MET A 1 119 ? 9.597   -8.746  -8.978  1.00 33.38 ? 134 MET A CA  1 
ATOM   927  C C   . MET A 1 119 ? 8.881   -7.556  -8.317  1.00 31.62 ? 134 MET A C   1 
ATOM   928  O O   . MET A 1 119 ? 9.081   -6.416  -8.718  1.00 28.65 ? 134 MET A O   1 
ATOM   929  C CB  . MET A 1 119 ? 8.590   -9.611  -9.740  1.00 42.15 ? 134 MET A CB  1 
ATOM   930  C CG  . MET A 1 119 ? 8.302   -9.182  -11.199 1.00 52.30 ? 134 MET A CG  1 
ATOM   931  S SD  . MET A 1 119 ? 7.057   -10.189 -12.163 1.00 59.44 ? 134 MET A SD  1 
ATOM   932  C CE  . MET A 1 119 ? 7.405   -11.929 -11.532 1.00 55.71 ? 134 MET A CE  1 
ATOM   933  N N   . LYS A 1 120 ? 8.077   -7.815  -7.288  1.00 31.01 ? 135 LYS A N   1 
ATOM   934  C CA  . LYS A 1 120 ? 7.326   -6.750  -6.595  1.00 28.25 ? 135 LYS A CA  1 
ATOM   935  C C   . LYS A 1 120 ? 8.202   -5.666  -6.003  1.00 27.32 ? 135 LYS A C   1 
ATOM   936  O O   . LYS A 1 120 ? 7.956   -4.473  -6.176  1.00 21.94 ? 135 LYS A O   1 
ATOM   937  C CB  . LYS A 1 120 ? 6.462   -7.347  -5.496  1.00 24.34 ? 135 LYS A CB  1 
ATOM   938  C CG  . LYS A 1 120 ? 5.193   -7.886  -6.034  1.00 24.28 ? 135 LYS A CG  1 
ATOM   939  C CD  . LYS A 1 120 ? 4.506   -8.760  -5.045  1.00 24.77 ? 135 LYS A CD  1 
ATOM   940  C CE  . LYS A 1 120 ? 3.282   -9.327  -5.700  1.00 26.07 ? 135 LYS A CE  1 
ATOM   941  N NZ  . LYS A 1 120 ? 2.767   -10.427 -4.875  1.00 32.73 ? 135 LYS A NZ  1 
ATOM   942  N N   . TYR A 1 121 ? 9.213   -6.112  -5.275  1.00 28.89 ? 136 TYR A N   1 
ATOM   943  C CA  . TYR A 1 121 ? 10.174  -5.238  -4.653  1.00 31.04 ? 136 TYR A CA  1 
ATOM   944  C C   . TYR A 1 121 ? 10.924  -4.402  -5.717  1.00 34.32 ? 136 TYR A C   1 
ATOM   945  O O   . TYR A 1 121 ? 11.295  -3.259  -5.450  1.00 37.23 ? 136 TYR A O   1 
ATOM   946  C CB  . TYR A 1 121 ? 11.120  -6.105  -3.838  1.00 32.12 ? 136 TYR A CB  1 
ATOM   947  C CG  . TYR A 1 121 ? 12.222  -5.358  -3.163  1.00 33.93 ? 136 TYR A CG  1 
ATOM   948  C CD1 . TYR A 1 121 ? 12.043  -4.799  -1.906  1.00 34.33 ? 136 TYR A CD1 1 
ATOM   949  C CD2 . TYR A 1 121 ? 13.448  -5.196  -3.792  1.00 36.94 ? 136 TYR A CD2 1 
ATOM   950  C CE1 . TYR A 1 121 ? 13.060  -4.085  -1.296  1.00 36.04 ? 136 TYR A CE1 1 
ATOM   951  C CE2 . TYR A 1 121 ? 14.465  -4.491  -3.190  1.00 39.00 ? 136 TYR A CE2 1 
ATOM   952  C CZ  . TYR A 1 121 ? 14.264  -3.934  -1.949  1.00 37.34 ? 136 TYR A CZ  1 
ATOM   953  O OH  . TYR A 1 121 ? 15.266  -3.172  -1.404  1.00 43.71 ? 136 TYR A OH  1 
ATOM   954  N N   . GLN A 1 122 ? 11.148  -4.964  -6.910  1.00 34.48 ? 137 GLN A N   1 
ATOM   955  C CA  . GLN A 1 122 ? 11.815  -4.255  -8.013  1.00 32.31 ? 137 GLN A CA  1 
ATOM   956  C C   . GLN A 1 122 ? 10.902  -3.167  -8.531  1.00 31.11 ? 137 GLN A C   1 
ATOM   957  O O   . GLN A 1 122 ? 11.323  -2.029  -8.663  1.00 34.08 ? 137 GLN A O   1 
ATOM   958  C CB  . GLN A 1 122 ? 12.165  -5.185  -9.181  1.00 36.50 ? 137 GLN A CB  1 
ATOM   959  C CG  . GLN A 1 122 ? 13.635  -5.583  -9.266  1.00 41.22 ? 137 GLN A CG  1 
ATOM   960  C CD  . GLN A 1 122 ? 13.995  -6.748  -8.359  1.00 45.58 ? 137 GLN A CD  1 
ATOM   961  O OE1 . GLN A 1 122 ? 14.211  -7.869  -8.832  1.00 47.81 ? 137 GLN A OE1 1 
ATOM   962  N NE2 . GLN A 1 122 ? 14.060  -6.495  -7.051  1.00 46.33 ? 137 GLN A NE2 1 
ATOM   963  N N   . GLU A 1 123 ? 9.666   -3.528  -8.857  1.00 28.23 ? 138 GLU A N   1 
ATOM   964  C CA  . GLU A 1 123 ? 8.679   -2.562  -9.331  1.00 29.65 ? 138 GLU A CA  1 
ATOM   965  C C   . GLU A 1 123 ? 8.698   -1.375  -8.366  1.00 27.51 ? 138 GLU A C   1 
ATOM   966  O O   . GLU A 1 123 ? 8.831   -0.217  -8.770  1.00 27.65 ? 138 GLU A O   1 
ATOM   967  C CB  . GLU A 1 123 ? 7.259   -3.198  -9.331  1.00 34.54 ? 138 GLU A CB  1 
ATOM   968  C CG  . GLU A 1 123 ? 6.074   -2.237  -8.960  1.00 40.52 ? 138 GLU A CG  1 
ATOM   969  C CD  . GLU A 1 123 ? 4.822   -2.938  -8.371  1.00 42.89 ? 138 GLU A CD  1 
ATOM   970  O OE1 . GLU A 1 123 ? 4.109   -3.607  -9.155  1.00 46.66 ? 138 GLU A OE1 1 
ATOM   971  O OE2 . GLU A 1 123 ? 4.531   -2.791  -7.148  1.00 34.53 ? 138 GLU A OE2 1 
ATOM   972  N N   . CYS A 1 124 ? 8.633   -1.692  -7.080  1.00 23.44 ? 139 CYS A N   1 
ATOM   973  C CA  . CYS A 1 124 ? 8.570   -0.686  -6.047  1.00 18.68 ? 139 CYS A CA  1 
ATOM   974  C C   . CYS A 1 124 ? 9.810   0.168   -5.873  1.00 16.11 ? 139 CYS A C   1 
ATOM   975  O O   . CYS A 1 124 ? 9.696   1.386   -5.810  1.00 19.56 ? 139 CYS A O   1 
ATOM   976  C CB  . CYS A 1 124 ? 8.101   -1.309  -4.730  1.00 18.13 ? 139 CYS A CB  1 
ATOM   977  S SG  . CYS A 1 124 ? 7.938   -0.140  -3.379  1.00 19.26 ? 139 CYS A SG  1 
ATOM   978  N N   . ASN A 1 125 ? 10.988  -0.436  -5.803  1.00 16.87 ? 140 ASN A N   1 
ATOM   979  C CA  . ASN A 1 125 ? 12.193  0.377   -5.654  1.00 18.42 ? 140 ASN A CA  1 
ATOM   980  C C   . ASN A 1 125 ? 12.293  1.287   -6.862  1.00 19.09 ? 140 ASN A C   1 
ATOM   981  O O   . ASN A 1 125 ? 12.723  2.426   -6.759  1.00 19.63 ? 140 ASN A O   1 
ATOM   982  C CB  . ASN A 1 125 ? 13.451  -0.476  -5.543  1.00 19.86 ? 140 ASN A CB  1 
ATOM   983  C CG  . ASN A 1 125 ? 14.630  0.315   -5.010  1.00 23.76 ? 140 ASN A CG  1 
ATOM   984  O OD1 . ASN A 1 125 ? 14.474  1.421   -4.503  1.00 26.34 ? 140 ASN A OD1 1 
ATOM   985  N ND2 . ASN A 1 125 ? 15.819  -0.253  -5.105  1.00 27.45 ? 140 ASN A ND2 1 
ATOM   986  N N   . LYS A 1 126 ? 11.793  0.803   -7.992  1.00 23.43 ? 141 LYS A N   1 
ATOM   987  C CA  . LYS A 1 126 ? 11.788  1.560   -9.241  1.00 27.06 ? 141 LYS A CA  1 
ATOM   988  C C   . LYS A 1 126 ? 10.897  2.793   -9.073  1.00 26.53 ? 141 LYS A C   1 
ATOM   989  O O   . LYS A 1 126 ? 11.340  3.924   -9.280  1.00 32.36 ? 141 LYS A O   1 
ATOM   990  C CB  . LYS A 1 126 ? 11.266  0.669   -10.373 1.00 28.91 ? 141 LYS A CB  1 
ATOM   991  C CG  . LYS A 1 126 ? 11.561  1.112   -11.790 1.00 32.70 ? 141 LYS A CG  1 
ATOM   992  C CD  . LYS A 1 126 ? 10.994  0.070   -12.742 1.00 35.09 ? 141 LYS A CD  1 
ATOM   993  C CE  . LYS A 1 126 ? 10.705  0.633   -14.122 1.00 37.68 ? 141 LYS A CE  1 
ATOM   994  N NZ  . LYS A 1 126 ? 9.768   -0.281  -14.863 1.00 41.82 ? 141 LYS A NZ  1 
ATOM   995  N N   . ILE A 1 127 ? 9.668   2.583   -8.618  1.00 25.78 ? 142 ILE A N   1 
ATOM   996  C CA  . ILE A 1 127 ? 8.727   3.681   -8.419  1.00 18.49 ? 142 ILE A CA  1 
ATOM   997  C C   . ILE A 1 127 ? 9.245   4.723   -7.423  1.00 18.11 ? 142 ILE A C   1 
ATOM   998  O O   . ILE A 1 127 ? 8.884   5.893   -7.501  1.00 21.41 ? 142 ILE A O   1 
ATOM   999  C CB  . ILE A 1 127 ? 7.338   3.126   -8.015  1.00 17.57 ? 142 ILE A CB  1 
ATOM   1000 C CG1 . ILE A 1 127 ? 6.763   2.311   -9.192  1.00 11.75 ? 142 ILE A CG1 1 
ATOM   1001 C CG2 . ILE A 1 127 ? 6.422   4.262   -7.520  1.00 14.52 ? 142 ILE A CG2 1 
ATOM   1002 C CD1 . ILE A 1 127 ? 5.450   1.588   -8.930  1.00 14.10 ? 142 ILE A CD1 1 
ATOM   1003 N N   . VAL A 1 128 ? 10.096  4.297   -6.498  1.00 18.39 ? 143 VAL A N   1 
ATOM   1004 C CA  . VAL A 1 128 ? 10.686  5.188   -5.503  1.00 17.16 ? 143 VAL A CA  1 
ATOM   1005 C C   . VAL A 1 128 ? 11.757  6.051   -6.182  1.00 24.03 ? 143 VAL A C   1 
ATOM   1006 O O   . VAL A 1 128 ? 11.923  7.239   -5.848  1.00 23.49 ? 143 VAL A O   1 
ATOM   1007 C CB  . VAL A 1 128 ? 11.355  4.392   -4.372  1.00 15.21 ? 143 VAL A CB  1 
ATOM   1008 C CG1 . VAL A 1 128 ? 12.068  5.316   -3.424  1.00 13.76 ? 143 VAL A CG1 1 
ATOM   1009 C CG2 . VAL A 1 128 ? 10.324  3.585   -3.633  1.00 14.99 ? 143 VAL A CG2 1 
ATOM   1010 N N   . LYS A 1 129 ? 12.467  5.454   -7.141  1.00 24.76 ? 144 LYS A N   1 
ATOM   1011 C CA  . LYS A 1 129 ? 13.509  6.147   -7.880  1.00 23.03 ? 144 LYS A CA  1 
ATOM   1012 C C   . LYS A 1 129 ? 12.950  7.063   -8.964  1.00 25.87 ? 144 LYS A C   1 
ATOM   1013 O O   . LYS A 1 129 ? 13.512  8.132   -9.177  1.00 29.64 ? 144 LYS A O   1 
ATOM   1014 C CB  . LYS A 1 129 ? 14.537  5.159   -8.429  1.00 25.80 ? 144 LYS A CB  1 
ATOM   1015 C CG  . LYS A 1 129 ? 15.474  4.589   -7.324  1.00 32.47 ? 144 LYS A CG  1 
ATOM   1016 C CD  . LYS A 1 129 ? 16.368  3.407   -7.790  1.00 35.63 ? 144 LYS A CD  1 
ATOM   1017 C CE  . LYS A 1 129 ? 17.330  2.938   -6.672  1.00 42.84 ? 144 LYS A CE  1 
ATOM   1018 N NZ  . LYS A 1 129 ? 18.194  1.759   -7.029  1.00 44.68 ? 144 LYS A NZ  1 
ATOM   1019 N N   . GLN A 1 130 ? 11.823  6.685   -9.600  1.00 24.46 ? 145 GLN A N   1 
ATOM   1020 C CA  . GLN A 1 130 ? 11.168  7.515   -10.641 1.00 17.79 ? 145 GLN A CA  1 
ATOM   1021 C C   . GLN A 1 130 ? 10.583  8.769   -9.996  1.00 18.59 ? 145 GLN A C   1 
ATOM   1022 O O   . GLN A 1 130 ? 10.422  9.791   -10.655 1.00 20.57 ? 145 GLN A O   1 
ATOM   1023 C CB  . GLN A 1 130 ? 10.021  6.774   -11.365 1.00 17.03 ? 145 GLN A CB  1 
ATOM   1024 C CG  . GLN A 1 130 ? 10.424  5.662   -12.345 1.00 21.48 ? 145 GLN A CG  1 
ATOM   1025 C CD  . GLN A 1 130 ? 9.246   4.802   -12.867 1.00 21.81 ? 145 GLN A CD  1 
ATOM   1026 O OE1 . GLN A 1 130 ? 8.104   4.912   -12.407 1.00 25.91 ? 145 GLN A OE1 1 
ATOM   1027 N NE2 . GLN A 1 130 ? 9.538   3.935   -13.816 1.00 21.85 ? 145 GLN A NE2 1 
ATOM   1028 N N   . LYS A 1 131 ? 10.208  8.669   -8.718  1.00 16.10 ? 146 LYS A N   1 
ATOM   1029 C CA  . LYS A 1 131 ? 9.642   9.798   -7.976  1.00 15.57 ? 146 LYS A CA  1 
ATOM   1030 C C   . LYS A 1 131 ? 10.709  10.839  -7.687  1.00 15.06 ? 146 LYS A C   1 
ATOM   1031 O O   . LYS A 1 131 ? 10.479  12.030  -7.817  1.00 17.99 ? 146 LYS A O   1 
ATOM   1032 C CB  . LYS A 1 131 ? 9.033   9.333   -6.660  1.00 15.75 ? 146 LYS A CB  1 
ATOM   1033 C CG  . LYS A 1 131 ? 8.336   10.443  -5.901  1.00 15.83 ? 146 LYS A CG  1 
ATOM   1034 C CD  . LYS A 1 131 ? 8.007   9.994   -4.506  1.00 19.15 ? 146 LYS A CD  1 
ATOM   1035 C CE  . LYS A 1 131 ? 7.222   11.053  -3.772  1.00 23.51 ? 146 LYS A CE  1 
ATOM   1036 N NZ  . LYS A 1 131 ? 6.404   10.502  -2.649  1.00 35.06 ? 146 LYS A NZ  1 
ATOM   1037 N N   . ALA A 1 132 ? 11.878  10.386  -7.273  1.00 17.75 ? 147 ALA A N   1 
ATOM   1038 C CA  . ALA A 1 132 ? 12.972  11.292  -7.004  1.00 19.26 ? 147 ALA A CA  1 
ATOM   1039 C C   . ALA A 1 132 ? 13.378  11.895  -8.346  1.00 21.84 ? 147 ALA A C   1 
ATOM   1040 O O   . ALA A 1 132 ? 13.856  13.021  -8.394  1.00 26.74 ? 147 ALA A O   1 
ATOM   1041 C CB  . ALA A 1 132 ? 14.129  10.542  -6.392  1.00 21.53 ? 147 ALA A CB  1 
ATOM   1042 N N   . PHE A 1 133 ? 13.147  11.146  -9.429  1.00 19.35 ? 148 PHE A N   1 
ATOM   1043 C CA  . PHE A 1 133 ? 13.456  11.579  -10.800 1.00 16.20 ? 148 PHE A CA  1 
ATOM   1044 C C   . PHE A 1 133 ? 12.564  12.738  -11.281 1.00 12.40 ? 148 PHE A C   1 
ATOM   1045 O O   . PHE A 1 133 ? 13.056  13.806  -11.599 1.00 16.39 ? 148 PHE A O   1 
ATOM   1046 C CB  . PHE A 1 133 ? 13.357  10.385  -11.781 1.00 17.02 ? 148 PHE A CB  1 
ATOM   1047 C CG  . PHE A 1 133 ? 13.932  10.677  -13.163 1.00 17.69 ? 148 PHE A CG  1 
ATOM   1048 C CD1 . PHE A 1 133 ? 13.140  11.217  -14.169 1.00 17.84 ? 148 PHE A CD1 1 
ATOM   1049 C CD2 . PHE A 1 133 ? 15.262  10.410  -13.447 1.00 15.08 ? 148 PHE A CD2 1 
ATOM   1050 C CE1 . PHE A 1 133 ? 13.679  11.502  -15.423 1.00 20.20 ? 148 PHE A CE1 1 
ATOM   1051 C CE2 . PHE A 1 133 ? 15.806  10.690  -14.694 1.00 13.64 ? 148 PHE A CE2 1 
ATOM   1052 C CZ  . PHE A 1 133 ? 15.020  11.227  -15.682 1.00 15.99 ? 148 PHE A CZ  1 
ATOM   1053 N N   . GLU A 1 134 ? 11.264  12.508  -11.352 1.00 12.66 ? 149 GLU A N   1 
ATOM   1054 C CA  . GLU A 1 134 ? 10.294  13.515  -11.771 1.00 12.76 ? 149 GLU A CA  1 
ATOM   1055 C C   . GLU A 1 134 ? 10.447  14.791  -10.941 1.00 14.75 ? 149 GLU A C   1 
ATOM   1056 O O   . GLU A 1 134 ? 10.142  15.884  -11.430 1.00 20.27 ? 149 GLU A O   1 
ATOM   1057 C CB  . GLU A 1 134 ? 8.871   12.995  -11.544 1.00 17.44 ? 149 GLU A CB  1 
ATOM   1058 C CG  . GLU A 1 134 ? 8.598   11.583  -12.026 1.00 23.76 ? 149 GLU A CG  1 
ATOM   1059 C CD  . GLU A 1 134 ? 8.296   11.497  -13.492 1.00 28.77 ? 149 GLU A CD  1 
ATOM   1060 O OE1 . GLU A 1 134 ? 8.513   12.496  -14.217 1.00 33.97 ? 149 GLU A OE1 1 
ATOM   1061 O OE2 . GLU A 1 134 ? 7.834   10.415  -13.921 1.00 33.57 ? 149 GLU A OE2 1 
ATOM   1062 N N   . ARG A 1 135 ? 10.838  14.642  -9.671  1.00 10.56 ? 150 ARG A N   1 
ATOM   1063 C CA  . ARG A 1 135 ? 11.029  15.784  -8.777  1.00 6.29  ? 150 ARG A CA  1 
ATOM   1064 C C   . ARG A 1 135 ? 12.269  16.594  -9.148  1.00 8.56  ? 150 ARG A C   1 
ATOM   1065 O O   . ARG A 1 135 ? 12.251  17.819  -9.160  1.00 12.76 ? 150 ARG A O   1 
ATOM   1066 C CB  . ARG A 1 135 ? 11.115  15.318  -7.318  1.00 6.62  ? 150 ARG A CB  1 
ATOM   1067 C CG  . ARG A 1 135 ? 9.742   15.064  -6.661  1.00 9.33  ? 150 ARG A CG  1 
ATOM   1068 C CD  . ARG A 1 135 ? 9.827   14.463  -5.252  1.00 13.66 ? 150 ARG A CD  1 
ATOM   1069 N NE  . ARG A 1 135 ? 10.461  15.337  -4.271  1.00 19.58 ? 150 ARG A NE  1 
ATOM   1070 C CZ  . ARG A 1 135 ? 9.807   16.088  -3.389  1.00 24.20 ? 150 ARG A CZ  1 
ATOM   1071 N NH1 . ARG A 1 135 ? 8.486   16.089  -3.356  1.00 29.76 ? 150 ARG A NH1 1 
ATOM   1072 N NH2 . ARG A 1 135 ? 10.484  16.814  -2.510  1.00 26.41 ? 150 ARG A NH2 1 
ATOM   1073 N N   . ALA A 1 136 ? 13.340  15.905  -9.499  1.00 8.25  ? 151 ALA A N   1 
ATOM   1074 C CA  . ALA A 1 136 ? 14.579  16.554  -9.889  1.00 9.40  ? 151 ALA A CA  1 
ATOM   1075 C C   . ALA A 1 136 ? 14.379  17.362  -11.167 1.00 10.74 ? 151 ALA A C   1 
ATOM   1076 O O   . ALA A 1 136 ? 14.740  18.538  -11.240 1.00 16.41 ? 151 ALA A O   1 
ATOM   1077 C CB  . ALA A 1 136 ? 15.660  15.507  -10.083 1.00 7.87  ? 151 ALA A CB  1 
ATOM   1078 N N   . ILE A 1 137 ? 13.799  16.722  -12.171 1.00 8.51  ? 152 ILE A N   1 
ATOM   1079 C CA  . ILE A 1 137 ? 13.517  17.367  -13.437 1.00 8.56  ? 152 ILE A CA  1 
ATOM   1080 C C   . ILE A 1 137 ? 12.750  18.665  -13.204 1.00 9.31  ? 152 ILE A C   1 
ATOM   1081 O O   . ILE A 1 137 ? 13.147  19.726  -13.682 1.00 14.90 ? 152 ILE A O   1 
ATOM   1082 C CB  . ILE A 1 137 ? 12.677  16.448  -14.319 1.00 9.19  ? 152 ILE A CB  1 
ATOM   1083 C CG1 . ILE A 1 137 ? 13.467  15.200  -14.670 1.00 10.72 ? 152 ILE A CG1 1 
ATOM   1084 C CG2 . ILE A 1 137 ? 12.293  17.149  -15.583 1.00 13.23 ? 152 ILE A CG2 1 
ATOM   1085 C CD1 . ILE A 1 137 ? 14.634  15.473  -15.590 1.00 13.59 ? 152 ILE A CD1 1 
ATOM   1086 N N   . ALA A 1 138 ? 11.667  18.582  -12.445 1.00 7.43  ? 153 ALA A N   1 
ATOM   1087 C CA  . ALA A 1 138 ? 10.839  19.749  -12.148 1.00 9.65  ? 153 ALA A CA  1 
ATOM   1088 C C   . ALA A 1 138 ? 11.689  20.842  -11.514 1.00 8.93  ? 153 ALA A C   1 
ATOM   1089 O O   . ALA A 1 138 ? 11.483  22.030  -11.761 1.00 15.19 ? 153 ALA A O   1 
ATOM   1090 C CB  . ALA A 1 138 ? 9.699   19.353  -11.225 1.00 6.18  ? 153 ALA A CB  1 
ATOM   1091 N N   . GLY A 1 139 ? 12.632  20.437  -10.681 1.00 10.99 ? 154 GLY A N   1 
ATOM   1092 C CA  . GLY A 1 139 ? 13.527  21.390  -10.050 1.00 13.61 ? 154 GLY A CA  1 
ATOM   1093 C C   . GLY A 1 139 ? 14.511  21.946  -11.075 1.00 15.74 ? 154 GLY A C   1 
ATOM   1094 O O   . GLY A 1 139 ? 14.969  23.085  -10.949 1.00 13.51 ? 154 GLY A O   1 
ATOM   1095 N N   . ASP A 1 140 ? 14.830  21.143  -12.087 1.00 14.19 ? 155 ASP A N   1 
ATOM   1096 C CA  . ASP A 1 140 ? 15.739  21.538  -13.148 1.00 9.94  ? 155 ASP A CA  1 
ATOM   1097 C C   . ASP A 1 140 ? 15.037  22.530  -14.049 1.00 15.60 ? 155 ASP A C   1 
ATOM   1098 O O   . ASP A 1 140 ? 15.608  23.545  -14.454 1.00 14.67 ? 155 ASP A O   1 
ATOM   1099 C CB  . ASP A 1 140 ? 16.092  20.337  -13.997 1.00 14.74 ? 155 ASP A CB  1 
ATOM   1100 C CG  . ASP A 1 140 ? 17.145  19.441  -13.371 1.00 20.06 ? 155 ASP A CG  1 
ATOM   1101 O OD1 . ASP A 1 140 ? 17.672  19.731  -12.268 1.00 24.35 ? 155 ASP A OD1 1 
ATOM   1102 O OD2 . ASP A 1 140 ? 17.466  18.425  -14.022 1.00 22.94 ? 155 ASP A OD2 1 
ATOM   1103 N N   . GLU A 1 141 ? 13.776  22.226  -14.341 1.00 18.04 ? 156 GLU A N   1 
ATOM   1104 C CA  . GLU A 1 141 ? 12.947  23.039  -15.211 1.00 17.62 ? 156 GLU A CA  1 
ATOM   1105 C C   . GLU A 1 141 ? 12.697  24.389  -14.596 1.00 14.66 ? 156 GLU A C   1 
ATOM   1106 O O   . GLU A 1 141 ? 12.702  25.410  -15.263 1.00 16.97 ? 156 GLU A O   1 
ATOM   1107 C CB  . GLU A 1 141 ? 11.629  22.328  -15.491 1.00 27.74 ? 156 GLU A CB  1 
ATOM   1108 C CG  . GLU A 1 141 ? 10.888  22.906  -16.682 1.00 40.71 ? 156 GLU A CG  1 
ATOM   1109 C CD  . GLU A 1 141 ? 11.764  22.920  -17.933 1.00 48.01 ? 156 GLU A CD  1 
ATOM   1110 O OE1 . GLU A 1 141 ? 12.040  21.812  -18.465 1.00 51.20 ? 156 GLU A OE1 1 
ATOM   1111 O OE2 . GLU A 1 141 ? 12.200  24.030  -18.350 1.00 48.99 ? 156 GLU A OE2 1 
ATOM   1112 N N   . HIS A 1 142 ? 12.469  24.391  -13.304 1.00 11.18 ? 157 HIS A N   1 
ATOM   1113 C CA  . HIS A 1 142 ? 12.249  25.630  -12.601 1.00 12.61 ? 157 HIS A CA  1 
ATOM   1114 C C   . HIS A 1 142 ? 13.526  26.486  -12.545 1.00 15.28 ? 157 HIS A C   1 
ATOM   1115 O O   . HIS A 1 142 ? 13.449  27.704  -12.593 1.00 21.61 ? 157 HIS A O   1 
ATOM   1116 C CB  . HIS A 1 142 ? 11.765  25.330  -11.179 1.00 9.27  ? 157 HIS A CB  1 
ATOM   1117 C CG  . HIS A 1 142 ? 11.667  26.538  -10.308 1.00 6.94  ? 157 HIS A CG  1 
ATOM   1118 N ND1 . HIS A 1 142 ? 12.406  26.680  -9.153  1.00 5.37  ? 157 HIS A ND1 1 
ATOM   1119 C CD2 . HIS A 1 142 ? 10.880  27.631  -10.394 1.00 7.40  ? 157 HIS A CD2 1 
ATOM   1120 C CE1 . HIS A 1 142 ? 12.060  27.809  -8.555  1.00 7.42  ? 157 HIS A CE1 1 
ATOM   1121 N NE2 . HIS A 1 142 ? 11.140  28.403  -9.294  1.00 8.65  ? 157 HIS A NE2 1 
ATOM   1122 N N   . LYS A 1 143 ? 14.690  25.859  -12.393 1.00 15.66 ? 158 LYS A N   1 
ATOM   1123 C CA  . LYS A 1 143 ? 15.933  26.611  -12.308 1.00 14.49 ? 158 LYS A CA  1 
ATOM   1124 C C   . LYS A 1 143 ? 16.200  27.325  -13.610 1.00 15.30 ? 158 LYS A C   1 
ATOM   1125 O O   . LYS A 1 143 ? 16.609  28.480  -13.616 1.00 15.51 ? 158 LYS A O   1 
ATOM   1126 C CB  . LYS A 1 143 ? 17.122  25.708  -11.994 1.00 18.59 ? 158 LYS A CB  1 
ATOM   1127 C CG  . LYS A 1 143 ? 18.438  26.437  -12.200 1.00 26.22 ? 158 LYS A CG  1 
ATOM   1128 C CD  . LYS A 1 143 ? 19.595  25.512  -12.508 1.00 30.95 ? 158 LYS A CD  1 
ATOM   1129 C CE  . LYS A 1 143 ? 20.803  26.314  -12.999 1.00 34.61 ? 158 LYS A CE  1 
ATOM   1130 N NZ  . LYS A 1 143 ? 22.091  25.584  -12.758 1.00 39.79 ? 158 LYS A NZ  1 
ATOM   1131 N N   . ARG A 1 144 ? 15.976  26.624  -14.713 1.00 15.28 ? 159 ARG A N   1 
ATOM   1132 C CA  . ARG A 1 144 ? 16.206  27.204  -16.018 1.00 21.47 ? 159 ARG A CA  1 
ATOM   1133 C C   . ARG A 1 144 ? 15.373  28.456  -16.167 1.00 21.49 ? 159 ARG A C   1 
ATOM   1134 O O   . ARG A 1 144 ? 15.842  29.472  -16.676 1.00 26.73 ? 159 ARG A O   1 
ATOM   1135 C CB  . ARG A 1 144 ? 15.884  26.207  -17.140 1.00 24.94 ? 159 ARG A CB  1 
ATOM   1136 C CG  . ARG A 1 144 ? 16.839  25.028  -17.235 1.00 29.99 ? 159 ARG A CG  1 
ATOM   1137 C CD  . ARG A 1 144 ? 16.428  24.077  -18.364 1.00 39.14 ? 159 ARG A CD  1 
ATOM   1138 N NE  . ARG A 1 144 ? 16.467  22.672  -17.943 1.00 45.56 ? 159 ARG A NE  1 
ATOM   1139 C CZ  . ARG A 1 144 ? 15.568  21.757  -18.298 1.00 47.06 ? 159 ARG A CZ  1 
ATOM   1140 N NH1 . ARG A 1 144 ? 14.560  22.089  -19.095 1.00 48.68 ? 159 ARG A NH1 1 
ATOM   1141 N NH2 . ARG A 1 144 ? 15.649  20.524  -17.813 1.00 46.56 ? 159 ARG A NH2 1 
ATOM   1142 N N   . SER A 1 145 ? 14.143  28.399  -15.696 1.00 23.37 ? 160 SER A N   1 
ATOM   1143 C CA  . SER A 1 145 ? 13.281  29.554  -15.790 1.00 26.03 ? 160 SER A CA  1 
ATOM   1144 C C   . SER A 1 145 ? 13.736  30.708  -14.880 1.00 25.17 ? 160 SER A C   1 
ATOM   1145 O O   . SER A 1 145 ? 13.613  31.857  -15.284 1.00 29.81 ? 160 SER A O   1 
ATOM   1146 C CB  . SER A 1 145 ? 11.829  29.158  -15.523 1.00 30.86 ? 160 SER A CB  1 
ATOM   1147 O OG  . SER A 1 145 ? 11.428  28.125  -16.419 1.00 35.79 ? 160 SER A OG  1 
ATOM   1148 N N   . VAL A 1 146 ? 14.264  30.429  -13.674 1.00 21.17 ? 161 VAL A N   1 
ATOM   1149 C CA  . VAL A 1 146 ? 14.725  31.509  -12.776 1.00 14.55 ? 161 VAL A CA  1 
ATOM   1150 C C   . VAL A 1 146 ? 15.939  32.171  -13.397 1.00 16.24 ? 161 VAL A C   1 
ATOM   1151 O O   . VAL A 1 146 ? 15.987  33.381  -13.572 1.00 22.07 ? 161 VAL A O   1 
ATOM   1152 C CB  . VAL A 1 146 ? 15.125  31.014  -11.361 1.00 10.74 ? 161 VAL A CB  1 
ATOM   1153 C CG1 . VAL A 1 146 ? 15.737  32.134  -10.552 1.00 5.84  ? 161 VAL A CG1 1 
ATOM   1154 C CG2 . VAL A 1 146 ? 13.914  30.511  -10.625 1.00 12.25 ? 161 VAL A CG2 1 
ATOM   1155 N N   . VAL A 1 147 ? 16.892  31.356  -13.798 1.00 17.07 ? 162 VAL A N   1 
ATOM   1156 C CA  . VAL A 1 147 ? 18.111  31.859  -14.378 1.00 18.57 ? 162 VAL A CA  1 
ATOM   1157 C C   . VAL A 1 147 ? 17.814  32.722  -15.596 1.00 23.02 ? 162 VAL A C   1 
ATOM   1158 O O   . VAL A 1 147 ? 18.323  33.837  -15.699 1.00 28.94 ? 162 VAL A O   1 
ATOM   1159 C CB  . VAL A 1 147 ? 19.074  30.699  -14.621 1.00 16.28 ? 162 VAL A CB  1 
ATOM   1160 C CG1 . VAL A 1 147 ? 20.368  31.190  -15.154 1.00 22.20 ? 162 VAL A CG1 1 
ATOM   1161 C CG2 . VAL A 1 147 ? 19.323  29.995  -13.288 1.00 17.46 ? 162 VAL A CG2 1 
ATOM   1162 N N   . ASP A 1 148 ? 16.900  32.274  -16.446 1.00 26.30 ? 163 ASP A N   1 
ATOM   1163 C CA  . ASP A 1 148 ? 16.508  33.051  -17.628 1.00 28.63 ? 163 ASP A CA  1 
ATOM   1164 C C   . ASP A 1 148 ? 15.868  34.396  -17.248 1.00 27.17 ? 163 ASP A C   1 
ATOM   1165 O O   . ASP A 1 148 ? 15.942  35.352  -18.003 1.00 32.20 ? 163 ASP A O   1 
ATOM   1166 C CB  . ASP A 1 148 ? 15.473  32.288  -18.468 1.00 29.49 ? 163 ASP A CB  1 
ATOM   1167 C CG  . ASP A 1 148 ? 16.086  31.292  -19.396 1.00 33.49 ? 163 ASP A CG  1 
ATOM   1168 O OD1 . ASP A 1 148 ? 17.294  30.986  -19.279 1.00 37.72 ? 163 ASP A OD1 1 
ATOM   1169 O OD2 . ASP A 1 148 ? 15.335  30.809  -20.261 1.00 35.34 ? 163 ASP A OD2 1 
ATOM   1170 N N   . SER A 1 149 ? 15.212  34.455  -16.100 1.00 25.89 ? 164 SER A N   1 
ATOM   1171 C CA  . SER A 1 149 ? 14.531  35.672  -15.674 1.00 29.09 ? 164 SER A CA  1 
ATOM   1172 C C   . SER A 1 149 ? 15.345  36.590  -14.770 1.00 27.55 ? 164 SER A C   1 
ATOM   1173 O O   . SER A 1 149 ? 14.856  37.655  -14.376 1.00 25.38 ? 164 SER A O   1 
ATOM   1174 C CB  . SER A 1 149 ? 13.218  35.308  -14.955 1.00 34.88 ? 164 SER A CB  1 
ATOM   1175 O OG  . SER A 1 149 ? 12.325  34.561  -15.788 1.00 43.84 ? 164 SER A OG  1 
ATOM   1176 N N   . LEU A 1 150 ? 16.568  36.183  -14.432 1.00 25.76 ? 165 LEU A N   1 
ATOM   1177 C CA  . LEU A 1 150 ? 17.422  36.978  -13.546 1.00 23.99 ? 165 LEU A CA  1 
ATOM   1178 C C   . LEU A 1 150 ? 17.746  38.357  -14.117 1.00 23.63 ? 165 LEU A C   1 
ATOM   1179 O O   . LEU A 1 150 ? 18.314  38.479  -15.204 1.00 27.25 ? 165 LEU A O   1 
ATOM   1180 C CB  . LEU A 1 150 ? 18.722  36.226  -13.215 1.00 24.69 ? 165 LEU A CB  1 
ATOM   1181 C CG  . LEU A 1 150 ? 18.744  34.993  -12.295 1.00 23.61 ? 165 LEU A CG  1 
ATOM   1182 C CD1 . LEU A 1 150 ? 20.136  34.407  -12.325 1.00 22.09 ? 165 LEU A CD1 1 
ATOM   1183 C CD2 . LEU A 1 150 ? 18.357  35.333  -10.867 1.00 19.40 ? 165 LEU A CD2 1 
ATOM   1184 N N   . ASP A 1 151 ? 17.421  39.396  -13.359 1.00 25.57 ? 166 ASP A N   1 
ATOM   1185 C CA  . ASP A 1 151 ? 17.669  40.759  -13.799 1.00 25.01 ? 166 ASP A CA  1 
ATOM   1186 C C   . ASP A 1 151 ? 19.106  41.205  -13.555 1.00 23.96 ? 166 ASP A C   1 
ATOM   1187 O O   . ASP A 1 151 ? 19.421  41.911  -12.595 1.00 20.66 ? 166 ASP A O   1 
ATOM   1188 C CB  . ASP A 1 151 ? 16.682  41.724  -13.145 1.00 27.53 ? 166 ASP A CB  1 
ATOM   1189 C CG  . ASP A 1 151 ? 16.721  43.115  -13.768 1.00 30.55 ? 166 ASP A CG  1 
ATOM   1190 O OD1 . ASP A 1 151 ? 16.913  43.245  -15.004 1.00 29.79 ? 166 ASP A OD1 1 
ATOM   1191 O OD2 . ASP A 1 151 ? 16.550  44.081  -13.001 1.00 33.79 ? 166 ASP A OD2 1 
ATOM   1192 N N   . ILE A 1 152 ? 19.977  40.753  -14.440 1.00 24.08 ? 167 ILE A N   1 
ATOM   1193 C CA  . ILE A 1 152 ? 21.378  41.104  -14.385 1.00 24.06 ? 167 ILE A CA  1 
ATOM   1194 C C   . ILE A 1 152 ? 21.542  42.502  -14.971 1.00 22.80 ? 167 ILE A C   1 
ATOM   1195 O O   . ILE A 1 152 ? 22.191  43.344  -14.375 1.00 24.01 ? 167 ILE A O   1 
ATOM   1196 C CB  . ILE A 1 152 ? 22.209  40.021  -15.085 1.00 21.09 ? 167 ILE A CB  1 
ATOM   1197 C CG1 . ILE A 1 152 ? 22.191  38.765  -14.198 1.00 18.60 ? 167 ILE A CG1 1 
ATOM   1198 C CG2 . ILE A 1 152 ? 23.605  40.520  -15.356 1.00 15.96 ? 167 ILE A CG2 1 
ATOM   1199 C CD1 . ILE A 1 152 ? 22.474  37.476  -14.911 1.00 24.66 ? 167 ILE A CD1 1 
ATOM   1200 N N   . GLU A 1 153 ? 20.779  42.794  -16.018 1.00 26.81 ? 168 GLU A N   1 
ATOM   1201 C CA  . GLU A 1 153 ? 20.805  44.104  -16.679 1.00 27.20 ? 168 GLU A CA  1 
ATOM   1202 C C   . GLU A 1 153 ? 20.633  45.339  -15.780 1.00 24.47 ? 168 GLU A C   1 
ATOM   1203 O O   . GLU A 1 153 ? 21.191  46.382  -16.059 1.00 29.55 ? 168 GLU A O   1 
ATOM   1204 C CB  . GLU A 1 153 ? 19.776  44.132  -17.815 1.00 31.64 ? 168 GLU A CB  1 
ATOM   1205 C CG  . GLU A 1 153 ? 20.054  45.200  -18.868 1.00 40.20 ? 168 GLU A CG  1 
ATOM   1206 C CD  . GLU A 1 153 ? 21.520  45.211  -19.337 1.00 43.15 ? 168 GLU A CD  1 
ATOM   1207 O OE1 . GLU A 1 153 ? 21.915  44.257  -20.051 1.00 43.20 ? 168 GLU A OE1 1 
ATOM   1208 O OE2 . GLU A 1 153 ? 22.274  46.160  -18.976 1.00 43.25 ? 168 GLU A OE2 1 
ATOM   1209 N N   . SER A 1 154 ? 19.856  45.232  -14.715 1.00 25.28 ? 169 SER A N   1 
ATOM   1210 C CA  . SER A 1 154 ? 19.656  46.368  -13.826 1.00 27.65 ? 169 SER A CA  1 
ATOM   1211 C C   . SER A 1 154 ? 20.719  46.448  -12.766 1.00 29.59 ? 169 SER A C   1 
ATOM   1212 O O   . SER A 1 154 ? 20.670  47.326  -11.903 1.00 30.80 ? 169 SER A O   1 
ATOM   1213 C CB  . SER A 1 154 ? 18.292  46.322  -13.130 1.00 30.63 ? 169 SER A CB  1 
ATOM   1214 O OG  . SER A 1 154 ? 17.221  46.526  -14.043 1.00 37.53 ? 169 SER A OG  1 
ATOM   1215 N N   . MET A 1 155 ? 21.622  45.476  -12.749 1.00 25.92 ? 170 MET A N   1 
ATOM   1216 C CA  . MET A 1 155 ? 22.689  45.514  -11.764 1.00 24.87 ? 170 MET A CA  1 
ATOM   1217 C C   . MET A 1 155 ? 23.645  46.618  -12.197 1.00 23.82 ? 170 MET A C   1 
ATOM   1218 O O   . MET A 1 155 ? 23.722  46.932  -13.388 1.00 28.29 ? 170 MET A O   1 
ATOM   1219 C CB  . MET A 1 155 ? 23.387  44.161  -11.679 1.00 21.46 ? 170 MET A CB  1 
ATOM   1220 C CG  . MET A 1 155 ? 22.469  43.104  -11.127 1.00 20.62 ? 170 MET A CG  1 
ATOM   1221 S SD  . MET A 1 155 ? 23.148  41.461  -10.888 1.00 17.12 ? 170 MET A SD  1 
ATOM   1222 C CE  . MET A 1 155 ? 21.669  40.678  -10.191 1.00 12.99 ? 170 MET A CE  1 
ATOM   1223 N N   . THR A 1 156 ? 24.352  47.216  -11.242 1.00 24.39 ? 171 THR A N   1 
ATOM   1224 C CA  . THR A 1 156 ? 25.284  48.303  -11.546 1.00 22.12 ? 171 THR A CA  1 
ATOM   1225 C C   . THR A 1 156 ? 26.702  48.170  -11.036 1.00 23.58 ? 171 THR A C   1 
ATOM   1226 O O   . THR A 1 156 ? 26.976  47.745  -9.908  1.00 19.91 ? 171 THR A O   1 
ATOM   1227 C CB  . THR A 1 156 ? 24.778  49.662  -11.064 1.00 18.08 ? 171 THR A CB  1 
ATOM   1228 O OG1 . THR A 1 156 ? 24.334  49.546  -9.712  1.00 20.26 ? 171 THR A OG1 1 
ATOM   1229 C CG2 . THR A 1 156 ? 23.651  50.160  -11.953 1.00 14.81 ? 171 THR A CG2 1 
ATOM   1230 N N   . ILE A 1 157 ? 27.601  48.604  -11.903 1.00 27.30 ? 172 ILE A N   1 
ATOM   1231 C CA  . ILE A 1 157 ? 29.019  48.601  -11.639 1.00 26.13 ? 172 ILE A CA  1 
ATOM   1232 C C   . ILE A 1 157 ? 29.184  49.702  -10.606 1.00 27.95 ? 172 ILE A C   1 
ATOM   1233 O O   . ILE A 1 157 ? 28.329  50.596  -10.484 1.00 24.49 ? 172 ILE A O   1 
ATOM   1234 C CB  . ILE A 1 157 ? 29.774  48.862  -12.972 1.00 26.61 ? 172 ILE A CB  1 
ATOM   1235 C CG1 . ILE A 1 157 ? 30.982  47.949  -13.056 1.00 28.91 ? 172 ILE A CG1 1 
ATOM   1236 C CG2 . ILE A 1 157 ? 30.044  50.355  -13.227 1.00 24.30 ? 172 ILE A CG2 1 
ATOM   1237 C CD1 . ILE A 1 157 ? 30.608  46.496  -13.174 1.00 29.30 ? 172 ILE A CD1 1 
ATOM   1238 N N   . GLU A 1 158 ? 30.204  49.595  -9.776  1.00 33.22 ? 173 GLU A N   1 
ATOM   1239 C CA  . GLU A 1 158 ? 30.373  50.632  -8.781  1.00 43.10 ? 173 GLU A CA  1 
ATOM   1240 C C   . GLU A 1 158 ? 30.777  51.936  -9.459  1.00 49.64 ? 173 GLU A C   1 
ATOM   1241 O O   . GLU A 1 158 ? 31.910  52.074  -9.911  1.00 49.93 ? 173 GLU A O   1 
ATOM   1242 C CB  . GLU A 1 158 ? 31.409  50.237  -7.726  1.00 44.47 ? 173 GLU A CB  1 
ATOM   1243 C CG  . GLU A 1 158 ? 31.497  51.225  -6.556  1.00 43.24 ? 173 GLU A CG  1 
ATOM   1244 C CD  . GLU A 1 158 ? 30.206  51.310  -5.748  1.00 44.37 ? 173 GLU A CD  1 
ATOM   1245 O OE1 . GLU A 1 158 ? 30.074  50.522  -4.785  1.00 44.84 ? 173 GLU A OE1 1 
ATOM   1246 O OE2 . GLU A 1 158 ? 29.329  52.156  -6.080  1.00 45.28 ? 173 GLU A OE2 1 
ATOM   1247 N N   . ASP A 1 159 ? 29.834  52.861  -9.609  1.00 57.94 ? 174 ASP A N   1 
ATOM   1248 C CA  . ASP A 1 159 ? 30.160  54.148  -10.221 1.00 65.18 ? 174 ASP A CA  1 
ATOM   1249 C C   . ASP A 1 159 ? 30.378  55.190  -9.121  1.00 68.42 ? 174 ASP A C   1 
ATOM   1250 O O   . ASP A 1 159 ? 29.544  56.073  -8.886  1.00 71.26 ? 174 ASP A O   1 
ATOM   1251 C CB  . ASP A 1 159 ? 29.098  54.585  -11.252 1.00 66.02 ? 174 ASP A CB  1 
ATOM   1252 C CG  . ASP A 1 159 ? 29.607  54.483  -12.706 1.00 67.69 ? 174 ASP A CG  1 
ATOM   1253 O OD1 . ASP A 1 159 ? 30.784  54.841  -12.949 1.00 67.18 ? 174 ASP A OD1 1 
ATOM   1254 O OD2 . ASP A 1 159 ? 28.834  54.050  -13.602 1.00 66.80 ? 174 ASP A OD2 1 
ATOM   1255 N N   . GLU A 1 160 ? 31.499  55.009  -8.422  1.00 68.99 ? 175 GLU A N   1 
ATOM   1256 C CA  . GLU A 1 160 ? 31.974  55.850  -7.317  1.00 69.17 ? 175 GLU A CA  1 
ATOM   1257 C C   . GLU A 1 160 ? 33.477  55.528  -7.196  1.00 66.48 ? 175 GLU A C   1 
ATOM   1258 O O   . GLU A 1 160 ? 33.885  54.420  -7.567  1.00 67.34 ? 175 GLU A O   1 
ATOM   1259 C CB  . GLU A 1 160 ? 31.230  55.495  -6.018  1.00 71.31 ? 175 GLU A CB  1 
ATOM   1260 C CG  . GLU A 1 160 ? 29.910  56.259  -5.832  1.00 76.40 ? 175 GLU A CG  1 
ATOM   1261 C CD  . GLU A 1 160 ? 28.847  55.448  -5.112  1.00 78.96 ? 175 GLU A CD  1 
ATOM   1262 O OE1 . GLU A 1 160 ? 28.985  55.231  -3.883  1.00 80.64 ? 175 GLU A OE1 1 
ATOM   1263 O OE2 . GLU A 1 160 ? 27.873  55.030  -5.781  1.00 77.99 ? 175 GLU A OE2 1 
ATOM   1264 N N   . TYR A 1 161 ? 34.300  56.489  -6.757  1.00 62.01 ? 176 TYR A N   1 
ATOM   1265 C CA  . TYR A 1 161 ? 35.765  56.276  -6.619  1.00 58.12 ? 176 TYR A CA  1 
ATOM   1266 C C   . TYR A 1 161 ? 36.111  55.010  -5.784  1.00 56.41 ? 176 TYR A C   1 
ATOM   1267 O O   . TYR A 1 161 ? 35.357  54.629  -4.871  1.00 56.05 ? 176 TYR A O   1 
ATOM   1268 C CB  . TYR A 1 161 ? 36.456  57.555  -6.052  1.00 52.67 ? 176 TYR A CB  1 
ATOM   1269 C CG  . TYR A 1 161 ? 37.970  57.481  -5.723  1.00 45.70 ? 176 TYR A CG  1 
ATOM   1270 C CD1 . TYR A 1 161 ? 38.948  57.473  -6.724  1.00 43.16 ? 176 TYR A CD1 1 
ATOM   1271 C CD2 . TYR A 1 161 ? 38.408  57.485  -4.400  1.00 42.15 ? 176 TYR A CD2 1 
ATOM   1272 C CE1 . TYR A 1 161 ? 40.318  57.472  -6.407  1.00 40.81 ? 176 TYR A CE1 1 
ATOM   1273 C CE2 . TYR A 1 161 ? 39.763  57.485  -4.075  1.00 40.03 ? 176 TYR A CE2 1 
ATOM   1274 C CZ  . TYR A 1 161 ? 40.717  57.479  -5.077  1.00 41.14 ? 176 TYR A CZ  1 
ATOM   1275 O OH  . TYR A 1 161 ? 42.064  57.482  -4.719  1.00 41.88 ? 176 TYR A OH  1 
ATOM   1276 N N   . SER A 1 162 ? 37.213  54.343  -6.150  1.00 53.45 ? 177 SER A N   1 
ATOM   1277 C CA  . SER A 1 162 ? 37.674  53.133  -5.461  1.00 48.92 ? 177 SER A CA  1 
ATOM   1278 C C   . SER A 1 162 ? 39.195  52.958  -5.542  1.00 48.03 ? 177 SER A C   1 
ATOM   1279 O O   . SER A 1 162 ? 39.963  53.932  -5.610  1.00 45.15 ? 177 SER A O   1 
ATOM   1280 C CB  . SER A 1 162 ? 36.983  51.894  -6.037  1.00 47.34 ? 177 SER A CB  1 
ATOM   1281 O OG  . SER A 1 162 ? 37.474  51.580  -7.322  1.00 43.02 ? 177 SER A OG  1 
HETATM 1282 S S   . SO4 B 2 .   ? -1.412  -10.933 -3.615  1.00 25.34 ? 256 SO4 A S   1 
HETATM 1283 O O1  . SO4 B 2 .   ? -0.941  -9.614  -3.223  1.00 25.38 ? 256 SO4 A O1  1 
HETATM 1284 O O2  . SO4 B 2 .   ? -0.951  -11.915 -2.702  1.00 22.93 ? 256 SO4 A O2  1 
HETATM 1285 O O3  . SO4 B 2 .   ? -0.933  -11.098 -4.979  1.00 22.13 ? 256 SO4 A O3  1 
HETATM 1286 O O4  . SO4 B 2 .   ? -2.850  -10.929 -3.648  1.00 27.26 ? 256 SO4 A O4  1 
HETATM 1287 S S   . SO4 C 2 .   ? 6.924   7.564   1.857   1.00 53.35 ? 257 SO4 A S   1 
HETATM 1288 O O1  . SO4 C 2 .   ? 8.188   8.219   2.013   1.00 55.94 ? 257 SO4 A O1  1 
HETATM 1289 O O2  . SO4 C 2 .   ? 5.873   8.556   1.834   1.00 53.64 ? 257 SO4 A O2  1 
HETATM 1290 O O3  . SO4 C 2 .   ? 6.651   6.479   2.756   1.00 48.63 ? 257 SO4 A O3  1 
HETATM 1291 O O4  . SO4 C 2 .   ? 7.122   7.054   0.522   1.00 55.71 ? 257 SO4 A O4  1 
HETATM 1292 O O   . HOH D 3 .   ? -18.808 -2.590  -4.763  1.00 35.35 ? 258 HOH A O   1 
HETATM 1293 O O   . HOH D 3 .   ? -26.547 -3.781  17.608  1.00 39.04 ? 259 HOH A O   1 
HETATM 1294 O O   . HOH D 3 .   ? -20.841 -3.752  2.713   1.00 21.98 ? 260 HOH A O   1 
HETATM 1295 O O   . HOH D 3 .   ? -9.799  -25.881 12.330  1.00 46.64 ? 261 HOH A O   1 
HETATM 1296 O O   . HOH D 3 .   ? -4.360  -27.674 0.738   1.00 39.63 ? 262 HOH A O   1 
HETATM 1297 O O   . HOH D 3 .   ? -1.623  2.054   12.756  1.00 38.32 ? 263 HOH A O   1 
HETATM 1298 O O   . HOH D 3 .   ? 1.387   -16.994 3.669   1.00 49.49 ? 264 HOH A O   1 
HETATM 1299 O O   . HOH D 3 .   ? 6.394   -0.758  7.158   1.00 40.47 ? 265 HOH A O   1 
HETATM 1300 O O   . HOH D 3 .   ? 11.750  -1.263  8.720   1.00 50.56 ? 266 HOH A O   1 
HETATM 1301 O O   . HOH D 3 .   ? 9.233   23.303  -12.778 1.00 20.49 ? 267 HOH A O   1 
HETATM 1302 O O   . HOH D 3 .   ? 25.082  42.054  -7.946  1.00 17.82 ? 268 HOH A O   1 
HETATM 1303 O O   . HOH D 3 .   ? 3.969   -0.877  3.903   1.00 15.00 ? 269 HOH A O   1 
HETATM 1304 O O   . HOH D 3 .   ? 1.030   3.663   6.350   1.00 29.45 ? 270 HOH A O   1 
HETATM 1305 O O   . HOH D 3 .   ? 1.261   -5.883  -2.694  1.00 13.23 ? 271 HOH A O   1 
HETATM 1306 O O   . HOH D 3 .   ? -5.537  -1.338  12.309  1.00 15.15 ? 272 HOH A O   1 
HETATM 1307 O O   . HOH D 3 .   ? -2.896  1.504   10.546  1.00 5.46  ? 273 HOH A O   1 
HETATM 1308 O O   . HOH D 3 .   ? -5.809  1.369   11.378  1.00 13.07 ? 274 HOH A O   1 
HETATM 1309 O O   . HOH D 3 .   ? -10.555 -17.375 2.059   1.00 38.99 ? 275 HOH A O   1 
HETATM 1310 O O   . HOH D 3 .   ? 6.027   -7.573  11.469  1.00 28.82 ? 276 HOH A O   1 
HETATM 1311 O O   . HOH D 3 .   ? 12.591  -3.711  6.755   1.00 22.49 ? 277 HOH A O   1 
HETATM 1312 O O   . HOH D 3 .   ? 8.020   -5.039  7.411   1.00 13.18 ? 278 HOH A O   1 
HETATM 1313 O O   . HOH D 3 .   ? 1.152   -18.499 8.150   1.00 38.56 ? 279 HOH A O   1 
HETATM 1314 O O   . HOH D 3 .   ? 8.400   -8.586  -1.994  1.00 15.65 ? 280 HOH A O   1 
HETATM 1315 O O   . HOH D 3 .   ? 0.669   -7.902  -4.545  1.00 19.36 ? 281 HOH A O   1 
HETATM 1316 O O   . HOH D 3 .   ? 19.283  0.917   -4.578  1.00 21.24 ? 282 HOH A O   1 
HETATM 1317 O O   . HOH D 3 .   ? 14.815  25.141  -8.960  1.00 25.88 ? 283 HOH A O   1 
HETATM 1318 O O   . HOH D 3 .   ? -17.327 -15.153 19.139  1.00 30.86 ? 284 HOH A O   1 
HETATM 1319 O O   . HOH D 3 .   ? -13.698 -20.488 -0.475  1.00 28.81 ? 285 HOH A O   1 
HETATM 1320 O O   . HOH D 3 .   ? -23.075 -13.893 13.043  1.00 21.50 ? 286 HOH A O   1 
HETATM 1321 O O   . HOH D 3 .   ? -12.441 -2.073  14.863  1.00 26.76 ? 287 HOH A O   1 
HETATM 1322 O O   . HOH D 3 .   ? 5.034   -14.091 -3.744  1.00 23.66 ? 288 HOH A O   1 
HETATM 1323 O O   . HOH D 3 .   ? -4.398  7.989   -2.544  1.00 24.45 ? 289 HOH A O   1 
HETATM 1324 O O   . HOH D 3 .   ? 19.251  40.586  -17.619 1.00 31.65 ? 290 HOH A O   1 
HETATM 1325 O O   . HOH D 3 .   ? 23.229  22.966  -13.481 1.00 35.06 ? 291 HOH A O   1 
HETATM 1326 O O   . HOH D 3 .   ? 23.555  51.434  -7.418  1.00 39.98 ? 292 HOH A O   1 
HETATM 1327 O O   . HOH D 3 .   ? -13.983 6.517   -4.473  1.00 50.30 ? 293 HOH A O   1 
HETATM 1328 O O   . HOH D 3 .   ? 2.576   1.152   7.425   1.00 37.38 ? 294 HOH A O   1 
HETATM 1329 O O   . HOH D 3 .   ? 5.485   0.512   9.356   1.00 55.72 ? 295 HOH A O   1 
HETATM 1330 O O   . HOH D 3 .   ? 5.860   14.932  -3.886  1.00 22.81 ? 296 HOH A O   1 
HETATM 1331 O O   . HOH D 3 .   ? -26.560 -16.053 4.463   1.00 29.46 ? 297 HOH A O   1 
HETATM 1332 O O   . HOH D 3 .   ? -22.946 -10.965 13.384  1.00 34.99 ? 298 HOH A O   1 
HETATM 1333 O O   . HOH D 3 .   ? -6.185  -12.603 2.390   1.00 16.30 ? 299 HOH A O   1 
HETATM 1334 O O   . HOH D 3 .   ? -0.514  -11.029 8.281   1.00 25.74 ? 300 HOH A O   1 
HETATM 1335 O O   . HOH D 3 .   ? -2.088  -12.627 -6.832  1.00 24.69 ? 301 HOH A O   1 
HETATM 1336 O O   . HOH D 3 .   ? 8.891   7.830   -1.537  1.00 35.05 ? 302 HOH A O   1 
HETATM 1337 O O   . HOH D 3 .   ? 5.636   15.927  0.276   1.00 44.79 ? 303 HOH A O   1 
HETATM 1338 O O   . HOH D 3 .   ? 12.498  -6.231  7.846   1.00 52.79 ? 304 HOH A O   1 
HETATM 1339 O O   . HOH D 3 .   ? 8.087   -0.219  -12.531 1.00 42.51 ? 305 HOH A O   1 
HETATM 1340 O O   . HOH D 3 .   ? 14.623  11.768  -0.417  1.00 23.72 ? 306 HOH A O   1 
HETATM 1341 O O   . HOH D 3 .   ? 23.944  49.258  -16.673 1.00 39.06 ? 307 HOH A O   1 
HETATM 1342 O O   . HOH D 3 .   ? 19.533  47.122  -6.752  1.00 49.90 ? 308 HOH A O   1 
HETATM 1343 O O   . HOH D 3 .   ? -13.241 -24.401 19.272  1.00 41.14 ? 309 HOH A O   1 
HETATM 1344 O O   . HOH D 3 .   ? -12.666 -19.747 11.773  1.00 33.34 ? 310 HOH A O   1 
HETATM 1345 O O   . HOH D 3 .   ? -10.971 -23.662 12.935  1.00 46.97 ? 311 HOH A O   1 
HETATM 1346 O O   . HOH D 3 .   ? -22.455 -15.902 -1.839  1.00 44.61 ? 312 HOH A O   1 
HETATM 1347 O O   . HOH D 3 .   ? -26.908 -9.740  0.954   1.00 43.50 ? 313 HOH A O   1 
HETATM 1348 O O   . HOH D 3 .   ? -26.056 -13.128 7.538   1.00 30.87 ? 314 HOH A O   1 
HETATM 1349 O O   . HOH D 3 .   ? -17.027 -11.274 18.928  1.00 39.89 ? 315 HOH A O   1 
HETATM 1350 O O   . HOH D 3 .   ? -12.552 -11.386 -8.377  1.00 44.54 ? 316 HOH A O   1 
HETATM 1351 O O   . HOH D 3 .   ? -8.992  -0.309  -7.359  1.00 21.77 ? 317 HOH A O   1 
HETATM 1352 O O   . HOH D 3 .   ? 2.164   -15.068 14.810  1.00 46.10 ? 318 HOH A O   1 
HETATM 1353 O O   . HOH D 3 .   ? 12.474  -17.220 6.807   1.00 41.10 ? 319 HOH A O   1 
HETATM 1354 O O   . HOH D 3 .   ? 4.433   10.184  0.739   1.00 30.82 ? 320 HOH A O   1 
HETATM 1355 O O   . HOH D 3 .   ? 7.420   6.804   5.860   1.00 37.81 ? 321 HOH A O   1 
HETATM 1356 O O   . HOH D 3 .   ? 15.471  -0.770  3.953   1.00 43.20 ? 322 HOH A O   1 
HETATM 1357 O O   . HOH D 3 .   ? 17.206  -14.103 -2.418  1.00 41.85 ? 323 HOH A O   1 
HETATM 1358 O O   . HOH D 3 .   ? 2.929   -18.357 1.560   1.00 41.50 ? 324 HOH A O   1 
HETATM 1359 O O   . HOH D 3 .   ? 5.988   -0.603  -16.302 1.00 31.81 ? 325 HOH A O   1 
HETATM 1360 O O   . HOH D 3 .   ? 11.710  11.698  -3.787  1.00 24.70 ? 326 HOH A O   1 
HETATM 1361 O O   . HOH D 3 .   ? 18.654  13.641  -15.823 1.00 37.04 ? 327 HOH A O   1 
HETATM 1362 O O   . HOH D 3 .   ? 17.098  18.424  -16.706 1.00 22.43 ? 328 HOH A O   1 
HETATM 1363 O O   . HOH D 3 .   ? 18.968  20.411  -17.882 1.00 40.57 ? 329 HOH A O   1 
HETATM 1364 O O   . HOH D 3 .   ? 9.668   25.729  -24.119 1.00 44.19 ? 330 HOH A O   1 
HETATM 1365 O O   . HOH D 3 .   ? 15.037  39.710  -17.155 1.00 41.31 ? 331 HOH A O   1 
HETATM 1366 O O   . HOH D 3 .   ? 13.984  36.976  -10.257 1.00 33.03 ? 332 HOH A O   1 
HETATM 1367 O O   . HOH D 3 .   ? 19.308  49.510  -16.831 1.00 40.38 ? 333 HOH A O   1 
HETATM 1368 O O   . HOH D 3 .   ? 20.233  47.350  -21.843 1.00 55.89 ? 334 HOH A O   1 
HETATM 1369 O O   . HOH D 3 .   ? -14.954 -1.777  11.374  1.00 20.00 ? 335 HOH A O   1 
# 
